data_2VJ3
# 
_entry.id   2VJ3 
# 
_audit_conform.dict_name       mmcif_pdbx.dic 
_audit_conform.dict_version    5.398 
_audit_conform.dict_location   http://mmcif.pdb.org/dictionaries/ascii/mmcif_pdbx.dic 
# 
loop_
_database_2.database_id 
_database_2.database_code 
_database_2.pdbx_database_accession 
_database_2.pdbx_DOI 
PDB   2VJ3         pdb_00002vj3 10.2210/pdb2vj3/pdb 
PDBE  EBI-34695    ?            ?                   
WWPDB D_1290034695 ?            ?                   
# 
loop_
_pdbx_audit_revision_history.ordinal 
_pdbx_audit_revision_history.data_content_type 
_pdbx_audit_revision_history.major_revision 
_pdbx_audit_revision_history.minor_revision 
_pdbx_audit_revision_history.revision_date 
1 'Structure model' 1 0 2008-07-29 
2 'Structure model' 1 1 2011-05-08 
3 'Structure model' 1 2 2011-07-13 
4 'Structure model' 1 3 2017-07-05 
5 'Structure model' 1 4 2023-12-13 
6 'Structure model' 1 5 2024-11-06 
# 
_pdbx_audit_revision_details.ordinal             1 
_pdbx_audit_revision_details.revision_ordinal    1 
_pdbx_audit_revision_details.data_content_type   'Structure model' 
_pdbx_audit_revision_details.provider            repository 
_pdbx_audit_revision_details.type                'Initial release' 
_pdbx_audit_revision_details.description         ? 
_pdbx_audit_revision_details.details             ? 
# 
loop_
_pdbx_audit_revision_group.ordinal 
_pdbx_audit_revision_group.revision_ordinal 
_pdbx_audit_revision_group.data_content_type 
_pdbx_audit_revision_group.group 
1 2 'Structure model' 'Version format compliance' 
2 3 'Structure model' 'Version format compliance' 
3 4 'Structure model' 'Data collection'           
4 5 'Structure model' 'Data collection'           
5 5 'Structure model' 'Database references'       
6 5 'Structure model' 'Derived calculations'      
7 5 'Structure model' Other                       
8 5 'Structure model' 'Refinement description'    
9 6 'Structure model' 'Structure summary'         
# 
loop_
_pdbx_audit_revision_category.ordinal 
_pdbx_audit_revision_category.revision_ordinal 
_pdbx_audit_revision_category.data_content_type 
_pdbx_audit_revision_category.category 
1  4 'Structure model' diffrn_source                 
2  5 'Structure model' chem_comp_atom                
3  5 'Structure model' chem_comp_bond                
4  5 'Structure model' database_2                    
5  5 'Structure model' pdbx_database_status          
6  5 'Structure model' pdbx_initial_refinement_model 
7  5 'Structure model' pdbx_struct_conn_angle        
8  5 'Structure model' struct_conn                   
9  5 'Structure model' struct_site                   
10 6 'Structure model' pdbx_entry_details            
11 6 'Structure model' pdbx_modification_feature     
# 
loop_
_pdbx_audit_revision_item.ordinal 
_pdbx_audit_revision_item.revision_ordinal 
_pdbx_audit_revision_item.data_content_type 
_pdbx_audit_revision_item.item 
1  4 'Structure model' '_diffrn_source.type'                          
2  5 'Structure model' '_database_2.pdbx_DOI'                         
3  5 'Structure model' '_database_2.pdbx_database_accession'          
4  5 'Structure model' '_pdbx_database_status.status_code_sf'         
5  5 'Structure model' '_pdbx_struct_conn_angle.ptnr1_auth_comp_id'   
6  5 'Structure model' '_pdbx_struct_conn_angle.ptnr1_auth_seq_id'    
7  5 'Structure model' '_pdbx_struct_conn_angle.ptnr1_label_asym_id'  
8  5 'Structure model' '_pdbx_struct_conn_angle.ptnr1_label_atom_id'  
9  5 'Structure model' '_pdbx_struct_conn_angle.ptnr1_label_comp_id'  
10 5 'Structure model' '_pdbx_struct_conn_angle.ptnr1_label_seq_id'   
11 5 'Structure model' '_pdbx_struct_conn_angle.ptnr1_symmetry'       
12 5 'Structure model' '_pdbx_struct_conn_angle.ptnr2_auth_seq_id'    
13 5 'Structure model' '_pdbx_struct_conn_angle.ptnr2_label_asym_id'  
14 5 'Structure model' '_pdbx_struct_conn_angle.ptnr3_auth_comp_id'   
15 5 'Structure model' '_pdbx_struct_conn_angle.ptnr3_auth_seq_id'    
16 5 'Structure model' '_pdbx_struct_conn_angle.ptnr3_label_asym_id'  
17 5 'Structure model' '_pdbx_struct_conn_angle.ptnr3_label_atom_id'  
18 5 'Structure model' '_pdbx_struct_conn_angle.ptnr3_label_comp_id'  
19 5 'Structure model' '_pdbx_struct_conn_angle.ptnr3_label_seq_id'   
20 5 'Structure model' '_pdbx_struct_conn_angle.ptnr3_symmetry'       
21 5 'Structure model' '_pdbx_struct_conn_angle.value'                
22 5 'Structure model' '_struct_conn.pdbx_dist_value'                 
23 5 'Structure model' '_struct_conn.ptnr1_auth_comp_id'              
24 5 'Structure model' '_struct_conn.ptnr1_auth_seq_id'               
25 5 'Structure model' '_struct_conn.ptnr1_label_asym_id'             
26 5 'Structure model' '_struct_conn.ptnr1_label_atom_id'             
27 5 'Structure model' '_struct_conn.ptnr1_label_comp_id'             
28 5 'Structure model' '_struct_conn.ptnr1_label_seq_id'              
29 5 'Structure model' '_struct_conn.ptnr1_symmetry'                  
30 5 'Structure model' '_struct_conn.ptnr2_auth_comp_id'              
31 5 'Structure model' '_struct_conn.ptnr2_auth_seq_id'               
32 5 'Structure model' '_struct_conn.ptnr2_label_asym_id'             
33 5 'Structure model' '_struct_conn.ptnr2_label_atom_id'             
34 5 'Structure model' '_struct_conn.ptnr2_label_comp_id'             
35 5 'Structure model' '_struct_conn.ptnr2_label_seq_id'              
36 5 'Structure model' '_struct_conn.ptnr2_symmetry'                  
37 5 'Structure model' '_struct_site.pdbx_auth_asym_id'               
38 5 'Structure model' '_struct_site.pdbx_auth_comp_id'               
39 5 'Structure model' '_struct_site.pdbx_auth_seq_id'                
40 6 'Structure model' '_pdbx_entry_details.has_protein_modification' 
# 
_pdbx_database_status.status_code                     REL 
_pdbx_database_status.entry_id                        2VJ3 
_pdbx_database_status.deposit_site                    PDBE 
_pdbx_database_status.process_site                    PDBE 
_pdbx_database_status.SG_entry                        . 
_pdbx_database_status.recvd_initial_deposition_date   2007-12-06 
_pdbx_database_status.pdb_format_compatible           Y 
_pdbx_database_status.status_code_sf                  REL 
_pdbx_database_status.status_code_mr                  ? 
_pdbx_database_status.status_code_cs                  ? 
_pdbx_database_status.methods_development_category    ? 
_pdbx_database_status.status_code_nmr_data            ? 
# 
loop_
_pdbx_database_related.db_name 
_pdbx_database_related.db_id 
_pdbx_database_related.content_type 
_pdbx_database_related.details 
PDB 1TOZ unspecified 'NMR STRUCTURE OF THE HUMAN NOTCH-1 LIGAND BINDING REGION'                         
PDB 2F8Y unspecified 'CRYSTAL STRUCTURE OF HUMAN NOTCH1 ANKYRIN REPEATS TO 1.55ARESOLUTION.'            
PDB 1YYH unspecified 'CRYSTAL STRUCTURE OF THE HUMAN NOTCH 1 ANKYRIN DOMAIN'                            
PDB 1PB5 unspecified 'NMR STRUCTURE OF A PROTOTYPE LNR MODULE FROM HUMAN NOTCH1'                        
PDB 2F8X unspecified 'CRYSTAL STRUCTURE OF ACTIVATED NOTCH, CSL AND MAML ON HES-1PROMOTER DNA SEQUENCE' 
# 
loop_
_audit_author.name 
_audit_author.pdbx_ordinal 
'Johnson, S.' 1 
'Cordle, J.'  2 
'Tay, J.Z.'   3 
'Roversi, P.' 4 
'Lea, S.M.'   5 
# 
_citation.id                        primary 
_citation.title                     
'A Conserved Face of the Jagged/Serrate Dsl Domain is Involved in Notch Trans-Activation and Cis-Inhibition.' 
_citation.journal_abbrev            Nat.Struct.Mol.Biol. 
_citation.journal_volume            15 
_citation.page_first                849 
_citation.page_last                 ? 
_citation.year                      2008 
_citation.journal_id_ASTM           ? 
_citation.country                   US 
_citation.journal_id_ISSN           1545-9993 
_citation.journal_id_CSD            ? 
_citation.book_publisher            ? 
_citation.pdbx_database_id_PubMed   18660822 
_citation.pdbx_database_id_DOI      10.1038/NSMB.1457 
# 
loop_
_citation_author.citation_id 
_citation_author.name 
_citation_author.ordinal 
_citation_author.identifier_ORCID 
primary 'Cordle, J.'      1  ? 
primary 'Johnson, S.'     2  ? 
primary 'Tay, J.Z.'       3  ? 
primary 'Roversi, P.'     4  ? 
primary 'Wilkin, M.B.'    5  ? 
primary 'De Madrid, B.H.' 6  ? 
primary 'Shimizu, H.'     7  ? 
primary 'Jensen, S.'      8  ? 
primary 'Whiteman, P.'    9  ? 
primary 'Jin, B.'         10 ? 
primary 'Redfield, C.'    11 ? 
primary 'Baron, M.'       12 ? 
primary 'Lea, S.M.'       13 ? 
primary 'Handford, P.A.'  14 ? 
# 
loop_
_entity.id 
_entity.type 
_entity.src_method 
_entity.pdbx_description 
_entity.formula_weight 
_entity.pdbx_number_of_molecules 
_entity.pdbx_ec 
_entity.pdbx_mutation 
_entity.pdbx_fragment 
_entity.details 
1 polymer     man 'NEUROGENIC LOCUS NOTCH HOMOLOG PROTEIN 1' 14857.604 1  ? ? 'EGFS 11-13, RESIDUES 411-526' ? 
2 non-polymer syn 'CALCIUM ION'                              40.078    4  ? ? ?                              ? 
3 non-polymer syn 'SODIUM ION'                               22.990    2  ? ? ?                              ? 
4 non-polymer syn 'CHLORIDE ION'                             35.453    2  ? ? ?                              ? 
5 water       nat water                                      18.015    23 ? ? ?                              ? 
# 
_entity_name_com.entity_id   1 
_entity_name_com.name        'NOTCH 1, HN1, TRANSLOCATION-ASSOCIATED NOTCH PROTEIN TAN-1, NOTCH-1' 
# 
_entity_poly.entity_id                      1 
_entity_poly.type                           'polypeptide(L)' 
_entity_poly.nstd_linkage                   no 
_entity_poly.nstd_monomer                   no 
_entity_poly.pdbx_seq_one_letter_code       
;SAQDVDECSLGANPCEHAGKCINTLGSFECQCLQGYTGPRCEIDVNECVSNPCQNDATCLDQIGEFQCICMPGYEGVHCE
VNTDECASSPCLHNGRCLDKINEFQCECPTGFTGHLCQVDLHHILDAQKMVWNHR
;
_entity_poly.pdbx_seq_one_letter_code_can   
;SAQDVDECSLGANPCEHAGKCINTLGSFECQCLQGYTGPRCEIDVNECVSNPCQNDATCLDQIGEFQCICMPGYEGVHCE
VNTDECASSPCLHNGRCLDKINEFQCECPTGFTGHLCQVDLHHILDAQKMVWNHR
;
_entity_poly.pdbx_strand_id                 A 
_entity_poly.pdbx_target_identifier         ? 
# 
loop_
_pdbx_entity_nonpoly.entity_id 
_pdbx_entity_nonpoly.name 
_pdbx_entity_nonpoly.comp_id 
2 'CALCIUM ION'  CA  
3 'SODIUM ION'   NA  
4 'CHLORIDE ION' CL  
5 water          HOH 
# 
loop_
_entity_poly_seq.entity_id 
_entity_poly_seq.num 
_entity_poly_seq.mon_id 
_entity_poly_seq.hetero 
1 1   SER n 
1 2   ALA n 
1 3   GLN n 
1 4   ASP n 
1 5   VAL n 
1 6   ASP n 
1 7   GLU n 
1 8   CYS n 
1 9   SER n 
1 10  LEU n 
1 11  GLY n 
1 12  ALA n 
1 13  ASN n 
1 14  PRO n 
1 15  CYS n 
1 16  GLU n 
1 17  HIS n 
1 18  ALA n 
1 19  GLY n 
1 20  LYS n 
1 21  CYS n 
1 22  ILE n 
1 23  ASN n 
1 24  THR n 
1 25  LEU n 
1 26  GLY n 
1 27  SER n 
1 28  PHE n 
1 29  GLU n 
1 30  CYS n 
1 31  GLN n 
1 32  CYS n 
1 33  LEU n 
1 34  GLN n 
1 35  GLY n 
1 36  TYR n 
1 37  THR n 
1 38  GLY n 
1 39  PRO n 
1 40  ARG n 
1 41  CYS n 
1 42  GLU n 
1 43  ILE n 
1 44  ASP n 
1 45  VAL n 
1 46  ASN n 
1 47  GLU n 
1 48  CYS n 
1 49  VAL n 
1 50  SER n 
1 51  ASN n 
1 52  PRO n 
1 53  CYS n 
1 54  GLN n 
1 55  ASN n 
1 56  ASP n 
1 57  ALA n 
1 58  THR n 
1 59  CYS n 
1 60  LEU n 
1 61  ASP n 
1 62  GLN n 
1 63  ILE n 
1 64  GLY n 
1 65  GLU n 
1 66  PHE n 
1 67  GLN n 
1 68  CYS n 
1 69  ILE n 
1 70  CYS n 
1 71  MET n 
1 72  PRO n 
1 73  GLY n 
1 74  TYR n 
1 75  GLU n 
1 76  GLY n 
1 77  VAL n 
1 78  HIS n 
1 79  CYS n 
1 80  GLU n 
1 81  VAL n 
1 82  ASN n 
1 83  THR n 
1 84  ASP n 
1 85  GLU n 
1 86  CYS n 
1 87  ALA n 
1 88  SER n 
1 89  SER n 
1 90  PRO n 
1 91  CYS n 
1 92  LEU n 
1 93  HIS n 
1 94  ASN n 
1 95  GLY n 
1 96  ARG n 
1 97  CYS n 
1 98  LEU n 
1 99  ASP n 
1 100 LYS n 
1 101 ILE n 
1 102 ASN n 
1 103 GLU n 
1 104 PHE n 
1 105 GLN n 
1 106 CYS n 
1 107 GLU n 
1 108 CYS n 
1 109 PRO n 
1 110 THR n 
1 111 GLY n 
1 112 PHE n 
1 113 THR n 
1 114 GLY n 
1 115 HIS n 
1 116 LEU n 
1 117 CYS n 
1 118 GLN n 
1 119 VAL n 
1 120 ASP n 
1 121 LEU n 
1 122 HIS n 
1 123 HIS n 
1 124 ILE n 
1 125 LEU n 
1 126 ASP n 
1 127 ALA n 
1 128 GLN n 
1 129 LYS n 
1 130 MET n 
1 131 VAL n 
1 132 TRP n 
1 133 ASN n 
1 134 HIS n 
1 135 ARG n 
# 
_entity_src_gen.entity_id                          1 
_entity_src_gen.pdbx_src_id                        1 
_entity_src_gen.pdbx_alt_source_flag               sample 
_entity_src_gen.pdbx_seq_type                      ? 
_entity_src_gen.pdbx_beg_seq_num                   ? 
_entity_src_gen.pdbx_end_seq_num                   ? 
_entity_src_gen.gene_src_common_name               HUMAN 
_entity_src_gen.gene_src_genus                     ? 
_entity_src_gen.pdbx_gene_src_gene                 ? 
_entity_src_gen.gene_src_species                   ? 
_entity_src_gen.gene_src_strain                    ? 
_entity_src_gen.gene_src_tissue                    ? 
_entity_src_gen.gene_src_tissue_fraction           ? 
_entity_src_gen.gene_src_details                   ? 
_entity_src_gen.pdbx_gene_src_fragment             ? 
_entity_src_gen.pdbx_gene_src_scientific_name      'HOMO SAPIENS' 
_entity_src_gen.pdbx_gene_src_ncbi_taxonomy_id     9606 
_entity_src_gen.pdbx_gene_src_variant              ? 
_entity_src_gen.pdbx_gene_src_cell_line            ? 
_entity_src_gen.pdbx_gene_src_atcc                 ? 
_entity_src_gen.pdbx_gene_src_organ                ? 
_entity_src_gen.pdbx_gene_src_organelle            ? 
_entity_src_gen.pdbx_gene_src_cell                 ? 
_entity_src_gen.pdbx_gene_src_cellular_location    ? 
_entity_src_gen.host_org_common_name               ? 
_entity_src_gen.pdbx_host_org_scientific_name      'ESCHERICHIA COLI' 
_entity_src_gen.pdbx_host_org_ncbi_taxonomy_id     562 
_entity_src_gen.host_org_genus                     ? 
_entity_src_gen.pdbx_host_org_gene                 ? 
_entity_src_gen.pdbx_host_org_organ                ? 
_entity_src_gen.host_org_species                   ? 
_entity_src_gen.pdbx_host_org_tissue               ? 
_entity_src_gen.pdbx_host_org_tissue_fraction      ? 
_entity_src_gen.pdbx_host_org_strain               NM554 
_entity_src_gen.pdbx_host_org_variant              ? 
_entity_src_gen.pdbx_host_org_cell_line            ? 
_entity_src_gen.pdbx_host_org_atcc                 ? 
_entity_src_gen.pdbx_host_org_culture_collection   ? 
_entity_src_gen.pdbx_host_org_cell                 ? 
_entity_src_gen.pdbx_host_org_organelle            ? 
_entity_src_gen.pdbx_host_org_cellular_location    ? 
_entity_src_gen.pdbx_host_org_vector_type          ? 
_entity_src_gen.pdbx_host_org_vector               ? 
_entity_src_gen.host_org_details                   ? 
_entity_src_gen.expression_system_id               ? 
_entity_src_gen.plasmid_name                       PQE30 
_entity_src_gen.plasmid_details                    ? 
_entity_src_gen.pdbx_description                   ? 
# 
loop_
_chem_comp.id 
_chem_comp.type 
_chem_comp.mon_nstd_flag 
_chem_comp.name 
_chem_comp.pdbx_synonyms 
_chem_comp.formula 
_chem_comp.formula_weight 
ALA 'L-peptide linking' y ALANINE         ? 'C3 H7 N O2'     89.093  
ARG 'L-peptide linking' y ARGININE        ? 'C6 H15 N4 O2 1' 175.209 
ASN 'L-peptide linking' y ASPARAGINE      ? 'C4 H8 N2 O3'    132.118 
ASP 'L-peptide linking' y 'ASPARTIC ACID' ? 'C4 H7 N O4'     133.103 
CA  non-polymer         . 'CALCIUM ION'   ? 'Ca 2'           40.078  
CL  non-polymer         . 'CHLORIDE ION'  ? 'Cl -1'          35.453  
CYS 'L-peptide linking' y CYSTEINE        ? 'C3 H7 N O2 S'   121.158 
GLN 'L-peptide linking' y GLUTAMINE       ? 'C5 H10 N2 O3'   146.144 
GLU 'L-peptide linking' y 'GLUTAMIC ACID' ? 'C5 H9 N O4'     147.129 
GLY 'peptide linking'   y GLYCINE         ? 'C2 H5 N O2'     75.067  
HIS 'L-peptide linking' y HISTIDINE       ? 'C6 H10 N3 O2 1' 156.162 
HOH non-polymer         . WATER           ? 'H2 O'           18.015  
ILE 'L-peptide linking' y ISOLEUCINE      ? 'C6 H13 N O2'    131.173 
LEU 'L-peptide linking' y LEUCINE         ? 'C6 H13 N O2'    131.173 
LYS 'L-peptide linking' y LYSINE          ? 'C6 H15 N2 O2 1' 147.195 
MET 'L-peptide linking' y METHIONINE      ? 'C5 H11 N O2 S'  149.211 
NA  non-polymer         . 'SODIUM ION'    ? 'Na 1'           22.990  
PHE 'L-peptide linking' y PHENYLALANINE   ? 'C9 H11 N O2'    165.189 
PRO 'L-peptide linking' y PROLINE         ? 'C5 H9 N O2'     115.130 
SER 'L-peptide linking' y SERINE          ? 'C3 H7 N O3'     105.093 
THR 'L-peptide linking' y THREONINE       ? 'C4 H9 N O3'     119.119 
TRP 'L-peptide linking' y TRYPTOPHAN      ? 'C11 H12 N2 O2'  204.225 
TYR 'L-peptide linking' y TYROSINE        ? 'C9 H11 N O3'    181.189 
VAL 'L-peptide linking' y VALINE          ? 'C5 H11 N O2'    117.146 
# 
loop_
_pdbx_poly_seq_scheme.asym_id 
_pdbx_poly_seq_scheme.entity_id 
_pdbx_poly_seq_scheme.seq_id 
_pdbx_poly_seq_scheme.mon_id 
_pdbx_poly_seq_scheme.ndb_seq_num 
_pdbx_poly_seq_scheme.pdb_seq_num 
_pdbx_poly_seq_scheme.auth_seq_num 
_pdbx_poly_seq_scheme.pdb_mon_id 
_pdbx_poly_seq_scheme.auth_mon_id 
_pdbx_poly_seq_scheme.pdb_strand_id 
_pdbx_poly_seq_scheme.pdb_ins_code 
_pdbx_poly_seq_scheme.hetero 
A 1 1   SER 1   409 ?   ?   ?   A . n 
A 1 2   ALA 2   410 ?   ?   ?   A . n 
A 1 3   GLN 3   411 411 GLN GLN A . n 
A 1 4   ASP 4   412 412 ASP ASP A . n 
A 1 5   VAL 5   413 413 VAL VAL A . n 
A 1 6   ASP 6   414 414 ASP ASP A . n 
A 1 7   GLU 7   415 415 GLU GLU A . n 
A 1 8   CYS 8   416 416 CYS CYS A . n 
A 1 9   SER 9   417 417 SER SER A . n 
A 1 10  LEU 10  418 418 LEU LEU A . n 
A 1 11  GLY 11  419 419 GLY GLY A . n 
A 1 12  ALA 12  420 420 ALA ALA A . n 
A 1 13  ASN 13  421 421 ASN ASN A . n 
A 1 14  PRO 14  422 422 PRO PRO A . n 
A 1 15  CYS 15  423 423 CYS CYS A . n 
A 1 16  GLU 16  424 424 GLU GLU A . n 
A 1 17  HIS 17  425 425 HIS HIS A . n 
A 1 18  ALA 18  426 426 ALA ALA A . n 
A 1 19  GLY 19  427 427 GLY GLY A . n 
A 1 20  LYS 20  428 428 LYS LYS A . n 
A 1 21  CYS 21  429 429 CYS CYS A . n 
A 1 22  ILE 22  430 430 ILE ILE A . n 
A 1 23  ASN 23  431 431 ASN ASN A . n 
A 1 24  THR 24  432 432 THR THR A . n 
A 1 25  LEU 25  433 433 LEU LEU A . n 
A 1 26  GLY 26  434 434 GLY GLY A . n 
A 1 27  SER 27  435 435 SER SER A . n 
A 1 28  PHE 28  436 436 PHE PHE A . n 
A 1 29  GLU 29  437 437 GLU GLU A . n 
A 1 30  CYS 30  438 438 CYS CYS A . n 
A 1 31  GLN 31  439 439 GLN GLN A . n 
A 1 32  CYS 32  440 440 CYS CYS A . n 
A 1 33  LEU 33  441 441 LEU LEU A . n 
A 1 34  GLN 34  442 442 GLN GLN A . n 
A 1 35  GLY 35  443 443 GLY GLY A . n 
A 1 36  TYR 36  444 444 TYR TYR A . n 
A 1 37  THR 37  445 445 THR THR A . n 
A 1 38  GLY 38  446 446 GLY GLY A . n 
A 1 39  PRO 39  447 447 PRO PRO A . n 
A 1 40  ARG 40  448 448 ARG ARG A . n 
A 1 41  CYS 41  449 449 CYS CYS A . n 
A 1 42  GLU 42  450 450 GLU GLU A . n 
A 1 43  ILE 43  451 451 ILE ILE A . n 
A 1 44  ASP 44  452 452 ASP ASP A . n 
A 1 45  VAL 45  453 453 VAL VAL A . n 
A 1 46  ASN 46  454 454 ASN ASN A . n 
A 1 47  GLU 47  455 455 GLU GLU A . n 
A 1 48  CYS 48  456 456 CYS CYS A . n 
A 1 49  VAL 49  457 457 VAL VAL A . n 
A 1 50  SER 50  458 458 SER SER A . n 
A 1 51  ASN 51  459 459 ASN ASN A . n 
A 1 52  PRO 52  460 460 PRO PRO A . n 
A 1 53  CYS 53  461 461 CYS CYS A . n 
A 1 54  GLN 54  462 462 GLN GLN A . n 
A 1 55  ASN 55  463 463 ASN ASN A . n 
A 1 56  ASP 56  464 464 ASP ASP A . n 
A 1 57  ALA 57  465 465 ALA ALA A . n 
A 1 58  THR 58  466 466 THR THR A . n 
A 1 59  CYS 59  467 467 CYS CYS A . n 
A 1 60  LEU 60  468 468 LEU LEU A . n 
A 1 61  ASP 61  469 469 ASP ASP A . n 
A 1 62  GLN 62  470 470 GLN GLN A . n 
A 1 63  ILE 63  471 471 ILE ILE A . n 
A 1 64  GLY 64  472 472 GLY GLY A . n 
A 1 65  GLU 65  473 473 GLU GLU A . n 
A 1 66  PHE 66  474 474 PHE PHE A . n 
A 1 67  GLN 67  475 475 GLN GLN A . n 
A 1 68  CYS 68  476 476 CYS CYS A . n 
A 1 69  ILE 69  477 477 ILE ILE A . n 
A 1 70  CYS 70  478 478 CYS CYS A . n 
A 1 71  MET 71  479 479 MET MET A . n 
A 1 72  PRO 72  480 480 PRO PRO A . n 
A 1 73  GLY 73  481 481 GLY GLY A . n 
A 1 74  TYR 74  482 482 TYR TYR A . n 
A 1 75  GLU 75  483 483 GLU GLU A . n 
A 1 76  GLY 76  484 484 GLY GLY A . n 
A 1 77  VAL 77  485 485 VAL VAL A . n 
A 1 78  HIS 78  486 486 HIS HIS A . n 
A 1 79  CYS 79  487 487 CYS CYS A . n 
A 1 80  GLU 80  488 488 GLU GLU A . n 
A 1 81  VAL 81  489 489 VAL VAL A . n 
A 1 82  ASN 82  490 490 ASN ASN A . n 
A 1 83  THR 83  491 491 THR THR A . n 
A 1 84  ASP 84  492 492 ASP ASP A . n 
A 1 85  GLU 85  493 493 GLU GLU A . n 
A 1 86  CYS 86  494 494 CYS CYS A . n 
A 1 87  ALA 87  495 495 ALA ALA A . n 
A 1 88  SER 88  496 496 SER SER A . n 
A 1 89  SER 89  497 497 SER SER A . n 
A 1 90  PRO 90  498 498 PRO PRO A . n 
A 1 91  CYS 91  499 499 CYS CYS A . n 
A 1 92  LEU 92  500 500 LEU LEU A . n 
A 1 93  HIS 93  501 501 HIS HIS A . n 
A 1 94  ASN 94  502 502 ASN ASN A . n 
A 1 95  GLY 95  503 503 GLY GLY A . n 
A 1 96  ARG 96  504 504 ARG ARG A . n 
A 1 97  CYS 97  505 505 CYS CYS A . n 
A 1 98  LEU 98  506 506 LEU LEU A . n 
A 1 99  ASP 99  507 507 ASP ASP A . n 
A 1 100 LYS 100 508 508 LYS LYS A . n 
A 1 101 ILE 101 509 509 ILE ILE A . n 
A 1 102 ASN 102 510 510 ASN ASN A . n 
A 1 103 GLU 103 511 511 GLU GLU A . n 
A 1 104 PHE 104 512 512 PHE PHE A . n 
A 1 105 GLN 105 513 513 GLN GLN A . n 
A 1 106 CYS 106 514 514 CYS CYS A . n 
A 1 107 GLU 107 515 515 GLU GLU A . n 
A 1 108 CYS 108 516 516 CYS CYS A . n 
A 1 109 PRO 109 517 517 PRO PRO A . n 
A 1 110 THR 110 518 518 THR THR A . n 
A 1 111 GLY 111 519 519 GLY GLY A . n 
A 1 112 PHE 112 520 520 PHE PHE A . n 
A 1 113 THR 113 521 521 THR THR A . n 
A 1 114 GLY 114 522 522 GLY GLY A . n 
A 1 115 HIS 115 523 523 HIS HIS A . n 
A 1 116 LEU 116 524 524 LEU LEU A . n 
A 1 117 CYS 117 525 525 CYS CYS A . n 
A 1 118 GLN 118 526 526 GLN GLN A . n 
A 1 119 VAL 119 527 527 VAL VAL A . n 
A 1 120 ASP 120 528 528 ASP ASP A . n 
A 1 121 LEU 121 529 529 LEU LEU A . n 
A 1 122 HIS 122 530 530 HIS HIS A . n 
A 1 123 HIS 123 531 ?   ?   ?   A . n 
A 1 124 ILE 124 532 ?   ?   ?   A . n 
A 1 125 LEU 125 533 ?   ?   ?   A . n 
A 1 126 ASP 126 534 ?   ?   ?   A . n 
A 1 127 ALA 127 535 ?   ?   ?   A . n 
A 1 128 GLN 128 536 ?   ?   ?   A . n 
A 1 129 LYS 129 537 ?   ?   ?   A . n 
A 1 130 MET 130 538 ?   ?   ?   A . n 
A 1 131 VAL 131 539 ?   ?   ?   A . n 
A 1 132 TRP 132 540 ?   ?   ?   A . n 
A 1 133 ASN 133 541 ?   ?   ?   A . n 
A 1 134 HIS 134 542 ?   ?   ?   A . n 
A 1 135 ARG 135 543 ?   ?   ?   A . n 
# 
loop_
_pdbx_nonpoly_scheme.asym_id 
_pdbx_nonpoly_scheme.entity_id 
_pdbx_nonpoly_scheme.mon_id 
_pdbx_nonpoly_scheme.ndb_seq_num 
_pdbx_nonpoly_scheme.pdb_seq_num 
_pdbx_nonpoly_scheme.auth_seq_num 
_pdbx_nonpoly_scheme.pdb_mon_id 
_pdbx_nonpoly_scheme.auth_mon_id 
_pdbx_nonpoly_scheme.pdb_strand_id 
_pdbx_nonpoly_scheme.pdb_ins_code 
B 2 CA  1  1531 1531 CA  CA  A . 
C 2 CA  1  1532 1532 CA  CA  A . 
D 2 CA  1  1533 1533 CA  CA  A . 
E 2 CA  1  1534 1534 CA  CA  A . 
F 3 NA  1  1535 1535 NA  NA  A . 
G 3 NA  1  1536 1536 NA  NA  A . 
H 4 CL  1  1537 1537 CL  CL  A . 
I 4 CL  1  1538 1538 CL  CL  A . 
J 5 HOH 1  2001 2001 HOH HOH A . 
J 5 HOH 2  2002 2002 HOH HOH A . 
J 5 HOH 3  2003 2003 HOH HOH A . 
J 5 HOH 4  2004 2004 HOH HOH A . 
J 5 HOH 5  2005 2005 HOH HOH A . 
J 5 HOH 6  2006 2006 HOH HOH A . 
J 5 HOH 7  2007 2007 HOH HOH A . 
J 5 HOH 8  2008 2008 HOH HOH A . 
J 5 HOH 9  2009 2009 HOH HOH A . 
J 5 HOH 10 2010 2010 HOH HOH A . 
J 5 HOH 11 2011 2011 HOH HOH A . 
J 5 HOH 12 2012 2012 HOH HOH A . 
J 5 HOH 13 2013 2013 HOH HOH A . 
J 5 HOH 14 2014 2014 HOH HOH A . 
J 5 HOH 15 2015 2015 HOH HOH A . 
J 5 HOH 16 2016 2016 HOH HOH A . 
J 5 HOH 17 2017 2017 HOH HOH A . 
J 5 HOH 18 2018 2018 HOH HOH A . 
J 5 HOH 19 2019 2019 HOH HOH A . 
J 5 HOH 20 2020 2020 HOH HOH A . 
J 5 HOH 21 2021 2021 HOH HOH A . 
J 5 HOH 22 2022 2022 HOH HOH A . 
J 5 HOH 23 2023 2023 HOH HOH A . 
# 
loop_
_software.name 
_software.classification 
_software.version 
_software.citation_id 
_software.pdbx_ordinal 
TNT    refinement       5.6.1 ? 1 
MOSFLM 'data reduction' .     ? 2 
SCALA  'data scaling'   .     ? 3 
MOLREP phasing          .     ? 4 
# 
_cell.entry_id           2VJ3 
_cell.length_a           28.000 
_cell.length_b           28.000 
_cell.length_c           281.700 
_cell.angle_alpha        90.00 
_cell.angle_beta         90.00 
_cell.angle_gamma        120.00 
_cell.Z_PDB              6 
_cell.pdbx_unique_axis   ? 
# 
_symmetry.entry_id                         2VJ3 
_symmetry.space_group_name_H-M             'P 31 2 1' 
_symmetry.pdbx_full_space_group_name_H-M   ? 
_symmetry.cell_setting                     ? 
_symmetry.Int_Tables_number                152 
# 
_exptl.entry_id          2VJ3 
_exptl.method            'X-RAY DIFFRACTION' 
_exptl.crystals_number   1 
# 
_exptl_crystal.id                    1 
_exptl_crystal.density_meas          ? 
_exptl_crystal.density_Matthews      2.2 
_exptl_crystal.density_percent_sol   46 
_exptl_crystal.description           NONE 
# 
_exptl_crystal_grow.crystal_id      1 
_exptl_crystal_grow.method          ? 
_exptl_crystal_grow.temp            ? 
_exptl_crystal_grow.temp_details    ? 
_exptl_crystal_grow.pH              5.7 
_exptl_crystal_grow.pdbx_pH_range   ? 
_exptl_crystal_grow.pdbx_details    '30% (W/V) PEG-5000-MME, 100MM SODIUM ACETATE, PH5.7' 
# 
_diffrn.id                     1 
_diffrn.ambient_temp           100 
_diffrn.ambient_temp_details   ? 
_diffrn.crystal_id             1 
# 
_diffrn_detector.diffrn_id              1 
_diffrn_detector.detector               'IMAGE PLATE' 
_diffrn_detector.type                   MARRESEARCH 
_diffrn_detector.pdbx_collection_date   2005-03-25 
_diffrn_detector.details                ? 
# 
_diffrn_radiation.diffrn_id                        1 
_diffrn_radiation.wavelength_id                    1 
_diffrn_radiation.pdbx_monochromatic_or_laue_m_l   M 
_diffrn_radiation.monochromator                    ? 
_diffrn_radiation.pdbx_diffrn_protocol             'SINGLE WAVELENGTH' 
_diffrn_radiation.pdbx_scattering_type             x-ray 
# 
_diffrn_radiation_wavelength.id           1 
_diffrn_radiation_wavelength.wavelength   1.542 
_diffrn_radiation_wavelength.wt           1.0 
# 
_diffrn_source.diffrn_id                   1 
_diffrn_source.source                      'ROTATING ANODE' 
_diffrn_source.type                        'BRUKER AXS MICROSTAR' 
_diffrn_source.pdbx_synchrotron_site       ? 
_diffrn_source.pdbx_synchrotron_beamline   ? 
_diffrn_source.pdbx_wavelength             1.542 
_diffrn_source.pdbx_wavelength_list        ? 
# 
_reflns.pdbx_diffrn_id               1 
_reflns.pdbx_ordinal                 1 
_reflns.entry_id                     2VJ3 
_reflns.observed_criterion_sigma_I   0.0 
_reflns.observed_criterion_sigma_F   ? 
_reflns.d_resolution_low             24.25 
_reflns.d_resolution_high            2.57 
_reflns.number_obs                   4321 
_reflns.number_all                   ? 
_reflns.percent_possible_obs         93.3 
_reflns.pdbx_Rmerge_I_obs            0.06 
_reflns.pdbx_Rsym_value              ? 
_reflns.pdbx_netI_over_sigmaI        25.20 
_reflns.B_iso_Wilson_estimate        52.500 
_reflns.pdbx_redundancy              8.2 
# 
_reflns_shell.pdbx_diffrn_id         1 
_reflns_shell.pdbx_ordinal           1 
_reflns_shell.d_res_high             2.57 
_reflns_shell.d_res_low              2.71 
_reflns_shell.percent_possible_all   93.3 
_reflns_shell.Rmerge_I_obs           0.15 
_reflns_shell.pdbx_Rsym_value        ? 
_reflns_shell.meanI_over_sigI_obs    5.30 
_reflns_shell.pdbx_redundancy        2.7 
# 
_refine.pdbx_refine_id                           'X-RAY DIFFRACTION' 
_refine.entry_id                                 2VJ3 
_refine.pdbx_diffrn_id                           1 
_refine.pdbx_TLS_residual_ADP_flag               ? 
_refine.ls_number_reflns_obs                     4080 
_refine.ls_number_reflns_all                     ? 
_refine.pdbx_ls_sigma_I                          ? 
_refine.pdbx_ls_sigma_F                          0 
_refine.pdbx_data_cutoff_high_absF               ? 
_refine.pdbx_data_cutoff_low_absF                ? 
_refine.pdbx_data_cutoff_high_rms_absF           ? 
_refine.ls_d_res_low                             95.4 
_refine.ls_d_res_high                            2.60 
_refine.ls_percent_reflns_obs                    ? 
_refine.ls_R_factor_obs                          0.239 
_refine.ls_R_factor_all                          0.239 
_refine.ls_R_factor_R_work                       0.239 
_refine.ls_R_factor_R_free                       0.244 
_refine.ls_R_factor_R_free_error                 ? 
_refine.ls_R_factor_R_free_error_details         ? 
_refine.ls_percent_reflns_R_free                 5.0 
_refine.ls_number_reflns_R_free                  190 
_refine.ls_number_parameters                     ? 
_refine.ls_number_restraints                     ? 
_refine.occupancy_min                            ? 
_refine.occupancy_max                            ? 
_refine.correlation_coeff_Fo_to_Fc               ? 
_refine.correlation_coeff_Fo_to_Fc_free          ? 
_refine.B_iso_mean                               ? 
_refine.aniso_B[1][1]                            ? 
_refine.aniso_B[2][2]                            ? 
_refine.aniso_B[3][3]                            ? 
_refine.aniso_B[1][2]                            ? 
_refine.aniso_B[1][3]                            ? 
_refine.aniso_B[2][3]                            ? 
_refine.solvent_model_details                    'BABINET SCALING' 
_refine.solvent_model_param_ksol                 0.34 
_refine.solvent_model_param_bsol                 124 
_refine.pdbx_solvent_vdw_probe_radii             ? 
_refine.pdbx_solvent_ion_probe_radii             ? 
_refine.pdbx_solvent_shrinkage_radii             ? 
_refine.pdbx_ls_cross_valid_method               THROUGHOUT 
_refine.details                                  
'BUSTER-TNT-GELLY 2.1.1 E. BLANC, P. ROVERSI, C. VONRHEIN, C. FLENSBURG, S. M. LEA AND G.BRICOGNE' 
_refine.pdbx_starting_model                      'PDB ENTRY 1EDM' 
_refine.pdbx_method_to_determine_struct          'MOLECULAR REPLACEMENT' 
_refine.pdbx_isotropic_thermal_model             'TNT BCORREL' 
_refine.pdbx_stereochemistry_target_values       'TNT PROTGEO' 
_refine.pdbx_stereochem_target_val_spec_case     ? 
_refine.pdbx_R_Free_selection_details            RANDOM 
_refine.pdbx_overall_ESU_R                       ? 
_refine.pdbx_overall_ESU_R_Free                  ? 
_refine.overall_SU_ML                            ? 
_refine.pdbx_overall_phase_error                 ? 
_refine.overall_SU_B                             ? 
_refine.overall_SU_R_Cruickshank_DPI             ? 
_refine.pdbx_overall_SU_R_free_Cruickshank_DPI   ? 
_refine.pdbx_overall_SU_R_Blow_DPI               ? 
_refine.pdbx_overall_SU_R_free_Blow_DPI          ? 
# 
_refine_hist.pdbx_refine_id                   'X-RAY DIFFRACTION' 
_refine_hist.cycle_id                         LAST 
_refine_hist.pdbx_number_atoms_protein        897 
_refine_hist.pdbx_number_atoms_nucleic_acid   0 
_refine_hist.pdbx_number_atoms_ligand         8 
_refine_hist.number_atoms_solvent             23 
_refine_hist.number_atoms_total               928 
_refine_hist.d_res_high                       2.60 
_refine_hist.d_res_low                        95.4 
# 
loop_
_refine_ls_restr.type 
_refine_ls_restr.dev_ideal 
_refine_ls_restr.dev_ideal_target 
_refine_ls_restr.weight 
_refine_ls_restr.number 
_refine_ls_restr.pdbx_refine_id 
_refine_ls_restr.pdbx_restraint_function 
t_bond_d                  0.005 ? 2.0  922  'X-RAY DIFFRACTION' ? 
t_angle_deg               0.68  ? 2.0  1250 'X-RAY DIFFRACTION' ? 
t_dihedral_angle_d        13.6  ? 0    180  'X-RAY DIFFRACTION' ? 
t_incorr_chiral_ct        ?     ? ?    0    'X-RAY DIFFRACTION' ? 
t_pseud_angle             ?     ? ?    ?    'X-RAY DIFFRACTION' ? 
t_trig_c_planes           0.001 ? 2.0  35   'X-RAY DIFFRACTION' ? 
t_gen_planes              0.02  ? 5.0  132  'X-RAY DIFFRACTION' ? 
t_it                      1.066 ? 20.0 922  'X-RAY DIFFRACTION' ? 
t_nbd                     0.086 ? 5.0  4    'X-RAY DIFFRACTION' ? 
t_omega_torsion           ?     ? ?    ?    'X-RAY DIFFRACTION' ? 
t_other_torsion           ?     ? ?    ?    'X-RAY DIFFRACTION' ? 
t_improper_torsion        ?     ? ?    ?    'X-RAY DIFFRACTION' ? 
t_chiral_improper_torsion ?     ? ?    ?    'X-RAY DIFFRACTION' ? 
t_sum_occupancies         ?     ? ?    ?    'X-RAY DIFFRACTION' ? 
t_utility_distance        ?     ? ?    ?    'X-RAY DIFFRACTION' ? 
t_utility_angle           ?     ? ?    ?    'X-RAY DIFFRACTION' ? 
t_utility_torsion         ?     ? ?    ?    'X-RAY DIFFRACTION' ? 
t_ideal_dist_contact      ?     ? ?    ?    'X-RAY DIFFRACTION' ? 
# 
_pdbx_refine.pdbx_refine_id                              'X-RAY DIFFRACTION' 
_pdbx_refine.entry_id                                    2VJ3 
_pdbx_refine.R_factor_all_no_cutoff                      0.239 
_pdbx_refine.R_factor_obs_no_cutoff                      0.239 
_pdbx_refine.free_R_factor_no_cutoff                     0.244 
_pdbx_refine.free_R_error_no_cutoff                      ? 
_pdbx_refine.free_R_val_test_set_size_perc_no_cutoff     5 
_pdbx_refine.free_R_val_test_set_ct_no_cutoff            190 
_pdbx_refine.R_factor_all_4sig_cutoff                    ? 
_pdbx_refine.R_factor_obs_4sig_cutoff                    ? 
_pdbx_refine.free_R_factor_4sig_cutoff                   ? 
_pdbx_refine.free_R_val_test_set_size_perc_4sig_cutoff   ? 
_pdbx_refine.free_R_val_test_set_ct_4sig_cutoff          ? 
_pdbx_refine.number_reflns_obs_4sig_cutoff               ? 
# 
_struct.entry_id                  2VJ3 
_struct.title                     'Human Notch-1 EGFs 11-13' 
_struct.pdbx_model_details        ? 
_struct.pdbx_CASP_flag            ? 
_struct.pdbx_model_type_details   ? 
# 
_struct_keywords.entry_id        2VJ3 
_struct_keywords.pdbx_keywords   TRANSCRIPTION 
_struct_keywords.text            
;TRANSCRIPTION, METAL-BINDING, TRANSMEMBRANE, DEVELOPMENTAL PROTEIN, NOTCH SIGNALING PATHWAY, DIFFERENTIATION, PHOSPHORYLATION, EGF-LIKE DOMAIN, TRANSCRIPTION REGULATION, RECEPTOR, ACTIVATOR, ANK REPEAT, SIGNALLING, POLYMORPHISM, GLYCOPROTEIN, EXTRACELLULAR, EGF, NOTCH, JAGGED, NUCLEUS, CALCIUM, MEMBRANE
;
# 
loop_
_struct_asym.id 
_struct_asym.pdbx_blank_PDB_chainid_flag 
_struct_asym.pdbx_modified 
_struct_asym.entity_id 
_struct_asym.details 
A N N 1 ? 
B N N 2 ? 
C N N 2 ? 
D N N 2 ? 
E N N 2 ? 
F N N 3 ? 
G N N 3 ? 
H N N 4 ? 
I N N 4 ? 
J N N 5 ? 
# 
loop_
_struct_ref.id 
_struct_ref.db_name 
_struct_ref.db_code 
_struct_ref.entity_id 
_struct_ref.pdbx_seq_one_letter_code 
_struct_ref.pdbx_align_begin 
_struct_ref.pdbx_db_accession 
_struct_ref.pdbx_db_isoform 
1 PDB 2VJ3        1 ? ? 2VJ3   ? 
2 UNP NOTC1_HUMAN 1 ? ? P46531 ? 
# 
loop_
_struct_ref_seq.align_id 
_struct_ref_seq.ref_id 
_struct_ref_seq.pdbx_PDB_id_code 
_struct_ref_seq.pdbx_strand_id 
_struct_ref_seq.seq_align_beg 
_struct_ref_seq.pdbx_seq_align_beg_ins_code 
_struct_ref_seq.seq_align_end 
_struct_ref_seq.pdbx_seq_align_end_ins_code 
_struct_ref_seq.pdbx_db_accession 
_struct_ref_seq.db_align_beg 
_struct_ref_seq.pdbx_db_align_beg_ins_code 
_struct_ref_seq.db_align_end 
_struct_ref_seq.pdbx_db_align_end_ins_code 
_struct_ref_seq.pdbx_auth_seq_align_beg 
_struct_ref_seq.pdbx_auth_seq_align_end 
1 1 2VJ3 A 1   ? 2   ? 2VJ3   409 ? 410 ? 409 410 
2 2 2VJ3 A 3   ? 118 ? P46531 411 ? 526 ? 411 526 
3 1 2VJ3 A 119 ? 135 ? 2VJ3   527 ? 543 ? 527 543 
# 
_struct_ref_seq_dif.align_id                     1 
_struct_ref_seq_dif.pdbx_pdb_id_code             2VJ3 
_struct_ref_seq_dif.mon_id                       ILE 
_struct_ref_seq_dif.pdbx_pdb_strand_id           A 
_struct_ref_seq_dif.seq_num                      69 
_struct_ref_seq_dif.pdbx_pdb_ins_code            ? 
_struct_ref_seq_dif.pdbx_seq_db_name             UNP 
_struct_ref_seq_dif.pdbx_seq_db_accession_code   P46531 
_struct_ref_seq_dif.db_mon_id                    MET 
_struct_ref_seq_dif.pdbx_seq_db_seq_num          477 
_struct_ref_seq_dif.details                      conflict 
_struct_ref_seq_dif.pdbx_auth_seq_num            477 
_struct_ref_seq_dif.pdbx_ordinal                 1 
# 
_pdbx_struct_assembly.id                   1 
_pdbx_struct_assembly.details              author_and_software_defined_assembly 
_pdbx_struct_assembly.method_details       PISA 
_pdbx_struct_assembly.oligomeric_details   monomeric 
_pdbx_struct_assembly.oligomeric_count     1 
# 
_pdbx_struct_assembly_gen.assembly_id       1 
_pdbx_struct_assembly_gen.oper_expression   1 
_pdbx_struct_assembly_gen.asym_id_list      A,B,C,D,E,F,G,H,I,J 
# 
_pdbx_struct_oper_list.id                   1 
_pdbx_struct_oper_list.type                 'identity operation' 
_pdbx_struct_oper_list.name                 1_555 
_pdbx_struct_oper_list.symmetry_operation   x,y,z 
_pdbx_struct_oper_list.matrix[1][1]         1.0000000000 
_pdbx_struct_oper_list.matrix[1][2]         0.0000000000 
_pdbx_struct_oper_list.matrix[1][3]         0.0000000000 
_pdbx_struct_oper_list.vector[1]            0.0000000000 
_pdbx_struct_oper_list.matrix[2][1]         0.0000000000 
_pdbx_struct_oper_list.matrix[2][2]         1.0000000000 
_pdbx_struct_oper_list.matrix[2][3]         0.0000000000 
_pdbx_struct_oper_list.vector[2]            0.0000000000 
_pdbx_struct_oper_list.matrix[3][1]         0.0000000000 
_pdbx_struct_oper_list.matrix[3][2]         0.0000000000 
_pdbx_struct_oper_list.matrix[3][3]         1.0000000000 
_pdbx_struct_oper_list.vector[3]            0.0000000000 
# 
_struct_biol.id   1 
# 
loop_
_struct_conn.id 
_struct_conn.conn_type_id 
_struct_conn.pdbx_leaving_atom_flag 
_struct_conn.pdbx_PDB_id 
_struct_conn.ptnr1_label_asym_id 
_struct_conn.ptnr1_label_comp_id 
_struct_conn.ptnr1_label_seq_id 
_struct_conn.ptnr1_label_atom_id 
_struct_conn.pdbx_ptnr1_label_alt_id 
_struct_conn.pdbx_ptnr1_PDB_ins_code 
_struct_conn.pdbx_ptnr1_standard_comp_id 
_struct_conn.ptnr1_symmetry 
_struct_conn.ptnr2_label_asym_id 
_struct_conn.ptnr2_label_comp_id 
_struct_conn.ptnr2_label_seq_id 
_struct_conn.ptnr2_label_atom_id 
_struct_conn.pdbx_ptnr2_label_alt_id 
_struct_conn.pdbx_ptnr2_PDB_ins_code 
_struct_conn.ptnr1_auth_asym_id 
_struct_conn.ptnr1_auth_comp_id 
_struct_conn.ptnr1_auth_seq_id 
_struct_conn.ptnr2_auth_asym_id 
_struct_conn.ptnr2_auth_comp_id 
_struct_conn.ptnr2_auth_seq_id 
_struct_conn.ptnr2_symmetry 
_struct_conn.pdbx_ptnr3_label_atom_id 
_struct_conn.pdbx_ptnr3_label_seq_id 
_struct_conn.pdbx_ptnr3_label_comp_id 
_struct_conn.pdbx_ptnr3_label_asym_id 
_struct_conn.pdbx_ptnr3_label_alt_id 
_struct_conn.pdbx_ptnr3_PDB_ins_code 
_struct_conn.details 
_struct_conn.pdbx_dist_value 
_struct_conn.pdbx_value_order 
_struct_conn.pdbx_role 
disulf1  disulf ? ? A CYS 8   SG  ? ? ? 1_555 A CYS 21  SG ? ? A CYS 416  A CYS 429  1_555 ? ? ? ? ? ? ? 2.031 ? ? 
disulf2  disulf ? ? A CYS 15  SG  ? ? ? 1_555 A CYS 30  SG ? ? A CYS 423  A CYS 438  1_555 ? ? ? ? ? ? ? 2.027 ? ? 
disulf3  disulf ? ? A CYS 32  SG  ? ? ? 1_555 A CYS 41  SG ? ? A CYS 440  A CYS 449  1_555 ? ? ? ? ? ? ? 2.030 ? ? 
disulf4  disulf ? ? A CYS 48  SG  ? ? ? 1_555 A CYS 59  SG ? ? A CYS 456  A CYS 467  1_555 ? ? ? ? ? ? ? 2.019 ? ? 
disulf5  disulf ? ? A CYS 53  SG  ? ? ? 1_555 A CYS 68  SG ? ? A CYS 461  A CYS 476  1_555 ? ? ? ? ? ? ? 2.028 ? ? 
disulf6  disulf ? ? A CYS 70  SG  ? ? ? 1_555 A CYS 79  SG ? ? A CYS 478  A CYS 487  1_555 ? ? ? ? ? ? ? 2.026 ? ? 
disulf7  disulf ? ? A CYS 86  SG  ? ? ? 1_555 A CYS 97  SG ? ? A CYS 494  A CYS 505  1_555 ? ? ? ? ? ? ? 2.030 ? ? 
disulf8  disulf ? ? A CYS 91  SG  ? ? ? 1_555 A CYS 106 SG ? ? A CYS 499  A CYS 514  1_555 ? ? ? ? ? ? ? 2.029 ? ? 
disulf9  disulf ? ? A CYS 108 SG  ? ? ? 1_555 A CYS 117 SG ? ? A CYS 516  A CYS 525  1_555 ? ? ? ? ? ? ? 2.031 ? ? 
metalc1  metalc ? ? A ASP 4   OD1 ? ? ? 1_555 C CA  .   CA ? ? A ASP 412  A CA  1532 1_555 ? ? ? ? ? ? ? 2.820 ? ? 
metalc2  metalc ? ? A VAL 5   O   ? ? ? 1_555 C CA  .   CA ? ? A VAL 413  A CA  1532 1_555 ? ? ? ? ? ? ? 2.593 ? ? 
metalc3  metalc ? ? A GLU 7   OE1 ? ? ? 1_555 C CA  .   CA ? ? A GLU 415  A CA  1532 1_555 ? ? ? ? ? ? ? 2.560 ? ? 
metalc4  metalc ? ? A ASN 23  OD1 ? ? ? 1_555 C CA  .   CA ? ? A ASN 431  A CA  1532 1_555 ? ? ? ? ? ? ? 2.435 ? ? 
metalc5  metalc ? ? A THR 24  O   ? ? ? 1_555 C CA  .   CA ? ? A THR 432  A CA  1532 1_555 ? ? ? ? ? ? ? 2.595 ? ? 
metalc6  metalc ? ? A SER 27  O   ? ? ? 1_555 C CA  .   CA ? ? A SER 435  A CA  1532 1_555 ? ? ? ? ? ? ? 2.401 ? ? 
metalc7  metalc ? ? A ASP 44  OD1 ? ? ? 1_555 B CA  .   CA ? ? A ASP 452  A CA  1531 1_555 ? ? ? ? ? ? ? 2.947 ? ? 
metalc8  metalc ? ? A VAL 45  O   ? ? ? 1_555 B CA  .   CA ? ? A VAL 453  A CA  1531 1_555 ? ? ? ? ? ? ? 2.327 ? ? 
metalc9  metalc ? ? A GLU 47  OE1 ? ? ? 1_555 B CA  .   CA ? ? A GLU 455  A CA  1531 1_555 ? ? ? ? ? ? ? 2.642 ? ? 
metalc10 metalc ? ? A ASP 61  OD1 ? ? ? 1_555 B CA  .   CA ? ? A ASP 469  A CA  1531 1_555 ? ? ? ? ? ? ? 2.675 ? ? 
metalc11 metalc ? ? A GLN 62  O   ? ? ? 1_555 B CA  .   CA ? ? A GLN 470  A CA  1531 1_555 ? ? ? ? ? ? ? 2.399 ? ? 
metalc12 metalc ? ? A ASN 82  OD1 ? ? ? 1_555 D CA  .   CA ? ? A ASN 490  A CA  1533 1_555 ? ? ? ? ? ? ? 2.554 ? ? 
metalc13 metalc ? ? A THR 83  O   ? ? ? 1_555 D CA  .   CA ? ? A THR 491  A CA  1533 1_555 ? ? ? ? ? ? ? 2.233 ? ? 
metalc14 metalc ? ? A GLU 85  OE1 ? ? ? 1_555 D CA  .   CA ? ? A GLU 493  A CA  1533 1_555 ? ? ? ? ? ? ? 2.592 ? ? 
metalc15 metalc ? ? A ASP 99  OD1 ? ? ? 1_555 D CA  .   CA ? ? A ASP 507  A CA  1533 1_555 ? ? ? ? ? ? ? 2.791 ? ? 
metalc16 metalc ? ? A ASP 99  OD2 ? ? ? 1_555 D CA  .   CA ? ? A ASP 507  A CA  1533 1_555 ? ? ? ? ? ? ? 3.047 ? ? 
metalc17 metalc ? ? A LYS 100 O   ? ? ? 1_555 D CA  .   CA ? ? A LYS 508  A CA  1533 1_555 ? ? ? ? ? ? ? 2.182 ? ? 
metalc18 metalc ? ? A GLU 103 OE2 ? ? ? 5_554 E CA  .   CA ? ? A GLU 511  A CA  1534 1_555 ? ? ? ? ? ? ? 2.369 ? ? 
metalc19 metalc ? ? A GLU 103 OE2 ? ? ? 1_555 E CA  .   CA ? ? A GLU 511  A CA  1534 1_555 ? ? ? ? ? ? ? 2.342 ? ? 
metalc20 metalc ? ? A HIS 115 NE2 ? ? ? 1_555 E CA  .   CA ? ? A HIS 523  A CA  1534 1_555 ? ? ? ? ? ? ? 2.533 ? ? 
metalc21 metalc ? ? A HIS 115 NE2 ? ? ? 5_554 E CA  .   CA ? ? A HIS 523  A CA  1534 1_555 ? ? ? ? ? ? ? 2.435 ? ? 
metalc22 metalc ? ? B CA  .   CA  ? ? ? 1_555 J HOH .   O  ? ? A CA  1531 A HOH 2007 1_555 ? ? ? ? ? ? ? 2.403 ? ? 
metalc23 metalc ? ? B CA  .   CA  ? ? ? 1_555 J HOH .   O  ? ? A CA  1531 A HOH 2009 1_555 ? ? ? ? ? ? ? 2.426 ? ? 
metalc24 metalc ? ? C CA  .   CA  ? ? ? 1_555 J HOH .   O  ? ? A CA  1532 A HOH 2002 1_555 ? ? ? ? ? ? ? 2.531 ? ? 
metalc25 metalc ? ? D CA  .   CA  ? ? ? 1_555 J HOH .   O  ? ? A CA  1533 A HOH 2015 1_555 ? ? ? ? ? ? ? 2.509 ? ? 
# 
loop_
_struct_conn_type.id 
_struct_conn_type.criteria 
_struct_conn_type.reference 
disulf ? ? 
metalc ? ? 
# 
loop_
_pdbx_struct_conn_angle.id 
_pdbx_struct_conn_angle.ptnr1_label_atom_id 
_pdbx_struct_conn_angle.ptnr1_label_alt_id 
_pdbx_struct_conn_angle.ptnr1_label_asym_id 
_pdbx_struct_conn_angle.ptnr1_label_comp_id 
_pdbx_struct_conn_angle.ptnr1_label_seq_id 
_pdbx_struct_conn_angle.ptnr1_auth_atom_id 
_pdbx_struct_conn_angle.ptnr1_auth_asym_id 
_pdbx_struct_conn_angle.ptnr1_auth_comp_id 
_pdbx_struct_conn_angle.ptnr1_auth_seq_id 
_pdbx_struct_conn_angle.ptnr1_PDB_ins_code 
_pdbx_struct_conn_angle.ptnr1_symmetry 
_pdbx_struct_conn_angle.ptnr2_label_atom_id 
_pdbx_struct_conn_angle.ptnr2_label_alt_id 
_pdbx_struct_conn_angle.ptnr2_label_asym_id 
_pdbx_struct_conn_angle.ptnr2_label_comp_id 
_pdbx_struct_conn_angle.ptnr2_label_seq_id 
_pdbx_struct_conn_angle.ptnr2_auth_atom_id 
_pdbx_struct_conn_angle.ptnr2_auth_asym_id 
_pdbx_struct_conn_angle.ptnr2_auth_comp_id 
_pdbx_struct_conn_angle.ptnr2_auth_seq_id 
_pdbx_struct_conn_angle.ptnr2_PDB_ins_code 
_pdbx_struct_conn_angle.ptnr2_symmetry 
_pdbx_struct_conn_angle.ptnr3_label_atom_id 
_pdbx_struct_conn_angle.ptnr3_label_alt_id 
_pdbx_struct_conn_angle.ptnr3_label_asym_id 
_pdbx_struct_conn_angle.ptnr3_label_comp_id 
_pdbx_struct_conn_angle.ptnr3_label_seq_id 
_pdbx_struct_conn_angle.ptnr3_auth_atom_id 
_pdbx_struct_conn_angle.ptnr3_auth_asym_id 
_pdbx_struct_conn_angle.ptnr3_auth_comp_id 
_pdbx_struct_conn_angle.ptnr3_auth_seq_id 
_pdbx_struct_conn_angle.ptnr3_PDB_ins_code 
_pdbx_struct_conn_angle.ptnr3_symmetry 
_pdbx_struct_conn_angle.value 
_pdbx_struct_conn_angle.value_esd 
1  OD1 ? A ASP 4   ? A ASP 412  ? 1_555 CA ? C CA . ? A CA 1532 ? 1_555 O   ? A VAL 5   ? A VAL 413  ? 1_555 83.9  ? 
2  OD1 ? A ASP 4   ? A ASP 412  ? 1_555 CA ? C CA . ? A CA 1532 ? 1_555 OE1 ? A GLU 7   ? A GLU 415  ? 1_555 135.6 ? 
3  O   ? A VAL 5   ? A VAL 413  ? 1_555 CA ? C CA . ? A CA 1532 ? 1_555 OE1 ? A GLU 7   ? A GLU 415  ? 1_555 68.3  ? 
4  OD1 ? A ASP 4   ? A ASP 412  ? 1_555 CA ? C CA . ? A CA 1532 ? 1_555 OD1 ? A ASN 23  ? A ASN 431  ? 1_555 121.7 ? 
5  O   ? A VAL 5   ? A VAL 413  ? 1_555 CA ? C CA . ? A CA 1532 ? 1_555 OD1 ? A ASN 23  ? A ASN 431  ? 1_555 95.1  ? 
6  OE1 ? A GLU 7   ? A GLU 415  ? 1_555 CA ? C CA . ? A CA 1532 ? 1_555 OD1 ? A ASN 23  ? A ASN 431  ? 1_555 95.6  ? 
7  OD1 ? A ASP 4   ? A ASP 412  ? 1_555 CA ? C CA . ? A CA 1532 ? 1_555 O   ? A THR 24  ? A THR 432  ? 1_555 74.8  ? 
8  O   ? A VAL 5   ? A VAL 413  ? 1_555 CA ? C CA . ? A CA 1532 ? 1_555 O   ? A THR 24  ? A THR 432  ? 1_555 146.7 ? 
9  OE1 ? A GLU 7   ? A GLU 415  ? 1_555 CA ? C CA . ? A CA 1532 ? 1_555 O   ? A THR 24  ? A THR 432  ? 1_555 143.4 ? 
10 OD1 ? A ASN 23  ? A ASN 431  ? 1_555 CA ? C CA . ? A CA 1532 ? 1_555 O   ? A THR 24  ? A THR 432  ? 1_555 75.5  ? 
11 OD1 ? A ASP 4   ? A ASP 412  ? 1_555 CA ? C CA . ? A CA 1532 ? 1_555 O   ? A SER 27  ? A SER 435  ? 1_555 123.9 ? 
12 O   ? A VAL 5   ? A VAL 413  ? 1_555 CA ? C CA . ? A CA 1532 ? 1_555 O   ? A SER 27  ? A SER 435  ? 1_555 143.2 ? 
13 OE1 ? A GLU 7   ? A GLU 415  ? 1_555 CA ? C CA . ? A CA 1532 ? 1_555 O   ? A SER 27  ? A SER 435  ? 1_555 74.9  ? 
14 OD1 ? A ASN 23  ? A ASN 431  ? 1_555 CA ? C CA . ? A CA 1532 ? 1_555 O   ? A SER 27  ? A SER 435  ? 1_555 89.5  ? 
15 O   ? A THR 24  ? A THR 432  ? 1_555 CA ? C CA . ? A CA 1532 ? 1_555 O   ? A SER 27  ? A SER 435  ? 1_555 69.7  ? 
16 OD1 ? A ASP 4   ? A ASP 412  ? 1_555 CA ? C CA . ? A CA 1532 ? 1_555 O   ? J HOH .   ? A HOH 2002 ? 1_555 53.3  ? 
17 O   ? A VAL 5   ? A VAL 413  ? 1_555 CA ? C CA . ? A CA 1532 ? 1_555 O   ? J HOH .   ? A HOH 2002 ? 1_555 72.2  ? 
18 OE1 ? A GLU 7   ? A GLU 415  ? 1_555 CA ? C CA . ? A CA 1532 ? 1_555 O   ? J HOH .   ? A HOH 2002 ? 1_555 84.7  ? 
19 OD1 ? A ASN 23  ? A ASN 431  ? 1_555 CA ? C CA . ? A CA 1532 ? 1_555 O   ? J HOH .   ? A HOH 2002 ? 1_555 166.3 ? 
20 O   ? A THR 24  ? A THR 432  ? 1_555 CA ? C CA . ? A CA 1532 ? 1_555 O   ? J HOH .   ? A HOH 2002 ? 1_555 112.1 ? 
21 O   ? A SER 27  ? A SER 435  ? 1_555 CA ? C CA . ? A CA 1532 ? 1_555 O   ? J HOH .   ? A HOH 2002 ? 1_555 103.7 ? 
22 OD1 ? A ASP 44  ? A ASP 452  ? 1_555 CA ? B CA . ? A CA 1531 ? 1_555 O   ? A VAL 45  ? A VAL 453  ? 1_555 93.9  ? 
23 OD1 ? A ASP 44  ? A ASP 452  ? 1_555 CA ? B CA . ? A CA 1531 ? 1_555 OE1 ? A GLU 47  ? A GLU 455  ? 1_555 143.7 ? 
24 O   ? A VAL 45  ? A VAL 453  ? 1_555 CA ? B CA . ? A CA 1531 ? 1_555 OE1 ? A GLU 47  ? A GLU 455  ? 1_555 67.9  ? 
25 OD1 ? A ASP 44  ? A ASP 452  ? 1_555 CA ? B CA . ? A CA 1531 ? 1_555 OD1 ? A ASP 61  ? A ASP 469  ? 1_555 135.4 ? 
26 O   ? A VAL 45  ? A VAL 453  ? 1_555 CA ? B CA . ? A CA 1531 ? 1_555 OD1 ? A ASP 61  ? A ASP 469  ? 1_555 80.9  ? 
27 OE1 ? A GLU 47  ? A GLU 455  ? 1_555 CA ? B CA . ? A CA 1531 ? 1_555 OD1 ? A ASP 61  ? A ASP 469  ? 1_555 74.7  ? 
28 OD1 ? A ASP 44  ? A ASP 452  ? 1_555 CA ? B CA . ? A CA 1531 ? 1_555 O   ? A GLN 62  ? A GLN 470  ? 1_555 114.2 ? 
29 O   ? A VAL 45  ? A VAL 453  ? 1_555 CA ? B CA . ? A CA 1531 ? 1_555 O   ? A GLN 62  ? A GLN 470  ? 1_555 137.2 ? 
30 OE1 ? A GLU 47  ? A GLU 455  ? 1_555 CA ? B CA . ? A CA 1531 ? 1_555 O   ? A GLN 62  ? A GLN 470  ? 1_555 70.6  ? 
31 OD1 ? A ASP 61  ? A ASP 469  ? 1_555 CA ? B CA . ? A CA 1531 ? 1_555 O   ? A GLN 62  ? A GLN 470  ? 1_555 97.9  ? 
32 OD1 ? A ASP 44  ? A ASP 452  ? 1_555 CA ? B CA . ? A CA 1531 ? 1_555 O   ? J HOH .   ? A HOH 2007 ? 1_555 60.6  ? 
33 O   ? A VAL 45  ? A VAL 453  ? 1_555 CA ? B CA . ? A CA 1531 ? 1_555 O   ? J HOH .   ? A HOH 2007 ? 1_555 81.9  ? 
34 OE1 ? A GLU 47  ? A GLU 455  ? 1_555 CA ? B CA . ? A CA 1531 ? 1_555 O   ? J HOH .   ? A HOH 2007 ? 1_555 85.2  ? 
35 OD1 ? A ASP 61  ? A ASP 469  ? 1_555 CA ? B CA . ? A CA 1531 ? 1_555 O   ? J HOH .   ? A HOH 2007 ? 1_555 157.3 ? 
36 O   ? A GLN 62  ? A GLN 470  ? 1_555 CA ? B CA . ? A CA 1531 ? 1_555 O   ? J HOH .   ? A HOH 2007 ? 1_555 84.8  ? 
37 OD1 ? A ASP 44  ? A ASP 452  ? 1_555 CA ? B CA . ? A CA 1531 ? 1_555 O   ? J HOH .   ? A HOH 2009 ? 1_555 65.5  ? 
38 O   ? A VAL 45  ? A VAL 453  ? 1_555 CA ? B CA . ? A CA 1531 ? 1_555 O   ? J HOH .   ? A HOH 2009 ? 1_555 146.8 ? 
39 OE1 ? A GLU 47  ? A GLU 455  ? 1_555 CA ? B CA . ? A CA 1531 ? 1_555 O   ? J HOH .   ? A HOH 2009 ? 1_555 143.3 ? 
40 OD1 ? A ASP 61  ? A ASP 469  ? 1_555 CA ? B CA . ? A CA 1531 ? 1_555 O   ? J HOH .   ? A HOH 2009 ? 1_555 95.6  ? 
41 O   ? A GLN 62  ? A GLN 470  ? 1_555 CA ? B CA . ? A CA 1531 ? 1_555 O   ? J HOH .   ? A HOH 2009 ? 1_555 76.0  ? 
42 O   ? J HOH .   ? A HOH 2007 ? 1_555 CA ? B CA . ? A CA 1531 ? 1_555 O   ? J HOH .   ? A HOH 2009 ? 1_555 106.9 ? 
43 OD1 ? A ASN 82  ? A ASN 490  ? 1_555 CA ? D CA . ? A CA 1533 ? 1_555 O   ? A THR 83  ? A THR 491  ? 1_555 99.3  ? 
44 OD1 ? A ASN 82  ? A ASN 490  ? 1_555 CA ? D CA . ? A CA 1533 ? 1_555 OE1 ? A GLU 85  ? A GLU 493  ? 1_555 157.2 ? 
45 O   ? A THR 83  ? A THR 491  ? 1_555 CA ? D CA . ? A CA 1533 ? 1_555 OE1 ? A GLU 85  ? A GLU 493  ? 1_555 73.9  ? 
46 OD1 ? A ASN 82  ? A ASN 490  ? 1_555 CA ? D CA . ? A CA 1533 ? 1_555 OD1 ? A ASP 99  ? A ASP 507  ? 1_555 131.8 ? 
47 O   ? A THR 83  ? A THR 491  ? 1_555 CA ? D CA . ? A CA 1533 ? 1_555 OD1 ? A ASP 99  ? A ASP 507  ? 1_555 76.6  ? 
48 OE1 ? A GLU 85  ? A GLU 493  ? 1_555 CA ? D CA . ? A CA 1533 ? 1_555 OD1 ? A ASP 99  ? A ASP 507  ? 1_555 68.9  ? 
49 OD1 ? A ASN 82  ? A ASN 490  ? 1_555 CA ? D CA . ? A CA 1533 ? 1_555 OD2 ? A ASP 99  ? A ASP 507  ? 1_555 88.5  ? 
50 O   ? A THR 83  ? A THR 491  ? 1_555 CA ? D CA . ? A CA 1533 ? 1_555 OD2 ? A ASP 99  ? A ASP 507  ? 1_555 88.6  ? 
51 OE1 ? A GLU 85  ? A GLU 493  ? 1_555 CA ? D CA . ? A CA 1533 ? 1_555 OD2 ? A ASP 99  ? A ASP 507  ? 1_555 112.7 ? 
52 OD1 ? A ASP 99  ? A ASP 507  ? 1_555 CA ? D CA . ? A CA 1533 ? 1_555 OD2 ? A ASP 99  ? A ASP 507  ? 1_555 43.9  ? 
53 OD1 ? A ASN 82  ? A ASN 490  ? 1_555 CA ? D CA . ? A CA 1533 ? 1_555 O   ? A LYS 100 ? A LYS 508  ? 1_555 99.9  ? 
54 O   ? A THR 83  ? A THR 491  ? 1_555 CA ? D CA . ? A CA 1533 ? 1_555 O   ? A LYS 100 ? A LYS 508  ? 1_555 159.6 ? 
55 OE1 ? A GLU 85  ? A GLU 493  ? 1_555 CA ? D CA . ? A CA 1533 ? 1_555 O   ? A LYS 100 ? A LYS 508  ? 1_555 90.5  ? 
56 OD1 ? A ASP 99  ? A ASP 507  ? 1_555 CA ? D CA . ? A CA 1533 ? 1_555 O   ? A LYS 100 ? A LYS 508  ? 1_555 85.7  ? 
57 OD2 ? A ASP 99  ? A ASP 507  ? 1_555 CA ? D CA . ? A CA 1533 ? 1_555 O   ? A LYS 100 ? A LYS 508  ? 1_555 85.3  ? 
58 OD1 ? A ASN 82  ? A ASN 490  ? 1_555 CA ? D CA . ? A CA 1533 ? 1_555 O   ? J HOH .   ? A HOH 2015 ? 1_555 73.5  ? 
59 O   ? A THR 83  ? A THR 491  ? 1_555 CA ? D CA . ? A CA 1533 ? 1_555 O   ? J HOH .   ? A HOH 2015 ? 1_555 84.3  ? 
60 OE1 ? A GLU 85  ? A GLU 493  ? 1_555 CA ? D CA . ? A CA 1533 ? 1_555 O   ? J HOH .   ? A HOH 2015 ? 1_555 84.0  ? 
61 OD1 ? A ASP 99  ? A ASP 507  ? 1_555 CA ? D CA . ? A CA 1533 ? 1_555 O   ? J HOH .   ? A HOH 2015 ? 1_555 150.2 ? 
62 OD2 ? A ASP 99  ? A ASP 507  ? 1_555 CA ? D CA . ? A CA 1533 ? 1_555 O   ? J HOH .   ? A HOH 2015 ? 1_555 159.2 ? 
63 O   ? A LYS 100 ? A LYS 508  ? 1_555 CA ? D CA . ? A CA 1533 ? 1_555 O   ? J HOH .   ? A HOH 2015 ? 1_555 107.5 ? 
64 OE2 ? A GLU 103 ? A GLU 511  ? 5_554 CA ? E CA . ? A CA 1534 ? 1_555 OE2 ? A GLU 103 ? A GLU 511  ? 1_555 124.1 ? 
65 OE2 ? A GLU 103 ? A GLU 511  ? 5_554 CA ? E CA . ? A CA 1534 ? 1_555 NE2 ? A HIS 115 ? A HIS 523  ? 1_555 101.2 ? 
66 OE2 ? A GLU 103 ? A GLU 511  ? 1_555 CA ? E CA . ? A CA 1534 ? 1_555 NE2 ? A HIS 115 ? A HIS 523  ? 1_555 97.3  ? 
67 OE2 ? A GLU 103 ? A GLU 511  ? 5_554 CA ? E CA . ? A CA 1534 ? 1_555 NE2 ? A HIS 115 ? A HIS 523  ? 5_554 99.3  ? 
68 OE2 ? A GLU 103 ? A GLU 511  ? 1_555 CA ? E CA . ? A CA 1534 ? 1_555 NE2 ? A HIS 115 ? A HIS 523  ? 5_554 104.9 ? 
69 NE2 ? A HIS 115 ? A HIS 523  ? 1_555 CA ? E CA . ? A CA 1534 ? 1_555 NE2 ? A HIS 115 ? A HIS 523  ? 5_554 133.3 ? 
# 
loop_
_pdbx_modification_feature.ordinal 
_pdbx_modification_feature.label_comp_id 
_pdbx_modification_feature.label_asym_id 
_pdbx_modification_feature.label_seq_id 
_pdbx_modification_feature.label_alt_id 
_pdbx_modification_feature.modified_residue_label_comp_id 
_pdbx_modification_feature.modified_residue_label_asym_id 
_pdbx_modification_feature.modified_residue_label_seq_id 
_pdbx_modification_feature.modified_residue_label_alt_id 
_pdbx_modification_feature.auth_comp_id 
_pdbx_modification_feature.auth_asym_id 
_pdbx_modification_feature.auth_seq_id 
_pdbx_modification_feature.PDB_ins_code 
_pdbx_modification_feature.symmetry 
_pdbx_modification_feature.modified_residue_auth_comp_id 
_pdbx_modification_feature.modified_residue_auth_asym_id 
_pdbx_modification_feature.modified_residue_auth_seq_id 
_pdbx_modification_feature.modified_residue_PDB_ins_code 
_pdbx_modification_feature.modified_residue_symmetry 
_pdbx_modification_feature.comp_id_linking_atom 
_pdbx_modification_feature.modified_residue_id_linking_atom 
_pdbx_modification_feature.modified_residue_id 
_pdbx_modification_feature.ref_pcm_id 
_pdbx_modification_feature.ref_comp_id 
_pdbx_modification_feature.type 
_pdbx_modification_feature.category 
1 CYS A 8   ? CYS A 21  ? CYS A 416 ? 1_555 CYS A 429 ? 1_555 SG SG . . . None 'Disulfide bridge' 
2 CYS A 15  ? CYS A 30  ? CYS A 423 ? 1_555 CYS A 438 ? 1_555 SG SG . . . None 'Disulfide bridge' 
3 CYS A 32  ? CYS A 41  ? CYS A 440 ? 1_555 CYS A 449 ? 1_555 SG SG . . . None 'Disulfide bridge' 
4 CYS A 48  ? CYS A 59  ? CYS A 456 ? 1_555 CYS A 467 ? 1_555 SG SG . . . None 'Disulfide bridge' 
5 CYS A 53  ? CYS A 68  ? CYS A 461 ? 1_555 CYS A 476 ? 1_555 SG SG . . . None 'Disulfide bridge' 
6 CYS A 70  ? CYS A 79  ? CYS A 478 ? 1_555 CYS A 487 ? 1_555 SG SG . . . None 'Disulfide bridge' 
7 CYS A 86  ? CYS A 97  ? CYS A 494 ? 1_555 CYS A 505 ? 1_555 SG SG . . . None 'Disulfide bridge' 
8 CYS A 91  ? CYS A 106 ? CYS A 499 ? 1_555 CYS A 514 ? 1_555 SG SG . . . None 'Disulfide bridge' 
9 CYS A 108 ? CYS A 117 ? CYS A 516 ? 1_555 CYS A 525 ? 1_555 SG SG . . . None 'Disulfide bridge' 
# 
loop_
_struct_mon_prot_cis.pdbx_id 
_struct_mon_prot_cis.label_comp_id 
_struct_mon_prot_cis.label_seq_id 
_struct_mon_prot_cis.label_asym_id 
_struct_mon_prot_cis.label_alt_id 
_struct_mon_prot_cis.pdbx_PDB_ins_code 
_struct_mon_prot_cis.auth_comp_id 
_struct_mon_prot_cis.auth_seq_id 
_struct_mon_prot_cis.auth_asym_id 
_struct_mon_prot_cis.pdbx_label_comp_id_2 
_struct_mon_prot_cis.pdbx_label_seq_id_2 
_struct_mon_prot_cis.pdbx_label_asym_id_2 
_struct_mon_prot_cis.pdbx_PDB_ins_code_2 
_struct_mon_prot_cis.pdbx_auth_comp_id_2 
_struct_mon_prot_cis.pdbx_auth_seq_id_2 
_struct_mon_prot_cis.pdbx_auth_asym_id_2 
_struct_mon_prot_cis.pdbx_PDB_model_num 
_struct_mon_prot_cis.pdbx_omega_angle 
1 THR 110 A . ? THR 518 A GLY 111 A ? GLY 519 A 1 -2.42 
2 THR 113 A . ? THR 521 A GLY 114 A ? GLY 522 A 1 -3.77 
# 
loop_
_struct_sheet.id 
_struct_sheet.type 
_struct_sheet.number_strands 
_struct_sheet.details 
AA ? 2 ? 
AB ? 2 ? 
AC ? 2 ? 
AD ? 2 ? 
AE ? 2 ? 
AF ? 2 ? 
# 
loop_
_struct_sheet_order.sheet_id 
_struct_sheet_order.range_id_1 
_struct_sheet_order.range_id_2 
_struct_sheet_order.offset 
_struct_sheet_order.sense 
AA 1 2 ? anti-parallel 
AB 1 2 ? anti-parallel 
AC 1 2 ? anti-parallel 
AD 1 2 ? anti-parallel 
AE 1 2 ? anti-parallel 
AF 1 2 ? anti-parallel 
# 
loop_
_struct_sheet_range.sheet_id 
_struct_sheet_range.id 
_struct_sheet_range.beg_label_comp_id 
_struct_sheet_range.beg_label_asym_id 
_struct_sheet_range.beg_label_seq_id 
_struct_sheet_range.pdbx_beg_PDB_ins_code 
_struct_sheet_range.end_label_comp_id 
_struct_sheet_range.end_label_asym_id 
_struct_sheet_range.end_label_seq_id 
_struct_sheet_range.pdbx_end_PDB_ins_code 
_struct_sheet_range.beg_auth_comp_id 
_struct_sheet_range.beg_auth_asym_id 
_struct_sheet_range.beg_auth_seq_id 
_struct_sheet_range.end_auth_comp_id 
_struct_sheet_range.end_auth_asym_id 
_struct_sheet_range.end_auth_seq_id 
AA 1 LYS A 20  ? ASN A 23  ? LYS A 428 ASN A 431 
AA 2 PHE A 28  ? GLN A 31  ? PHE A 436 GLN A 439 
AB 1 TYR A 36  ? THR A 37  ? TYR A 444 THR A 445 
AB 2 ILE A 43  ? ASP A 44  ? ILE A 451 ASP A 452 
AC 1 THR A 58  ? ASP A 61  ? THR A 466 ASP A 469 
AC 2 PHE A 66  ? ILE A 69  ? PHE A 474 ILE A 477 
AD 1 TYR A 74  ? GLU A 75  ? TYR A 482 GLU A 483 
AD 2 VAL A 81  ? ASN A 82  ? VAL A 489 ASN A 490 
AE 1 ARG A 96  ? ASP A 99  ? ARG A 504 ASP A 507 
AE 2 PHE A 104 ? GLU A 107 ? PHE A 512 GLU A 515 
AF 1 PHE A 112 ? THR A 113 ? PHE A 520 THR A 521 
AF 2 VAL A 119 ? ASP A 120 ? VAL A 527 ASP A 528 
# 
loop_
_pdbx_struct_sheet_hbond.sheet_id 
_pdbx_struct_sheet_hbond.range_id_1 
_pdbx_struct_sheet_hbond.range_id_2 
_pdbx_struct_sheet_hbond.range_1_label_atom_id 
_pdbx_struct_sheet_hbond.range_1_label_comp_id 
_pdbx_struct_sheet_hbond.range_1_label_asym_id 
_pdbx_struct_sheet_hbond.range_1_label_seq_id 
_pdbx_struct_sheet_hbond.range_1_PDB_ins_code 
_pdbx_struct_sheet_hbond.range_1_auth_atom_id 
_pdbx_struct_sheet_hbond.range_1_auth_comp_id 
_pdbx_struct_sheet_hbond.range_1_auth_asym_id 
_pdbx_struct_sheet_hbond.range_1_auth_seq_id 
_pdbx_struct_sheet_hbond.range_2_label_atom_id 
_pdbx_struct_sheet_hbond.range_2_label_comp_id 
_pdbx_struct_sheet_hbond.range_2_label_asym_id 
_pdbx_struct_sheet_hbond.range_2_label_seq_id 
_pdbx_struct_sheet_hbond.range_2_PDB_ins_code 
_pdbx_struct_sheet_hbond.range_2_auth_atom_id 
_pdbx_struct_sheet_hbond.range_2_auth_comp_id 
_pdbx_struct_sheet_hbond.range_2_auth_asym_id 
_pdbx_struct_sheet_hbond.range_2_auth_seq_id 
AA 1 2 N ILE A 22  ? N ILE A 430 O GLU A 29  ? O GLU A 437 
AB 1 2 N THR A 37  ? N THR A 445 O ILE A 43  ? O ILE A 451 
AC 1 2 N LEU A 60  ? N LEU A 468 O GLN A 67  ? O GLN A 475 
AD 1 2 N GLU A 75  ? N GLU A 483 O VAL A 81  ? O VAL A 489 
AE 1 2 N LEU A 98  ? N LEU A 506 O GLN A 105 ? O GLN A 513 
AF 1 2 N THR A 113 ? N THR A 521 O VAL A 119 ? O VAL A 527 
# 
loop_
_struct_site.id 
_struct_site.pdbx_evidence_code 
_struct_site.pdbx_auth_asym_id 
_struct_site.pdbx_auth_comp_id 
_struct_site.pdbx_auth_seq_id 
_struct_site.pdbx_auth_ins_code 
_struct_site.pdbx_num_residues 
_struct_site.details 
AC1 Software A CA 1531 ? 7 'BINDING SITE FOR RESIDUE CA A 1531' 
AC2 Software A CA 1532 ? 7 'BINDING SITE FOR RESIDUE CA A 1532' 
AC3 Software A CA 1533 ? 6 'BINDING SITE FOR RESIDUE CA A 1533' 
AC4 Software A CA 1534 ? 4 'BINDING SITE FOR RESIDUE CA A 1534' 
AC5 Software A NA 1535 ? 4 'BINDING SITE FOR RESIDUE NA A 1535' 
AC6 Software A NA 1536 ? 2 'BINDING SITE FOR RESIDUE NA A 1536' 
AC7 Software A CL 1537 ? 3 'BINDING SITE FOR RESIDUE CL A 1537' 
AC8 Software A CL 1538 ? 3 'BINDING SITE FOR RESIDUE CL A 1538' 
# 
loop_
_struct_site_gen.id 
_struct_site_gen.site_id 
_struct_site_gen.pdbx_num_res 
_struct_site_gen.label_comp_id 
_struct_site_gen.label_asym_id 
_struct_site_gen.label_seq_id 
_struct_site_gen.pdbx_auth_ins_code 
_struct_site_gen.auth_comp_id 
_struct_site_gen.auth_asym_id 
_struct_site_gen.auth_seq_id 
_struct_site_gen.label_atom_id 
_struct_site_gen.label_alt_id 
_struct_site_gen.symmetry 
_struct_site_gen.details 
1  AC1 7 ASP A 44  ? ASP A 452  . ? 1_555 ? 
2  AC1 7 VAL A 45  ? VAL A 453  . ? 1_555 ? 
3  AC1 7 GLU A 47  ? GLU A 455  . ? 1_555 ? 
4  AC1 7 ASP A 61  ? ASP A 469  . ? 1_555 ? 
5  AC1 7 GLN A 62  ? GLN A 470  . ? 1_555 ? 
6  AC1 7 HOH J .   ? HOH A 2007 . ? 1_555 ? 
7  AC1 7 HOH J .   ? HOH A 2009 . ? 1_555 ? 
8  AC2 7 ASP A 4   ? ASP A 412  . ? 1_555 ? 
9  AC2 7 VAL A 5   ? VAL A 413  . ? 1_555 ? 
10 AC2 7 GLU A 7   ? GLU A 415  . ? 1_555 ? 
11 AC2 7 ASN A 23  ? ASN A 431  . ? 1_555 ? 
12 AC2 7 THR A 24  ? THR A 432  . ? 1_555 ? 
13 AC2 7 SER A 27  ? SER A 435  . ? 1_555 ? 
14 AC2 7 HOH J .   ? HOH A 2002 . ? 1_555 ? 
15 AC3 6 ASN A 82  ? ASN A 490  . ? 1_555 ? 
16 AC3 6 THR A 83  ? THR A 491  . ? 1_555 ? 
17 AC3 6 GLU A 85  ? GLU A 493  . ? 1_555 ? 
18 AC3 6 ASP A 99  ? ASP A 507  . ? 1_555 ? 
19 AC3 6 LYS A 100 ? LYS A 508  . ? 1_555 ? 
20 AC3 6 HOH J .   ? HOH A 2015 . ? 1_555 ? 
21 AC4 4 GLU A 103 ? GLU A 511  . ? 1_555 ? 
22 AC4 4 GLU A 103 ? GLU A 511  . ? 5_554 ? 
23 AC4 4 HIS A 115 ? HIS A 523  . ? 5_554 ? 
24 AC4 4 HIS A 115 ? HIS A 523  . ? 1_555 ? 
25 AC5 4 LEU A 116 ? LEU A 524  . ? 1_555 ? 
26 AC5 4 CYS A 117 ? CYS A 525  . ? 1_555 ? 
27 AC5 4 GLN A 118 ? GLN A 526  . ? 1_555 ? 
28 AC5 4 CL  H .   ? CL  A 1537 . ? 1_555 ? 
29 AC6 2 GLU A 75  ? GLU A 483  . ? 1_555 ? 
30 AC6 2 ASP A 120 ? ASP A 528  . ? 5_554 ? 
31 AC7 3 GLU A 85  ? GLU A 493  . ? 5_554 ? 
32 AC7 3 ASN A 102 ? ASN A 510  . ? 5_554 ? 
33 AC7 3 NA  F .   ? NA  A 1535 . ? 1_555 ? 
34 AC8 3 GLN A 67  ? GLN A 475  . ? 1_555 ? 
35 AC8 3 CYS A 68  ? CYS A 476  . ? 1_555 ? 
36 AC8 3 VAL A 77  ? VAL A 485  . ? 1_555 ? 
# 
_pdbx_entry_details.entry_id                   2VJ3 
_pdbx_entry_details.compound_details           ? 
_pdbx_entry_details.source_details             ? 
_pdbx_entry_details.nonpolymer_details         ? 
_pdbx_entry_details.sequence_details           
;M477I IS A PUBLISHED CONFLICT. THE DETAILS OF WHICH CAN BE
FOUND IN HAMBLETON ET AL (2004) STRUCTURE. 12:2173-83
;
_pdbx_entry_details.has_ligand_of_interest     ? 
_pdbx_entry_details.has_protein_modification   Y 
# 
_pdbx_validate_close_contact.id               1 
_pdbx_validate_close_contact.PDB_model_num    1 
_pdbx_validate_close_contact.auth_atom_id_1   O 
_pdbx_validate_close_contact.auth_asym_id_1   A 
_pdbx_validate_close_contact.auth_comp_id_1   GLY 
_pdbx_validate_close_contact.auth_seq_id_1    481 
_pdbx_validate_close_contact.PDB_ins_code_1   ? 
_pdbx_validate_close_contact.label_alt_id_1   ? 
_pdbx_validate_close_contact.auth_atom_id_2   O 
_pdbx_validate_close_contact.auth_asym_id_2   A 
_pdbx_validate_close_contact.auth_comp_id_2   HOH 
_pdbx_validate_close_contact.auth_seq_id_2    2015 
_pdbx_validate_close_contact.PDB_ins_code_2   ? 
_pdbx_validate_close_contact.label_alt_id_2   ? 
_pdbx_validate_close_contact.dist             2.14 
# 
loop_
_pdbx_validate_torsion.id 
_pdbx_validate_torsion.PDB_model_num 
_pdbx_validate_torsion.auth_comp_id 
_pdbx_validate_torsion.auth_asym_id 
_pdbx_validate_torsion.auth_seq_id 
_pdbx_validate_torsion.PDB_ins_code 
_pdbx_validate_torsion.label_alt_id 
_pdbx_validate_torsion.phi 
_pdbx_validate_torsion.psi 
1 1 SER A 435 ? ? -148.70 -148.07 
2 1 LYS A 508 ? ? -127.29 -157.46 
# 
_pdbx_struct_special_symmetry.id              1 
_pdbx_struct_special_symmetry.PDB_model_num   1 
_pdbx_struct_special_symmetry.auth_asym_id    A 
_pdbx_struct_special_symmetry.auth_comp_id    CA 
_pdbx_struct_special_symmetry.auth_seq_id     1534 
_pdbx_struct_special_symmetry.PDB_ins_code    ? 
_pdbx_struct_special_symmetry.label_asym_id   E 
_pdbx_struct_special_symmetry.label_comp_id   CA 
_pdbx_struct_special_symmetry.label_seq_id    . 
# 
loop_
_pdbx_unobs_or_zero_occ_residues.id 
_pdbx_unobs_or_zero_occ_residues.PDB_model_num 
_pdbx_unobs_or_zero_occ_residues.polymer_flag 
_pdbx_unobs_or_zero_occ_residues.occupancy_flag 
_pdbx_unobs_or_zero_occ_residues.auth_asym_id 
_pdbx_unobs_or_zero_occ_residues.auth_comp_id 
_pdbx_unobs_or_zero_occ_residues.auth_seq_id 
_pdbx_unobs_or_zero_occ_residues.PDB_ins_code 
_pdbx_unobs_or_zero_occ_residues.label_asym_id 
_pdbx_unobs_or_zero_occ_residues.label_comp_id 
_pdbx_unobs_or_zero_occ_residues.label_seq_id 
1  1 Y 1 A SER 409 ? A SER 1   
2  1 Y 1 A ALA 410 ? A ALA 2   
3  1 Y 1 A HIS 531 ? A HIS 123 
4  1 Y 1 A ILE 532 ? A ILE 124 
5  1 Y 1 A LEU 533 ? A LEU 125 
6  1 Y 1 A ASP 534 ? A ASP 126 
7  1 Y 1 A ALA 535 ? A ALA 127 
8  1 Y 1 A GLN 536 ? A GLN 128 
9  1 Y 1 A LYS 537 ? A LYS 129 
10 1 Y 1 A MET 538 ? A MET 130 
11 1 Y 1 A VAL 539 ? A VAL 131 
12 1 Y 1 A TRP 540 ? A TRP 132 
13 1 Y 1 A ASN 541 ? A ASN 133 
14 1 Y 1 A HIS 542 ? A HIS 134 
15 1 Y 1 A ARG 543 ? A ARG 135 
# 
loop_
_chem_comp_atom.comp_id 
_chem_comp_atom.atom_id 
_chem_comp_atom.type_symbol 
_chem_comp_atom.pdbx_aromatic_flag 
_chem_comp_atom.pdbx_stereo_config 
_chem_comp_atom.pdbx_ordinal 
ALA N    N  N N 1   
ALA CA   C  N S 2   
ALA C    C  N N 3   
ALA O    O  N N 4   
ALA CB   C  N N 5   
ALA OXT  O  N N 6   
ALA H    H  N N 7   
ALA H2   H  N N 8   
ALA HA   H  N N 9   
ALA HB1  H  N N 10  
ALA HB2  H  N N 11  
ALA HB3  H  N N 12  
ALA HXT  H  N N 13  
ARG N    N  N N 14  
ARG CA   C  N S 15  
ARG C    C  N N 16  
ARG O    O  N N 17  
ARG CB   C  N N 18  
ARG CG   C  N N 19  
ARG CD   C  N N 20  
ARG NE   N  N N 21  
ARG CZ   C  N N 22  
ARG NH1  N  N N 23  
ARG NH2  N  N N 24  
ARG OXT  O  N N 25  
ARG H    H  N N 26  
ARG H2   H  N N 27  
ARG HA   H  N N 28  
ARG HB2  H  N N 29  
ARG HB3  H  N N 30  
ARG HG2  H  N N 31  
ARG HG3  H  N N 32  
ARG HD2  H  N N 33  
ARG HD3  H  N N 34  
ARG HE   H  N N 35  
ARG HH11 H  N N 36  
ARG HH12 H  N N 37  
ARG HH21 H  N N 38  
ARG HH22 H  N N 39  
ARG HXT  H  N N 40  
ASN N    N  N N 41  
ASN CA   C  N S 42  
ASN C    C  N N 43  
ASN O    O  N N 44  
ASN CB   C  N N 45  
ASN CG   C  N N 46  
ASN OD1  O  N N 47  
ASN ND2  N  N N 48  
ASN OXT  O  N N 49  
ASN H    H  N N 50  
ASN H2   H  N N 51  
ASN HA   H  N N 52  
ASN HB2  H  N N 53  
ASN HB3  H  N N 54  
ASN HD21 H  N N 55  
ASN HD22 H  N N 56  
ASN HXT  H  N N 57  
ASP N    N  N N 58  
ASP CA   C  N S 59  
ASP C    C  N N 60  
ASP O    O  N N 61  
ASP CB   C  N N 62  
ASP CG   C  N N 63  
ASP OD1  O  N N 64  
ASP OD2  O  N N 65  
ASP OXT  O  N N 66  
ASP H    H  N N 67  
ASP H2   H  N N 68  
ASP HA   H  N N 69  
ASP HB2  H  N N 70  
ASP HB3  H  N N 71  
ASP HD2  H  N N 72  
ASP HXT  H  N N 73  
CA  CA   CA N N 74  
CL  CL   CL N N 75  
CYS N    N  N N 76  
CYS CA   C  N R 77  
CYS C    C  N N 78  
CYS O    O  N N 79  
CYS CB   C  N N 80  
CYS SG   S  N N 81  
CYS OXT  O  N N 82  
CYS H    H  N N 83  
CYS H2   H  N N 84  
CYS HA   H  N N 85  
CYS HB2  H  N N 86  
CYS HB3  H  N N 87  
CYS HG   H  N N 88  
CYS HXT  H  N N 89  
GLN N    N  N N 90  
GLN CA   C  N S 91  
GLN C    C  N N 92  
GLN O    O  N N 93  
GLN CB   C  N N 94  
GLN CG   C  N N 95  
GLN CD   C  N N 96  
GLN OE1  O  N N 97  
GLN NE2  N  N N 98  
GLN OXT  O  N N 99  
GLN H    H  N N 100 
GLN H2   H  N N 101 
GLN HA   H  N N 102 
GLN HB2  H  N N 103 
GLN HB3  H  N N 104 
GLN HG2  H  N N 105 
GLN HG3  H  N N 106 
GLN HE21 H  N N 107 
GLN HE22 H  N N 108 
GLN HXT  H  N N 109 
GLU N    N  N N 110 
GLU CA   C  N S 111 
GLU C    C  N N 112 
GLU O    O  N N 113 
GLU CB   C  N N 114 
GLU CG   C  N N 115 
GLU CD   C  N N 116 
GLU OE1  O  N N 117 
GLU OE2  O  N N 118 
GLU OXT  O  N N 119 
GLU H    H  N N 120 
GLU H2   H  N N 121 
GLU HA   H  N N 122 
GLU HB2  H  N N 123 
GLU HB3  H  N N 124 
GLU HG2  H  N N 125 
GLU HG3  H  N N 126 
GLU HE2  H  N N 127 
GLU HXT  H  N N 128 
GLY N    N  N N 129 
GLY CA   C  N N 130 
GLY C    C  N N 131 
GLY O    O  N N 132 
GLY OXT  O  N N 133 
GLY H    H  N N 134 
GLY H2   H  N N 135 
GLY HA2  H  N N 136 
GLY HA3  H  N N 137 
GLY HXT  H  N N 138 
HIS N    N  N N 139 
HIS CA   C  N S 140 
HIS C    C  N N 141 
HIS O    O  N N 142 
HIS CB   C  N N 143 
HIS CG   C  Y N 144 
HIS ND1  N  Y N 145 
HIS CD2  C  Y N 146 
HIS CE1  C  Y N 147 
HIS NE2  N  Y N 148 
HIS OXT  O  N N 149 
HIS H    H  N N 150 
HIS H2   H  N N 151 
HIS HA   H  N N 152 
HIS HB2  H  N N 153 
HIS HB3  H  N N 154 
HIS HD1  H  N N 155 
HIS HD2  H  N N 156 
HIS HE1  H  N N 157 
HIS HE2  H  N N 158 
HIS HXT  H  N N 159 
HOH O    O  N N 160 
HOH H1   H  N N 161 
HOH H2   H  N N 162 
ILE N    N  N N 163 
ILE CA   C  N S 164 
ILE C    C  N N 165 
ILE O    O  N N 166 
ILE CB   C  N S 167 
ILE CG1  C  N N 168 
ILE CG2  C  N N 169 
ILE CD1  C  N N 170 
ILE OXT  O  N N 171 
ILE H    H  N N 172 
ILE H2   H  N N 173 
ILE HA   H  N N 174 
ILE HB   H  N N 175 
ILE HG12 H  N N 176 
ILE HG13 H  N N 177 
ILE HG21 H  N N 178 
ILE HG22 H  N N 179 
ILE HG23 H  N N 180 
ILE HD11 H  N N 181 
ILE HD12 H  N N 182 
ILE HD13 H  N N 183 
ILE HXT  H  N N 184 
LEU N    N  N N 185 
LEU CA   C  N S 186 
LEU C    C  N N 187 
LEU O    O  N N 188 
LEU CB   C  N N 189 
LEU CG   C  N N 190 
LEU CD1  C  N N 191 
LEU CD2  C  N N 192 
LEU OXT  O  N N 193 
LEU H    H  N N 194 
LEU H2   H  N N 195 
LEU HA   H  N N 196 
LEU HB2  H  N N 197 
LEU HB3  H  N N 198 
LEU HG   H  N N 199 
LEU HD11 H  N N 200 
LEU HD12 H  N N 201 
LEU HD13 H  N N 202 
LEU HD21 H  N N 203 
LEU HD22 H  N N 204 
LEU HD23 H  N N 205 
LEU HXT  H  N N 206 
LYS N    N  N N 207 
LYS CA   C  N S 208 
LYS C    C  N N 209 
LYS O    O  N N 210 
LYS CB   C  N N 211 
LYS CG   C  N N 212 
LYS CD   C  N N 213 
LYS CE   C  N N 214 
LYS NZ   N  N N 215 
LYS OXT  O  N N 216 
LYS H    H  N N 217 
LYS H2   H  N N 218 
LYS HA   H  N N 219 
LYS HB2  H  N N 220 
LYS HB3  H  N N 221 
LYS HG2  H  N N 222 
LYS HG3  H  N N 223 
LYS HD2  H  N N 224 
LYS HD3  H  N N 225 
LYS HE2  H  N N 226 
LYS HE3  H  N N 227 
LYS HZ1  H  N N 228 
LYS HZ2  H  N N 229 
LYS HZ3  H  N N 230 
LYS HXT  H  N N 231 
MET N    N  N N 232 
MET CA   C  N S 233 
MET C    C  N N 234 
MET O    O  N N 235 
MET CB   C  N N 236 
MET CG   C  N N 237 
MET SD   S  N N 238 
MET CE   C  N N 239 
MET OXT  O  N N 240 
MET H    H  N N 241 
MET H2   H  N N 242 
MET HA   H  N N 243 
MET HB2  H  N N 244 
MET HB3  H  N N 245 
MET HG2  H  N N 246 
MET HG3  H  N N 247 
MET HE1  H  N N 248 
MET HE2  H  N N 249 
MET HE3  H  N N 250 
MET HXT  H  N N 251 
NA  NA   NA N N 252 
PHE N    N  N N 253 
PHE CA   C  N S 254 
PHE C    C  N N 255 
PHE O    O  N N 256 
PHE CB   C  N N 257 
PHE CG   C  Y N 258 
PHE CD1  C  Y N 259 
PHE CD2  C  Y N 260 
PHE CE1  C  Y N 261 
PHE CE2  C  Y N 262 
PHE CZ   C  Y N 263 
PHE OXT  O  N N 264 
PHE H    H  N N 265 
PHE H2   H  N N 266 
PHE HA   H  N N 267 
PHE HB2  H  N N 268 
PHE HB3  H  N N 269 
PHE HD1  H  N N 270 
PHE HD2  H  N N 271 
PHE HE1  H  N N 272 
PHE HE2  H  N N 273 
PHE HZ   H  N N 274 
PHE HXT  H  N N 275 
PRO N    N  N N 276 
PRO CA   C  N S 277 
PRO C    C  N N 278 
PRO O    O  N N 279 
PRO CB   C  N N 280 
PRO CG   C  N N 281 
PRO CD   C  N N 282 
PRO OXT  O  N N 283 
PRO H    H  N N 284 
PRO HA   H  N N 285 
PRO HB2  H  N N 286 
PRO HB3  H  N N 287 
PRO HG2  H  N N 288 
PRO HG3  H  N N 289 
PRO HD2  H  N N 290 
PRO HD3  H  N N 291 
PRO HXT  H  N N 292 
SER N    N  N N 293 
SER CA   C  N S 294 
SER C    C  N N 295 
SER O    O  N N 296 
SER CB   C  N N 297 
SER OG   O  N N 298 
SER OXT  O  N N 299 
SER H    H  N N 300 
SER H2   H  N N 301 
SER HA   H  N N 302 
SER HB2  H  N N 303 
SER HB3  H  N N 304 
SER HG   H  N N 305 
SER HXT  H  N N 306 
THR N    N  N N 307 
THR CA   C  N S 308 
THR C    C  N N 309 
THR O    O  N N 310 
THR CB   C  N R 311 
THR OG1  O  N N 312 
THR CG2  C  N N 313 
THR OXT  O  N N 314 
THR H    H  N N 315 
THR H2   H  N N 316 
THR HA   H  N N 317 
THR HB   H  N N 318 
THR HG1  H  N N 319 
THR HG21 H  N N 320 
THR HG22 H  N N 321 
THR HG23 H  N N 322 
THR HXT  H  N N 323 
TRP N    N  N N 324 
TRP CA   C  N S 325 
TRP C    C  N N 326 
TRP O    O  N N 327 
TRP CB   C  N N 328 
TRP CG   C  Y N 329 
TRP CD1  C  Y N 330 
TRP CD2  C  Y N 331 
TRP NE1  N  Y N 332 
TRP CE2  C  Y N 333 
TRP CE3  C  Y N 334 
TRP CZ2  C  Y N 335 
TRP CZ3  C  Y N 336 
TRP CH2  C  Y N 337 
TRP OXT  O  N N 338 
TRP H    H  N N 339 
TRP H2   H  N N 340 
TRP HA   H  N N 341 
TRP HB2  H  N N 342 
TRP HB3  H  N N 343 
TRP HD1  H  N N 344 
TRP HE1  H  N N 345 
TRP HE3  H  N N 346 
TRP HZ2  H  N N 347 
TRP HZ3  H  N N 348 
TRP HH2  H  N N 349 
TRP HXT  H  N N 350 
TYR N    N  N N 351 
TYR CA   C  N S 352 
TYR C    C  N N 353 
TYR O    O  N N 354 
TYR CB   C  N N 355 
TYR CG   C  Y N 356 
TYR CD1  C  Y N 357 
TYR CD2  C  Y N 358 
TYR CE1  C  Y N 359 
TYR CE2  C  Y N 360 
TYR CZ   C  Y N 361 
TYR OH   O  N N 362 
TYR OXT  O  N N 363 
TYR H    H  N N 364 
TYR H2   H  N N 365 
TYR HA   H  N N 366 
TYR HB2  H  N N 367 
TYR HB3  H  N N 368 
TYR HD1  H  N N 369 
TYR HD2  H  N N 370 
TYR HE1  H  N N 371 
TYR HE2  H  N N 372 
TYR HH   H  N N 373 
TYR HXT  H  N N 374 
VAL N    N  N N 375 
VAL CA   C  N S 376 
VAL C    C  N N 377 
VAL O    O  N N 378 
VAL CB   C  N N 379 
VAL CG1  C  N N 380 
VAL CG2  C  N N 381 
VAL OXT  O  N N 382 
VAL H    H  N N 383 
VAL H2   H  N N 384 
VAL HA   H  N N 385 
VAL HB   H  N N 386 
VAL HG11 H  N N 387 
VAL HG12 H  N N 388 
VAL HG13 H  N N 389 
VAL HG21 H  N N 390 
VAL HG22 H  N N 391 
VAL HG23 H  N N 392 
VAL HXT  H  N N 393 
# 
loop_
_chem_comp_bond.comp_id 
_chem_comp_bond.atom_id_1 
_chem_comp_bond.atom_id_2 
_chem_comp_bond.value_order 
_chem_comp_bond.pdbx_aromatic_flag 
_chem_comp_bond.pdbx_stereo_config 
_chem_comp_bond.pdbx_ordinal 
ALA N   CA   sing N N 1   
ALA N   H    sing N N 2   
ALA N   H2   sing N N 3   
ALA CA  C    sing N N 4   
ALA CA  CB   sing N N 5   
ALA CA  HA   sing N N 6   
ALA C   O    doub N N 7   
ALA C   OXT  sing N N 8   
ALA CB  HB1  sing N N 9   
ALA CB  HB2  sing N N 10  
ALA CB  HB3  sing N N 11  
ALA OXT HXT  sing N N 12  
ARG N   CA   sing N N 13  
ARG N   H    sing N N 14  
ARG N   H2   sing N N 15  
ARG CA  C    sing N N 16  
ARG CA  CB   sing N N 17  
ARG CA  HA   sing N N 18  
ARG C   O    doub N N 19  
ARG C   OXT  sing N N 20  
ARG CB  CG   sing N N 21  
ARG CB  HB2  sing N N 22  
ARG CB  HB3  sing N N 23  
ARG CG  CD   sing N N 24  
ARG CG  HG2  sing N N 25  
ARG CG  HG3  sing N N 26  
ARG CD  NE   sing N N 27  
ARG CD  HD2  sing N N 28  
ARG CD  HD3  sing N N 29  
ARG NE  CZ   sing N N 30  
ARG NE  HE   sing N N 31  
ARG CZ  NH1  sing N N 32  
ARG CZ  NH2  doub N N 33  
ARG NH1 HH11 sing N N 34  
ARG NH1 HH12 sing N N 35  
ARG NH2 HH21 sing N N 36  
ARG NH2 HH22 sing N N 37  
ARG OXT HXT  sing N N 38  
ASN N   CA   sing N N 39  
ASN N   H    sing N N 40  
ASN N   H2   sing N N 41  
ASN CA  C    sing N N 42  
ASN CA  CB   sing N N 43  
ASN CA  HA   sing N N 44  
ASN C   O    doub N N 45  
ASN C   OXT  sing N N 46  
ASN CB  CG   sing N N 47  
ASN CB  HB2  sing N N 48  
ASN CB  HB3  sing N N 49  
ASN CG  OD1  doub N N 50  
ASN CG  ND2  sing N N 51  
ASN ND2 HD21 sing N N 52  
ASN ND2 HD22 sing N N 53  
ASN OXT HXT  sing N N 54  
ASP N   CA   sing N N 55  
ASP N   H    sing N N 56  
ASP N   H2   sing N N 57  
ASP CA  C    sing N N 58  
ASP CA  CB   sing N N 59  
ASP CA  HA   sing N N 60  
ASP C   O    doub N N 61  
ASP C   OXT  sing N N 62  
ASP CB  CG   sing N N 63  
ASP CB  HB2  sing N N 64  
ASP CB  HB3  sing N N 65  
ASP CG  OD1  doub N N 66  
ASP CG  OD2  sing N N 67  
ASP OD2 HD2  sing N N 68  
ASP OXT HXT  sing N N 69  
CYS N   CA   sing N N 70  
CYS N   H    sing N N 71  
CYS N   H2   sing N N 72  
CYS CA  C    sing N N 73  
CYS CA  CB   sing N N 74  
CYS CA  HA   sing N N 75  
CYS C   O    doub N N 76  
CYS C   OXT  sing N N 77  
CYS CB  SG   sing N N 78  
CYS CB  HB2  sing N N 79  
CYS CB  HB3  sing N N 80  
CYS SG  HG   sing N N 81  
CYS OXT HXT  sing N N 82  
GLN N   CA   sing N N 83  
GLN N   H    sing N N 84  
GLN N   H2   sing N N 85  
GLN CA  C    sing N N 86  
GLN CA  CB   sing N N 87  
GLN CA  HA   sing N N 88  
GLN C   O    doub N N 89  
GLN C   OXT  sing N N 90  
GLN CB  CG   sing N N 91  
GLN CB  HB2  sing N N 92  
GLN CB  HB3  sing N N 93  
GLN CG  CD   sing N N 94  
GLN CG  HG2  sing N N 95  
GLN CG  HG3  sing N N 96  
GLN CD  OE1  doub N N 97  
GLN CD  NE2  sing N N 98  
GLN NE2 HE21 sing N N 99  
GLN NE2 HE22 sing N N 100 
GLN OXT HXT  sing N N 101 
GLU N   CA   sing N N 102 
GLU N   H    sing N N 103 
GLU N   H2   sing N N 104 
GLU CA  C    sing N N 105 
GLU CA  CB   sing N N 106 
GLU CA  HA   sing N N 107 
GLU C   O    doub N N 108 
GLU C   OXT  sing N N 109 
GLU CB  CG   sing N N 110 
GLU CB  HB2  sing N N 111 
GLU CB  HB3  sing N N 112 
GLU CG  CD   sing N N 113 
GLU CG  HG2  sing N N 114 
GLU CG  HG3  sing N N 115 
GLU CD  OE1  doub N N 116 
GLU CD  OE2  sing N N 117 
GLU OE2 HE2  sing N N 118 
GLU OXT HXT  sing N N 119 
GLY N   CA   sing N N 120 
GLY N   H    sing N N 121 
GLY N   H2   sing N N 122 
GLY CA  C    sing N N 123 
GLY CA  HA2  sing N N 124 
GLY CA  HA3  sing N N 125 
GLY C   O    doub N N 126 
GLY C   OXT  sing N N 127 
GLY OXT HXT  sing N N 128 
HIS N   CA   sing N N 129 
HIS N   H    sing N N 130 
HIS N   H2   sing N N 131 
HIS CA  C    sing N N 132 
HIS CA  CB   sing N N 133 
HIS CA  HA   sing N N 134 
HIS C   O    doub N N 135 
HIS C   OXT  sing N N 136 
HIS CB  CG   sing N N 137 
HIS CB  HB2  sing N N 138 
HIS CB  HB3  sing N N 139 
HIS CG  ND1  sing Y N 140 
HIS CG  CD2  doub Y N 141 
HIS ND1 CE1  doub Y N 142 
HIS ND1 HD1  sing N N 143 
HIS CD2 NE2  sing Y N 144 
HIS CD2 HD2  sing N N 145 
HIS CE1 NE2  sing Y N 146 
HIS CE1 HE1  sing N N 147 
HIS NE2 HE2  sing N N 148 
HIS OXT HXT  sing N N 149 
HOH O   H1   sing N N 150 
HOH O   H2   sing N N 151 
ILE N   CA   sing N N 152 
ILE N   H    sing N N 153 
ILE N   H2   sing N N 154 
ILE CA  C    sing N N 155 
ILE CA  CB   sing N N 156 
ILE CA  HA   sing N N 157 
ILE C   O    doub N N 158 
ILE C   OXT  sing N N 159 
ILE CB  CG1  sing N N 160 
ILE CB  CG2  sing N N 161 
ILE CB  HB   sing N N 162 
ILE CG1 CD1  sing N N 163 
ILE CG1 HG12 sing N N 164 
ILE CG1 HG13 sing N N 165 
ILE CG2 HG21 sing N N 166 
ILE CG2 HG22 sing N N 167 
ILE CG2 HG23 sing N N 168 
ILE CD1 HD11 sing N N 169 
ILE CD1 HD12 sing N N 170 
ILE CD1 HD13 sing N N 171 
ILE OXT HXT  sing N N 172 
LEU N   CA   sing N N 173 
LEU N   H    sing N N 174 
LEU N   H2   sing N N 175 
LEU CA  C    sing N N 176 
LEU CA  CB   sing N N 177 
LEU CA  HA   sing N N 178 
LEU C   O    doub N N 179 
LEU C   OXT  sing N N 180 
LEU CB  CG   sing N N 181 
LEU CB  HB2  sing N N 182 
LEU CB  HB3  sing N N 183 
LEU CG  CD1  sing N N 184 
LEU CG  CD2  sing N N 185 
LEU CG  HG   sing N N 186 
LEU CD1 HD11 sing N N 187 
LEU CD1 HD12 sing N N 188 
LEU CD1 HD13 sing N N 189 
LEU CD2 HD21 sing N N 190 
LEU CD2 HD22 sing N N 191 
LEU CD2 HD23 sing N N 192 
LEU OXT HXT  sing N N 193 
LYS N   CA   sing N N 194 
LYS N   H    sing N N 195 
LYS N   H2   sing N N 196 
LYS CA  C    sing N N 197 
LYS CA  CB   sing N N 198 
LYS CA  HA   sing N N 199 
LYS C   O    doub N N 200 
LYS C   OXT  sing N N 201 
LYS CB  CG   sing N N 202 
LYS CB  HB2  sing N N 203 
LYS CB  HB3  sing N N 204 
LYS CG  CD   sing N N 205 
LYS CG  HG2  sing N N 206 
LYS CG  HG3  sing N N 207 
LYS CD  CE   sing N N 208 
LYS CD  HD2  sing N N 209 
LYS CD  HD3  sing N N 210 
LYS CE  NZ   sing N N 211 
LYS CE  HE2  sing N N 212 
LYS CE  HE3  sing N N 213 
LYS NZ  HZ1  sing N N 214 
LYS NZ  HZ2  sing N N 215 
LYS NZ  HZ3  sing N N 216 
LYS OXT HXT  sing N N 217 
MET N   CA   sing N N 218 
MET N   H    sing N N 219 
MET N   H2   sing N N 220 
MET CA  C    sing N N 221 
MET CA  CB   sing N N 222 
MET CA  HA   sing N N 223 
MET C   O    doub N N 224 
MET C   OXT  sing N N 225 
MET CB  CG   sing N N 226 
MET CB  HB2  sing N N 227 
MET CB  HB3  sing N N 228 
MET CG  SD   sing N N 229 
MET CG  HG2  sing N N 230 
MET CG  HG3  sing N N 231 
MET SD  CE   sing N N 232 
MET CE  HE1  sing N N 233 
MET CE  HE2  sing N N 234 
MET CE  HE3  sing N N 235 
MET OXT HXT  sing N N 236 
PHE N   CA   sing N N 237 
PHE N   H    sing N N 238 
PHE N   H2   sing N N 239 
PHE CA  C    sing N N 240 
PHE CA  CB   sing N N 241 
PHE CA  HA   sing N N 242 
PHE C   O    doub N N 243 
PHE C   OXT  sing N N 244 
PHE CB  CG   sing N N 245 
PHE CB  HB2  sing N N 246 
PHE CB  HB3  sing N N 247 
PHE CG  CD1  doub Y N 248 
PHE CG  CD2  sing Y N 249 
PHE CD1 CE1  sing Y N 250 
PHE CD1 HD1  sing N N 251 
PHE CD2 CE2  doub Y N 252 
PHE CD2 HD2  sing N N 253 
PHE CE1 CZ   doub Y N 254 
PHE CE1 HE1  sing N N 255 
PHE CE2 CZ   sing Y N 256 
PHE CE2 HE2  sing N N 257 
PHE CZ  HZ   sing N N 258 
PHE OXT HXT  sing N N 259 
PRO N   CA   sing N N 260 
PRO N   CD   sing N N 261 
PRO N   H    sing N N 262 
PRO CA  C    sing N N 263 
PRO CA  CB   sing N N 264 
PRO CA  HA   sing N N 265 
PRO C   O    doub N N 266 
PRO C   OXT  sing N N 267 
PRO CB  CG   sing N N 268 
PRO CB  HB2  sing N N 269 
PRO CB  HB3  sing N N 270 
PRO CG  CD   sing N N 271 
PRO CG  HG2  sing N N 272 
PRO CG  HG3  sing N N 273 
PRO CD  HD2  sing N N 274 
PRO CD  HD3  sing N N 275 
PRO OXT HXT  sing N N 276 
SER N   CA   sing N N 277 
SER N   H    sing N N 278 
SER N   H2   sing N N 279 
SER CA  C    sing N N 280 
SER CA  CB   sing N N 281 
SER CA  HA   sing N N 282 
SER C   O    doub N N 283 
SER C   OXT  sing N N 284 
SER CB  OG   sing N N 285 
SER CB  HB2  sing N N 286 
SER CB  HB3  sing N N 287 
SER OG  HG   sing N N 288 
SER OXT HXT  sing N N 289 
THR N   CA   sing N N 290 
THR N   H    sing N N 291 
THR N   H2   sing N N 292 
THR CA  C    sing N N 293 
THR CA  CB   sing N N 294 
THR CA  HA   sing N N 295 
THR C   O    doub N N 296 
THR C   OXT  sing N N 297 
THR CB  OG1  sing N N 298 
THR CB  CG2  sing N N 299 
THR CB  HB   sing N N 300 
THR OG1 HG1  sing N N 301 
THR CG2 HG21 sing N N 302 
THR CG2 HG22 sing N N 303 
THR CG2 HG23 sing N N 304 
THR OXT HXT  sing N N 305 
TRP N   CA   sing N N 306 
TRP N   H    sing N N 307 
TRP N   H2   sing N N 308 
TRP CA  C    sing N N 309 
TRP CA  CB   sing N N 310 
TRP CA  HA   sing N N 311 
TRP C   O    doub N N 312 
TRP C   OXT  sing N N 313 
TRP CB  CG   sing N N 314 
TRP CB  HB2  sing N N 315 
TRP CB  HB3  sing N N 316 
TRP CG  CD1  doub Y N 317 
TRP CG  CD2  sing Y N 318 
TRP CD1 NE1  sing Y N 319 
TRP CD1 HD1  sing N N 320 
TRP CD2 CE2  doub Y N 321 
TRP CD2 CE3  sing Y N 322 
TRP NE1 CE2  sing Y N 323 
TRP NE1 HE1  sing N N 324 
TRP CE2 CZ2  sing Y N 325 
TRP CE3 CZ3  doub Y N 326 
TRP CE3 HE3  sing N N 327 
TRP CZ2 CH2  doub Y N 328 
TRP CZ2 HZ2  sing N N 329 
TRP CZ3 CH2  sing Y N 330 
TRP CZ3 HZ3  sing N N 331 
TRP CH2 HH2  sing N N 332 
TRP OXT HXT  sing N N 333 
TYR N   CA   sing N N 334 
TYR N   H    sing N N 335 
TYR N   H2   sing N N 336 
TYR CA  C    sing N N 337 
TYR CA  CB   sing N N 338 
TYR CA  HA   sing N N 339 
TYR C   O    doub N N 340 
TYR C   OXT  sing N N 341 
TYR CB  CG   sing N N 342 
TYR CB  HB2  sing N N 343 
TYR CB  HB3  sing N N 344 
TYR CG  CD1  doub Y N 345 
TYR CG  CD2  sing Y N 346 
TYR CD1 CE1  sing Y N 347 
TYR CD1 HD1  sing N N 348 
TYR CD2 CE2  doub Y N 349 
TYR CD2 HD2  sing N N 350 
TYR CE1 CZ   doub Y N 351 
TYR CE1 HE1  sing N N 352 
TYR CE2 CZ   sing Y N 353 
TYR CE2 HE2  sing N N 354 
TYR CZ  OH   sing N N 355 
TYR OH  HH   sing N N 356 
TYR OXT HXT  sing N N 357 
VAL N   CA   sing N N 358 
VAL N   H    sing N N 359 
VAL N   H2   sing N N 360 
VAL CA  C    sing N N 361 
VAL CA  CB   sing N N 362 
VAL CA  HA   sing N N 363 
VAL C   O    doub N N 364 
VAL C   OXT  sing N N 365 
VAL CB  CG1  sing N N 366 
VAL CB  CG2  sing N N 367 
VAL CB  HB   sing N N 368 
VAL CG1 HG11 sing N N 369 
VAL CG1 HG12 sing N N 370 
VAL CG1 HG13 sing N N 371 
VAL CG2 HG21 sing N N 372 
VAL CG2 HG22 sing N N 373 
VAL CG2 HG23 sing N N 374 
VAL OXT HXT  sing N N 375 
# 
_pdbx_initial_refinement_model.id               1 
_pdbx_initial_refinement_model.entity_id_list   ? 
_pdbx_initial_refinement_model.type             'experimental model' 
_pdbx_initial_refinement_model.source_name      PDB 
_pdbx_initial_refinement_model.accession_code   1EDM 
_pdbx_initial_refinement_model.details          'PDB ENTRY 1EDM' 
# 
_atom_sites.entry_id                    2VJ3 
_atom_sites.fract_transf_matrix[1][1]   -0.02664011 
_atom_sites.fract_transf_matrix[1][2]   -0.01964213 
_atom_sites.fract_transf_matrix[1][3]   0.02463606 
_atom_sites.fract_transf_matrix[2][1]   -0.00857394 
_atom_sites.fract_transf_matrix[2][2]   0.01519126 
_atom_sites.fract_transf_matrix[2][3]   0.03739119 
_atom_sites.fract_transf_matrix[3][1]   -0.00266882 
_atom_sites.fract_transf_matrix[3][2]   0.00188933 
_atom_sites.fract_transf_matrix[3][3]   -0.00137957 
_atom_sites.fract_transf_vector[1]      -0.264920 
_atom_sites.fract_transf_vector[2]      0.272378 
_atom_sites.fract_transf_vector[3]      -0.075335 
# 
loop_
_atom_type.symbol 
C  
CA 
CL 
N  
NA 
O  
S  
# 
loop_
_atom_site.group_PDB 
_atom_site.id 
_atom_site.type_symbol 
_atom_site.label_atom_id 
_atom_site.label_alt_id 
_atom_site.label_comp_id 
_atom_site.label_asym_id 
_atom_site.label_entity_id 
_atom_site.label_seq_id 
_atom_site.pdbx_PDB_ins_code 
_atom_site.Cartn_x 
_atom_site.Cartn_y 
_atom_site.Cartn_z 
_atom_site.occupancy 
_atom_site.B_iso_or_equiv 
_atom_site.pdbx_formal_charge 
_atom_site.auth_seq_id 
_atom_site.auth_comp_id 
_atom_site.auth_asym_id 
_atom_site.auth_atom_id 
_atom_site.pdbx_PDB_model_num 
ATOM   1   N  N   . GLN A 1 3   ? -37.178 30.862  -13.216 1.00 52.12  ? 411  GLN A N   1 
ATOM   2   C  CA  . GLN A 1 3   ? -36.696 30.031  -14.356 1.00 51.85  ? 411  GLN A CA  1 
ATOM   3   C  C   . GLN A 1 3   ? -35.353 29.395  -14.038 1.00 54.80  ? 411  GLN A C   1 
ATOM   4   O  O   . GLN A 1 3   ? -34.462 30.045  -13.484 1.00 54.84  ? 411  GLN A O   1 
ATOM   5   C  CB  . GLN A 1 3   ? -36.603 30.864  -15.637 1.00 52.58  ? 411  GLN A CB  1 
ATOM   6   C  CG  . GLN A 1 3   ? -36.298 30.071  -16.914 1.00 60.65  ? 411  GLN A CG  1 
ATOM   7   C  CD  . GLN A 1 3   ? -37.342 29.006  -17.230 1.00 71.36  ? 411  GLN A CD  1 
ATOM   8   O  OE1 . GLN A 1 3   ? -38.539 29.197  -17.006 1.00 64.27  ? 411  GLN A OE1 1 
ATOM   9   N  NE2 . GLN A 1 3   ? -36.885 27.877  -17.764 1.00 64.83  ? 411  GLN A NE2 1 
ATOM   10  N  N   . ASP A 1 4   ? -35.218 28.119  -14.391 1.00 49.63  ? 412  ASP A N   1 
ATOM   11  C  CA  . ASP A 1 4   ? -33.999 27.358  -14.133 1.00 48.47  ? 412  ASP A CA  1 
ATOM   12  C  C   . ASP A 1 4   ? -33.406 26.786  -15.418 1.00 49.52  ? 412  ASP A C   1 
ATOM   13  O  O   . ASP A 1 4   ? -34.132 26.293  -16.285 1.00 49.39  ? 412  ASP A O   1 
ATOM   14  C  CB  . ASP A 1 4   ? -34.282 26.231  -13.133 1.00 50.34  ? 412  ASP A CB  1 
ATOM   15  C  CG  . ASP A 1 4   ? -33.039 25.427  -12.785 1.00 61.43  ? 412  ASP A CG  1 
ATOM   16  O  OD1 . ASP A 1 4   ? -32.008 26.032  -12.421 1.00 61.25  ? 412  ASP A OD1 1 
ATOM   17  O  OD2 . ASP A 1 4   ? -33.096 24.180  -12.872 1.00 66.56  ? 412  ASP A OD2 1 
ATOM   18  N  N   . VAL A 1 5   ? -32.082 26.862  -15.531 1.00 43.21  ? 413  VAL A N   1 
ATOM   19  C  CA  . VAL A 1 5   ? -31.356 26.274  -16.656 1.00 40.97  ? 413  VAL A CA  1 
ATOM   20  C  C   . VAL A 1 5   ? -30.644 24.989  -16.217 1.00 40.51  ? 413  VAL A C   1 
ATOM   21  O  O   . VAL A 1 5   ? -29.944 24.971  -15.203 1.00 40.03  ? 413  VAL A O   1 
ATOM   22  C  CB  . VAL A 1 5   ? -30.372 27.297  -17.316 1.00 45.43  ? 413  VAL A CB  1 
ATOM   23  C  CG1 . VAL A 1 5   ? -29.383 27.874  -16.297 1.00 45.43  ? 413  VAL A CG1 1 
ATOM   24  C  CG2 . VAL A 1 5   ? -29.640 26.678  -18.507 1.00 44.99  ? 413  VAL A CG2 1 
ATOM   25  N  N   . ASP A 1 6   ? -30.854 23.915  -16.974 1.00 34.20  ? 414  ASP A N   1 
ATOM   26  C  CA  . ASP A 1 6   ? -30.229 22.626  -16.692 1.00 32.61  ? 414  ASP A CA  1 
ATOM   27  C  C   . ASP A 1 6   ? -28.789 22.609  -17.211 1.00 34.36  ? 414  ASP A C   1 
ATOM   28  O  O   . ASP A 1 6   ? -28.553 22.384  -18.400 1.00 33.46  ? 414  ASP A O   1 
ATOM   29  C  CB  . ASP A 1 6   ? -31.051 21.488  -17.315 1.00 33.87  ? 414  ASP A CB  1 
ATOM   30  C  CG  . ASP A 1 6   ? -30.563 20.100  -16.904 1.00 39.33  ? 414  ASP A CG  1 
ATOM   31  O  OD1 . ASP A 1 6   ? -29.538 19.987  -16.198 1.00 37.80  ? 414  ASP A OD1 1 
ATOM   32  O  OD2 . ASP A 1 6   ? -31.218 19.112  -17.296 1.00 42.36  ? 414  ASP A OD2 1 
ATOM   33  N  N   . GLU A 1 7   ? -27.839 22.845  -16.307 1.00 28.92  ? 415  GLU A N   1 
ATOM   34  C  CA  . GLU A 1 7   ? -26.413 22.879  -16.647 1.00 28.44  ? 415  GLU A CA  1 
ATOM   35  C  C   . GLU A 1 7   ? -25.877 21.531  -17.109 1.00 33.53  ? 415  GLU A C   1 
ATOM   36  O  O   . GLU A 1 7   ? -24.887 21.473  -17.838 1.00 32.89  ? 415  GLU A O   1 
ATOM   37  C  CB  . GLU A 1 7   ? -25.588 23.396  -15.469 1.00 30.08  ? 415  GLU A CB  1 
ATOM   38  C  CG  . GLU A 1 7   ? -25.631 24.902  -15.254 1.00 37.01  ? 415  GLU A CG  1 
ATOM   39  C  CD  . GLU A 1 7   ? -26.778 25.349  -14.363 1.00 47.65  ? 415  GLU A CD  1 
ATOM   40  O  OE1 . GLU A 1 7   ? -27.472 24.487  -13.781 1.00 37.81  ? 415  GLU A OE1 1 
ATOM   41  O  OE2 . GLU A 1 7   ? -26.980 26.575  -14.235 1.00 37.13  ? 415  GLU A OE2 1 
ATOM   42  N  N   . CYS A 1 8   ? -26.535 20.456  -16.680 1.00 30.16  ? 416  CYS A N   1 
ATOM   43  C  CA  . CYS A 1 8   ? -26.142 19.100  -17.034 1.00 30.21  ? 416  CYS A CA  1 
ATOM   44  C  C   . CYS A 1 8   ? -26.518 18.745  -18.472 1.00 37.41  ? 416  CYS A C   1 
ATOM   45  O  O   . CYS A 1 8   ? -25.808 17.989  -19.137 1.00 37.69  ? 416  CYS A O   1 
ATOM   46  C  CB  . CYS A 1 8   ? -26.765 18.093  -16.064 1.00 30.34  ? 416  CYS A CB  1 
ATOM   47  S  SG  . CYS A 1 8   ? -26.477 18.462  -14.317 1.00 34.37  ? 416  CYS A SG  1 
ATOM   48  N  N   . SER A 1 9   ? -27.623 19.290  -18.933 1.00 36.40  ? 417  SER A N   1 
ATOM   49  C  CA  . SER A 1 9   ? -28.118 19.038  -20.287 1.00 37.43  ? 417  SER A CA  1 
ATOM   50  C  C   . SER A 1 9   ? -27.359 19.824  -21.357 1.00 41.63  ? 417  SER A C   1 
ATOM   51  O  O   . SER A 1 9   ? -27.457 19.513  -22.545 1.00 41.83  ? 417  SER A O   1 
ATOM   52  C  CB  . SER A 1 9   ? -29.618 19.334  -20.377 1.00 42.28  ? 417  SER A CB  1 
ATOM   53  O  OG  . SER A 1 9   ? -30.374 18.329  -19.727 1.00 54.74  ? 417  SER A OG  1 
ATOM   54  N  N   . LEU A 1 10  ? -26.602 20.834  -20.927 1.00 38.26  ? 418  LEU A N   1 
ATOM   55  C  CA  . LEU A 1 10  ? -25.770 21.644  -21.824 1.00 37.36  ? 418  LEU A CA  1 
ATOM   56  C  C   . LEU A 1 10  ? -24.707 20.812  -22.551 1.00 40.48  ? 418  LEU A C   1 
ATOM   57  O  O   . LEU A 1 10  ? -24.510 19.639  -22.237 1.00 40.36  ? 418  LEU A O   1 
ATOM   58  C  CB  . LEU A 1 10  ? -25.116 22.796  -21.049 1.00 37.39  ? 418  LEU A CB  1 
ATOM   59  C  CG  . LEU A 1 10  ? -25.733 24.203  -21.094 1.00 43.02  ? 418  LEU A CG  1 
ATOM   60  C  CD1 . LEU A 1 10  ? -27.215 24.227  -20.736 1.00 43.03  ? 418  LEU A CD1 1 
ATOM   61  C  CD2 . LEU A 1 10  ? -24.954 25.143  -20.185 1.00 45.46  ? 418  LEU A CD2 1 
ATOM   62  N  N   . GLY A 1 11  ? -24.041 21.433  -23.523 1.00 36.31  ? 419  GLY A N   1 
ATOM   63  C  CA  . GLY A 1 11  ? -23.055 20.767  -24.371 1.00 35.37  ? 419  GLY A CA  1 
ATOM   64  C  C   . GLY A 1 11  ? -22.104 19.842  -23.648 1.00 38.45  ? 419  GLY A C   1 
ATOM   65  O  O   . GLY A 1 11  ? -22.057 18.644  -23.933 1.00 38.46  ? 419  GLY A O   1 
ATOM   66  N  N   . ALA A 1 12  ? -21.352 20.399  -22.703 1.00 34.50  ? 420  ALA A N   1 
ATOM   67  C  CA  . ALA A 1 12  ? -20.366 19.636  -21.943 1.00 33.43  ? 420  ALA A CA  1 
ATOM   68  C  C   . ALA A 1 12  ? -20.853 19.294  -20.537 1.00 36.08  ? 420  ALA A C   1 
ATOM   69  O  O   . ALA A 1 12  ? -21.692 19.998  -19.970 1.00 35.98  ? 420  ALA A O   1 
ATOM   70  C  CB  . ALA A 1 12  ? -19.048 20.397  -21.876 1.00 33.85  ? 420  ALA A CB  1 
ATOM   71  N  N   . ASN A 1 13  ? -20.320 18.204  -19.991 1.00 30.35  ? 421  ASN A N   1 
ATOM   72  C  CA  . ASN A 1 13  ? -20.545 17.830  -18.601 1.00 29.86  ? 421  ASN A CA  1 
ATOM   73  C  C   . ASN A 1 13  ? -19.621 18.654  -17.702 1.00 33.45  ? 421  ASN A C   1 
ATOM   74  O  O   . ASN A 1 13  ? -18.396 18.555  -17.819 1.00 33.38  ? 421  ASN A O   1 
ATOM   75  C  CB  . ASN A 1 13  ? -20.303 16.325  -18.414 1.00 31.91  ? 421  ASN A CB  1 
ATOM   76  C  CG  . ASN A 1 13  ? -20.633 15.833  -17.008 1.00 56.41  ? 421  ASN A CG  1 
ATOM   77  O  OD1 . ASN A 1 13  ? -21.365 16.478  -16.257 1.00 50.13  ? 421  ASN A OD1 1 
ATOM   78  N  ND2 . ASN A 1 13  ? -20.095 14.670  -16.654 1.00 48.67  ? 421  ASN A ND2 1 
ATOM   79  N  N   . PRO A 1 14  ? -20.204 19.489  -16.818 1.00 28.69  ? 422  PRO A N   1 
ATOM   80  C  CA  . PRO A 1 14  ? -19.409 20.327  -15.914 1.00 28.54  ? 422  PRO A CA  1 
ATOM   81  C  C   . PRO A 1 14  ? -18.675 19.533  -14.832 1.00 30.87  ? 422  PRO A C   1 
ATOM   82  O  O   . PRO A 1 14  ? -17.774 20.068  -14.181 1.00 30.87  ? 422  PRO A O   1 
ATOM   83  C  CB  . PRO A 1 14  ? -20.454 21.253  -15.285 1.00 30.40  ? 422  PRO A CB  1 
ATOM   84  C  CG  . PRO A 1 14  ? -21.726 20.505  -15.373 1.00 34.79  ? 422  PRO A CG  1 
ATOM   85  C  CD  . PRO A 1 14  ? -21.652 19.705  -16.633 1.00 30.41  ? 422  PRO A CD  1 
ATOM   86  N  N   . CYS A 1 15  ? -19.062 18.274  -14.645 1.00 28.32  ? 423  CYS A N   1 
ATOM   87  C  CA  . CYS A 1 15  ? -18.397 17.383  -13.697 1.00 27.05  ? 423  CYS A CA  1 
ATOM   88  C  C   . CYS A 1 15  ? -17.240 16.662  -14.375 1.00 31.51  ? 423  CYS A C   1 
ATOM   89  O  O   . CYS A 1 15  ? -17.433 15.926  -15.347 1.00 31.06  ? 423  CYS A O   1 
ATOM   90  C  CB  . CYS A 1 15  ? -19.386 16.368  -13.123 1.00 25.71  ? 423  CYS A CB  1 
ATOM   91  S  SG  . CYS A 1 15  ? -20.905 17.084  -12.470 1.00 28.46  ? 423  CYS A SG  1 
ATOM   92  N  N   . GLU A 1 16  ? -16.047 16.891  -13.864 1.00 29.52  ? 424  GLU A N   1 
ATOM   93  C  CA  . GLU A 1 16  ? -14.841 16.282  -14.415 1.00 29.21  ? 424  GLU A CA  1 
ATOM   94  C  C   . GLU A 1 16  ? -14.698 14.824  -13.982 1.00 32.86  ? 424  GLU A C   1 
ATOM   95  O  O   . GLU A 1 16  ? -15.344 14.387  -13.026 1.00 33.33  ? 424  GLU A O   1 
ATOM   96  C  CB  . GLU A 1 16  ? -13.602 17.090  -14.016 1.00 31.11  ? 424  GLU A CB  1 
ATOM   97  C  CG  . GLU A 1 16  ? -13.518 18.466  -14.668 1.00 42.90  ? 424  GLU A CG  1 
ATOM   98  C  CD  . GLU A 1 16  ? -12.390 19.320  -14.114 1.00 64.61  ? 424  GLU A CD  1 
ATOM   99  O  OE1 . GLU A 1 16  ? -11.288 18.782  -13.868 1.00 77.74  ? 424  GLU A OE1 1 
ATOM   100 O  OE2 . GLU A 1 16  ? -12.603 20.539  -13.930 1.00 51.63  ? 424  GLU A OE2 1 
ATOM   101 N  N   . HIS A 1 17  ? -13.854 14.085  -14.703 1.00 31.11  ? 425  HIS A N   1 
ATOM   102 C  CA  . HIS A 1 17  ? -13.551 12.674  -14.420 1.00 30.55  ? 425  HIS A CA  1 
ATOM   103 C  C   . HIS A 1 17  ? -14.786 11.766  -14.394 1.00 33.02  ? 425  HIS A C   1 
ATOM   104 O  O   . HIS A 1 17  ? -14.944 10.941  -13.489 1.00 32.91  ? 425  HIS A O   1 
ATOM   105 C  CB  . HIS A 1 17  ? -12.724 12.533  -13.134 1.00 30.33  ? 425  HIS A CB  1 
ATOM   106 C  CG  . HIS A 1 17  ? -11.404 13.236  -13.187 1.00 34.38  ? 425  HIS A CG  1 
ATOM   107 N  ND1 . HIS A 1 17  ? -11.160 14.413  -12.513 1.00 36.88  ? 425  HIS A ND1 1 
ATOM   108 C  CD2 . HIS A 1 17  ? -10.257 12.932  -13.840 1.00 36.10  ? 425  HIS A CD2 1 
ATOM   109 C  CE1 . HIS A 1 17  ? -9.919  14.801  -12.744 1.00 36.49  ? 425  HIS A CE1 1 
ATOM   110 N  NE2 . HIS A 1 17  ? -9.350  13.920  -13.548 1.00 36.81  ? 425  HIS A NE2 1 
ATOM   111 N  N   . ALA A 1 18  ? -15.650 11.933  -15.397 1.00 29.27  ? 426  ALA A N   1 
ATOM   112 C  CA  . ALA A 1 18  ? -16.871 11.131  -15.575 1.00 28.61  ? 426  ALA A CA  1 
ATOM   113 C  C   . ALA A 1 18  ? -17.816 11.126  -14.366 1.00 31.28  ? 426  ALA A C   1 
ATOM   114 O  O   . ALA A 1 18  ? -18.509 10.137  -14.107 1.00 31.00  ? 426  ALA A O   1 
ATOM   115 C  CB  . ALA A 1 18  ? -16.524 9.699   -16.013 1.00 28.99  ? 426  ALA A CB  1 
ATOM   116 N  N   . GLY A 1 19  ? -17.841 12.238  -13.635 1.00 26.85  ? 427  GLY A N   1 
ATOM   117 C  CA  . GLY A 1 19  ? -18.756 12.412  -12.511 1.00 25.83  ? 427  GLY A CA  1 
ATOM   118 C  C   . GLY A 1 19  ? -20.170 12.659  -12.994 1.00 28.99  ? 427  GLY A C   1 
ATOM   119 O  O   . GLY A 1 19  ? -20.361 13.235  -14.053 1.00 29.38  ? 427  GLY A O   1 
ATOM   120 N  N   . LYS A 1 20  ? -21.149 12.209  -12.216 1.00 25.50  ? 428  LYS A N   1 
ATOM   121 C  CA  . LYS A 1 20  ? -22.542 12.352  -12.572 1.00 24.59  ? 428  LYS A CA  1 
ATOM   122 C  C   . LYS A 1 20  ? -23.037 13.760  -12.252 1.00 30.62  ? 428  LYS A C   1 
ATOM   123 O  O   . LYS A 1 20  ? -22.888 14.237  -11.125 1.00 29.72  ? 428  LYS A O   1 
ATOM   124 C  CB  . LYS A 1 20  ? -23.402 11.304  -11.859 1.00 26.15  ? 428  LYS A CB  1 
ATOM   125 C  CG  . LYS A 1 20  ? -24.852 11.259  -12.326 1.00 33.42  ? 428  LYS A CG  1 
ATOM   126 C  CD  . LYS A 1 20  ? -25.687 10.335  -11.456 1.00 38.95  ? 428  LYS A CD  1 
ATOM   127 C  CE  . LYS A 1 20  ? -27.157 10.396  -11.837 1.00 47.63  ? 428  LYS A CE  1 
ATOM   128 N  NZ  . LYS A 1 20  ? -27.989 9.505   -10.981 1.00 55.08  ? 428  LYS A NZ  1 
ATOM   129 N  N   . CYS A 1 21  ? -23.620 14.417  -13.251 1.00 27.58  ? 429  CYS A N   1 
ATOM   130 C  CA  . CYS A 1 21  ? -24.200 15.742  -13.064 1.00 27.19  ? 429  CYS A CA  1 
ATOM   131 C  C   . CYS A 1 21  ? -25.653 15.634  -12.625 1.00 29.60  ? 429  CYS A C   1 
ATOM   132 O  O   . CYS A 1 21  ? -26.466 14.981  -13.284 1.00 30.16  ? 429  CYS A O   1 
ATOM   133 C  CB  . CYS A 1 21  ? -24.093 16.579  -14.342 1.00 28.89  ? 429  CYS A CB  1 
ATOM   134 S  SG  . CYS A 1 21  ? -24.459 18.342  -14.114 1.00 31.52  ? 429  CYS A SG  1 
ATOM   135 N  N   . ILE A 1 22  ? -25.962 16.275  -11.503 1.00 25.12  ? 430  ILE A N   1 
ATOM   136 C  CA  . ILE A 1 22  ? -27.323 16.336  -10.989 1.00 23.59  ? 430  ILE A CA  1 
ATOM   137 C  C   . ILE A 1 22  ? -27.782 17.792  -10.960 1.00 27.97  ? 430  ILE A C   1 
ATOM   138 O  O   . ILE A 1 22  ? -27.172 18.634  -10.297 1.00 28.22  ? 430  ILE A O   1 
ATOM   139 C  CB  . ILE A 1 22  ? -27.436 15.691  -9.586  1.00 27.88  ? 430  ILE A CB  1 
ATOM   140 C  CG1 . ILE A 1 22  ? -27.090 14.197  -9.653  1.00 28.26  ? 430  ILE A CG1 1 
ATOM   141 C  CG2 . ILE A 1 22  ? -28.835 15.894  -9.014  1.00 28.97  ? 430  ILE A CG2 1 
ATOM   142 C  CD1 . ILE A 1 22  ? -26.757 13.566  -8.312  1.00 33.44  ? 430  ILE A CD1 1 
ATOM   143 N  N   . ASN A 1 23  ? -28.853 18.076  -11.695 1.00 24.51  ? 431  ASN A N   1 
ATOM   144 C  CA  . ASN A 1 23  ? -29.390 19.427  -11.805 1.00 23.78  ? 431  ASN A CA  1 
ATOM   145 C  C   . ASN A 1 23  ? -30.179 19.838  -10.569 1.00 28.12  ? 431  ASN A C   1 
ATOM   146 O  O   . ASN A 1 23  ? -30.979 19.060  -10.044 1.00 28.35  ? 431  ASN A O   1 
ATOM   147 C  CB  . ASN A 1 23  ? -30.257 19.538  -13.056 1.00 23.46  ? 431  ASN A CB  1 
ATOM   148 C  CG  . ASN A 1 23  ? -30.769 20.944  -13.285 1.00 35.40  ? 431  ASN A CG  1 
ATOM   149 O  OD1 . ASN A 1 23  ? -30.054 21.928  -13.081 1.00 25.45  ? 431  ASN A OD1 1 
ATOM   150 N  ND2 . ASN A 1 23  ? -32.019 21.046  -13.722 1.00 27.95  ? 431  ASN A ND2 1 
ATOM   151 N  N   . THR A 1 24  ? -29.945 21.065  -10.107 1.00 23.87  ? 432  THR A N   1 
ATOM   152 C  CA  . THR A 1 24  ? -30.739 21.665  -9.035  1.00 24.40  ? 432  THR A CA  1 
ATOM   153 C  C   . THR A 1 24  ? -31.378 22.962  -9.520  1.00 29.98  ? 432  THR A C   1 
ATOM   154 O  O   . THR A 1 24  ? -31.046 23.462  -10.598 1.00 29.90  ? 432  THR A O   1 
ATOM   155 C  CB  . THR A 1 24  ? -29.910 21.932  -7.752  1.00 28.60  ? 432  THR A CB  1 
ATOM   156 O  OG1 . THR A 1 24  ? -28.903 22.916  -8.011  1.00 28.56  ? 432  THR A OG1 1 
ATOM   157 C  CG2 . THR A 1 24  ? -29.249 20.652  -7.249  1.00 26.55  ? 432  THR A CG2 1 
ATOM   158 N  N   . LEU A 1 25  ? -32.308 23.499  -8.734  1.00 28.41  ? 433  LEU A N   1 
ATOM   159 C  CA  . LEU A 1 25  ? -32.955 24.768  -9.060  1.00 28.38  ? 433  LEU A CA  1 
ATOM   160 C  C   . LEU A 1 25  ? -32.061 25.939  -8.660  1.00 32.42  ? 433  LEU A C   1 
ATOM   161 O  O   . LEU A 1 25  ? -31.871 26.212  -7.472  1.00 32.19  ? 433  LEU A O   1 
ATOM   162 C  CB  . LEU A 1 25  ? -34.328 24.881  -8.385  1.00 28.94  ? 433  LEU A CB  1 
ATOM   163 C  CG  . LEU A 1 25  ? -35.446 23.914  -8.796  1.00 33.71  ? 433  LEU A CG  1 
ATOM   164 C  CD1 . LEU A 1 25  ? -36.626 24.046  -7.845  1.00 33.35  ? 433  LEU A CD1 1 
ATOM   165 C  CD2 . LEU A 1 25  ? -35.893 24.131  -10.240 1.00 36.13  ? 433  LEU A CD2 1 
ATOM   166 N  N   . GLY A 1 26  ? -31.509 26.617  -9.663  1.00 29.17  ? 434  GLY A N   1 
ATOM   167 C  CA  . GLY A 1 26  ? -30.619 27.753  -9.438  1.00 28.26  ? 434  GLY A CA  1 
ATOM   168 C  C   . GLY A 1 26  ? -29.159 27.446  -9.723  1.00 31.79  ? 434  GLY A C   1 
ATOM   169 O  O   . GLY A 1 26  ? -28.396 28.337  -10.103 1.00 32.00  ? 434  GLY A O   1 
ATOM   170 N  N   . SER A 1 27  ? -28.770 26.185  -9.536  1.00 26.74  ? 435  SER A N   1 
ATOM   171 C  CA  . SER A 1 27  ? -27.395 25.758  -9.747  1.00 26.05  ? 435  SER A CA  1 
ATOM   172 C  C   . SER A 1 27  ? -27.336 24.302  -10.223 1.00 28.10  ? 435  SER A C   1 
ATOM   173 O  O   . SER A 1 27  ? -28.233 23.839  -10.932 1.00 26.41  ? 435  SER A O   1 
ATOM   174 C  CB  . SER A 1 27  ? -26.593 25.952  -8.462  1.00 28.96  ? 435  SER A CB  1 
ATOM   175 O  OG  . SER A 1 27  ? -25.207 25.781  -8.696  1.00 38.21  ? 435  SER A OG  1 
ATOM   176 N  N   . PHE A 1 28  ? -26.278 23.602  -9.846  1.00 22.93  ? 436  PHE A N   1 
ATOM   177 C  CA  . PHE A 1 28  ? -26.121 22.175  -10.131 1.00 21.64  ? 436  PHE A CA  1 
ATOM   178 C  C   . PHE A 1 28  ? -25.149 21.546  -9.133  1.00 24.37  ? 436  PHE A C   1 
ATOM   179 O  O   . PHE A 1 28  ? -24.420 22.254  -8.433  1.00 23.30  ? 436  PHE A O   1 
ATOM   180 C  CB  . PHE A 1 28  ? -25.647 21.944  -11.576 1.00 23.46  ? 436  PHE A CB  1 
ATOM   181 C  CG  . PHE A 1 28  ? -24.222 22.366  -11.832 1.00 25.03  ? 436  PHE A CG  1 
ATOM   182 C  CD1 . PHE A 1 28  ? -23.180 21.448  -11.727 1.00 26.60  ? 436  PHE A CD1 1 
ATOM   183 C  CD2 . PHE A 1 28  ? -23.922 23.677  -12.189 1.00 26.06  ? 436  PHE A CD2 1 
ATOM   184 C  CE1 . PHE A 1 28  ? -21.864 21.831  -11.959 1.00 27.29  ? 436  PHE A CE1 1 
ATOM   185 C  CE2 . PHE A 1 28  ? -22.609 24.069  -12.428 1.00 28.32  ? 436  PHE A CE2 1 
ATOM   186 C  CZ  . PHE A 1 28  ? -21.577 23.144  -12.312 1.00 26.52  ? 436  PHE A CZ  1 
ATOM   187 N  N   . GLU A 1 29  ? -25.141 20.217  -9.073  1.00 20.17  ? 437  GLU A N   1 
ATOM   188 C  CA  . GLU A 1 29  ? -24.214 19.486  -8.209  1.00 21.09  ? 437  GLU A CA  1 
ATOM   189 C  C   . GLU A 1 29  ? -23.596 18.286  -8.925  1.00 26.22  ? 437  GLU A C   1 
ATOM   190 O  O   . GLU A 1 29  ? -24.187 17.732  -9.854  1.00 24.86  ? 437  GLU A O   1 
ATOM   191 C  CB  . GLU A 1 29  ? -24.899 19.055  -6.905  1.00 21.54  ? 437  GLU A CB  1 
ATOM   192 C  CG  . GLU A 1 29  ? -26.164 18.222  -7.088  1.00 27.90  ? 437  GLU A CG  1 
ATOM   193 C  CD  . GLU A 1 29  ? -26.938 18.016  -5.799  1.00 38.64  ? 437  GLU A CD  1 
ATOM   194 O  OE1 . GLU A 1 29  ? -26.823 18.852  -4.877  1.00 31.77  ? 437  GLU A OE1 1 
ATOM   195 O  OE2 . GLU A 1 29  ? -27.676 17.016  -5.712  1.00 35.27  ? 437  GLU A OE2 1 
ATOM   196 N  N   . CYS A 1 30  ? -22.401 17.899  -8.487  1.00 23.98  ? 438  CYS A N   1 
ATOM   197 C  CA  . CYS A 1 30  ? -21.687 16.768  -9.070  1.00 24.60  ? 438  CYS A CA  1 
ATOM   198 C  C   . CYS A 1 30  ? -21.575 15.603  -8.097  1.00 28.08  ? 438  CYS A C   1 
ATOM   199 O  O   . CYS A 1 30  ? -21.142 15.779  -6.965  1.00 28.38  ? 438  CYS A O   1 
ATOM   200 C  CB  . CYS A 1 30  ? -20.292 17.192  -9.528  1.00 25.88  ? 438  CYS A CB  1 
ATOM   201 S  SG  . CYS A 1 30  ? -20.278 18.280  -10.958 1.00 30.48  ? 438  CYS A SG  1 
ATOM   202 N  N   . GLN A 1 31  ? -21.993 14.427  -8.557  1.00 23.96  ? 439  GLN A N   1 
ATOM   203 C  CA  . GLN A 1 31  ? -21.813 13.199  -7.823  1.00 22.64  ? 439  GLN A CA  1 
ATOM   204 C  C   . GLN A 1 31  ? -20.528 12.545  -8.327  1.00 28.84  ? 439  GLN A C   1 
ATOM   205 O  O   . GLN A 1 31  ? -20.501 11.934  -9.400  1.00 28.71  ? 439  GLN A O   1 
ATOM   206 C  CB  . GLN A 1 31  ? -23.017 12.272  -8.004  1.00 24.52  ? 439  GLN A CB  1 
ATOM   207 C  CG  . GLN A 1 31  ? -23.088 11.134  -6.999  1.00 28.04  ? 439  GLN A CG  1 
ATOM   208 C  CD  . GLN A 1 31  ? -24.348 10.306  -7.145  1.00 41.22  ? 439  GLN A CD  1 
ATOM   209 O  OE1 . GLN A 1 31  ? -25.193 10.284  -6.250  1.00 36.47  ? 439  GLN A OE1 1 
ATOM   210 N  NE2 . GLN A 1 31  ? -24.487 9.626   -8.278  1.00 30.52  ? 439  GLN A NE2 1 
ATOM   211 N  N   . CYS A 1 32  ? -19.462 12.694  -7.546  1.00 26.06  ? 440  CYS A N   1 
ATOM   212 C  CA  . CYS A 1 32  ? -18.130 12.261  -7.953  1.00 25.65  ? 440  CYS A CA  1 
ATOM   213 C  C   . CYS A 1 32  ? -17.920 10.761  -7.797  1.00 29.90  ? 440  CYS A C   1 
ATOM   214 O  O   . CYS A 1 32  ? -18.498 10.129  -6.911  1.00 30.02  ? 440  CYS A O   1 
ATOM   215 C  CB  . CYS A 1 32  ? -17.058 13.016  -7.163  1.00 27.35  ? 440  CYS A CB  1 
ATOM   216 S  SG  . CYS A 1 32  ? -17.091 14.812  -7.351  1.00 32.96  ? 440  CYS A SG  1 
ATOM   217 N  N   . LEU A 1 33  ? -17.083 10.204  -8.668  1.00 26.31  ? 441  LEU A N   1 
ATOM   218 C  CA  . LEU A 1 33  ? -16.680 8.806   -8.576  1.00 25.77  ? 441  LEU A CA  1 
ATOM   219 C  C   . LEU A 1 33  ? -15.644 8.634   -7.469  1.00 28.47  ? 441  LEU A C   1 
ATOM   220 O  O   . LEU A 1 33  ? -15.040 9.611   -7.020  1.00 28.60  ? 441  LEU A O   1 
ATOM   221 C  CB  . LEU A 1 33  ? -16.122 8.314   -9.916  1.00 25.80  ? 441  LEU A CB  1 
ATOM   222 C  CG  . LEU A 1 33  ? -17.057 8.286   -11.133 1.00 29.86  ? 441  LEU A CG  1 
ATOM   223 C  CD1 . LEU A 1 33  ? -16.261 8.043   -12.404 1.00 30.57  ? 441  LEU A CD1 1 
ATOM   224 C  CD2 . LEU A 1 33  ? -18.154 7.239   -10.980 1.00 32.53  ? 441  LEU A CD2 1 
ATOM   225 N  N   . GLN A 1 34  ? -15.448 7.392   -7.031  1.00 25.45  ? 442  GLN A N   1 
ATOM   226 C  CA  . GLN A 1 34  ? -14.526 7.082   -5.939  1.00 25.30  ? 442  GLN A CA  1 
ATOM   227 C  C   . GLN A 1 34  ? -13.094 7.496   -6.282  1.00 28.75  ? 442  GLN A C   1 
ATOM   228 O  O   . GLN A 1 34  ? -12.510 7.005   -7.252  1.00 28.67  ? 442  GLN A O   1 
ATOM   229 C  CB  . GLN A 1 34  ? -14.595 5.590   -5.587  1.00 25.64  ? 442  GLN A CB  1 
ATOM   230 C  CG  . GLN A 1 34  ? -14.009 5.230   -4.235  1.00 41.16  ? 442  GLN A CG  1 
ATOM   231 C  CD  . GLN A 1 34  ? -14.968 5.401   -3.067  1.00 56.79  ? 442  GLN A CD  1 
ATOM   232 O  OE1 . GLN A 1 34  ? -15.679 6.404   -2.974  1.00 53.89  ? 442  GLN A OE1 1 
ATOM   233 N  NE2 . GLN A 1 34  ? -15.003 4.436   -2.171  1.00 43.17  ? 442  GLN A NE2 1 
ATOM   234 N  N   . GLY A 1 35  ? -12.551 8.412   -5.486  1.00 23.56  ? 443  GLY A N   1 
ATOM   235 C  CA  . GLY A 1 35  ? -11.190 8.905   -5.678  1.00 23.25  ? 443  GLY A CA  1 
ATOM   236 C  C   . GLY A 1 35  ? -11.107 10.330  -6.188  1.00 27.22  ? 443  GLY A C   1 
ATOM   237 O  O   . GLY A 1 35  ? -10.013 10.854  -6.405  1.00 26.70  ? 443  GLY A O   1 
ATOM   238 N  N   . TYR A 1 36  ? -12.266 10.955  -6.382  1.00 23.85  ? 444  TYR A N   1 
ATOM   239 C  CA  . TYR A 1 36  ? -12.335 12.339  -6.844  1.00 23.11  ? 444  TYR A CA  1 
ATOM   240 C  C   . TYR A 1 36  ? -13.211 13.185  -5.924  1.00 28.13  ? 444  TYR A C   1 
ATOM   241 O  O   . TYR A 1 36  ? -14.248 12.724  -5.446  1.00 27.17  ? 444  TYR A O   1 
ATOM   242 C  CB  . TYR A 1 36  ? -12.851 12.405  -8.286  1.00 21.73  ? 444  TYR A CB  1 
ATOM   243 C  CG  . TYR A 1 36  ? -12.025 11.611  -9.277  1.00 22.84  ? 444  TYR A CG  1 
ATOM   244 C  CD1 . TYR A 1 36  ? -10.784 12.077  -9.713  1.00 24.41  ? 444  TYR A CD1 1 
ATOM   245 C  CD2 . TYR A 1 36  ? -12.485 10.395  -9.782  1.00 22.80  ? 444  TYR A CD2 1 
ATOM   246 C  CE1 . TYR A 1 36  ? -10.020 11.350  -10.622 1.00 23.36  ? 444  TYR A CE1 1 
ATOM   247 C  CE2 . TYR A 1 36  ? -11.730 9.662   -10.693 1.00 22.15  ? 444  TYR A CE2 1 
ATOM   248 C  CZ  . TYR A 1 36  ? -10.499 10.146  -11.109 1.00 27.52  ? 444  TYR A CZ  1 
ATOM   249 O  OH  . TYR A 1 36  ? -9.747  9.427   -12.009 1.00 27.49  ? 444  TYR A OH  1 
ATOM   250 N  N   . THR A 1 37  ? -12.778 14.418  -5.672  1.00 26.32  ? 445  THR A N   1 
ATOM   251 C  CA  . THR A 1 37  ? -13.528 15.344  -4.819  1.00 26.26  ? 445  THR A CA  1 
ATOM   252 C  C   . THR A 1 37  ? -13.562 16.771  -5.382  1.00 31.02  ? 445  THR A C   1 
ATOM   253 O  O   . THR A 1 37  ? -12.889 17.075  -6.370  1.00 30.67  ? 445  THR A O   1 
ATOM   254 C  CB  . THR A 1 37  ? -13.012 15.331  -3.351  1.00 36.95  ? 445  THR A CB  1 
ATOM   255 O  OG1 . THR A 1 37  ? -13.921 16.059  -2.516  1.00 38.45  ? 445  THR A OG1 1 
ATOM   256 C  CG2 . THR A 1 37  ? -11.619 15.946  -3.241  1.00 35.17  ? 445  THR A CG2 1 
ATOM   257 N  N   . GLY A 1 38  ? -14.352 17.633  -4.747  1.00 28.32  ? 446  GLY A N   1 
ATOM   258 C  CA  . GLY A 1 38  ? -14.563 18.997  -5.223  1.00 27.58  ? 446  GLY A CA  1 
ATOM   259 C  C   . GLY A 1 38  ? -15.948 19.164  -5.827  1.00 31.56  ? 446  GLY A C   1 
ATOM   260 O  O   . GLY A 1 38  ? -16.578 18.174  -6.209  1.00 31.15  ? 446  GLY A O   1 
ATOM   261 N  N   . PRO A 1 39  ? -16.434 20.418  -5.922  1.00 28.99  ? 447  PRO A N   1 
ATOM   262 C  CA  . PRO A 1 39  ? -17.769 20.709  -6.457  1.00 28.45  ? 447  PRO A CA  1 
ATOM   263 C  C   . PRO A 1 39  ? -17.946 20.272  -7.908  1.00 31.78  ? 447  PRO A C   1 
ATOM   264 O  O   . PRO A 1 39  ? -19.081 20.087  -8.349  1.00 30.66  ? 447  PRO A O   1 
ATOM   265 C  CB  . PRO A 1 39  ? -17.860 22.227  -6.326  1.00 29.30  ? 447  PRO A CB  1 
ATOM   266 C  CG  . PRO A 1 39  ? -16.466 22.712  -6.264  1.00 33.63  ? 447  PRO A CG  1 
ATOM   267 C  CD  . PRO A 1 39  ? -15.733 21.650  -5.516  1.00 29.96  ? 447  PRO A CD  1 
ATOM   268 N  N   . ARG A 1 40  ? -16.854 20.127  -8.643  1.00 27.41  ? 448  ARG A N   1 
ATOM   269 C  CA  . ARG A 1 40  ? -16.881 19.684  -10.038 1.00 27.44  ? 448  ARG A CA  1 
ATOM   270 C  C   . ARG A 1 40  ? -15.994 18.453  -10.268 1.00 32.04  ? 448  ARG A C   1 
ATOM   271 O  O   . ARG A 1 40  ? -15.645 18.137  -11.410 1.00 31.24  ? 448  ARG A O   1 
ATOM   272 C  CB  . ARG A 1 40  ? -16.452 20.816  -10.966 1.00 28.30  ? 448  ARG A CB  1 
ATOM   273 C  CG  . ARG A 1 40  ? -17.482 21.932  -11.097 1.00 35.30  ? 448  ARG A CG  1 
ATOM   274 C  CD  . ARG A 1 40  ? -16.935 23.129  -11.871 1.00 40.41  ? 448  ARG A CD  1 
ATOM   275 N  NE  . ARG A 1 40  ? -16.793 22.855  -13.301 1.00 44.78  ? 448  ARG A NE  1 
ATOM   276 C  CZ  . ARG A 1 40  ? -15.639 22.601  -13.915 1.00 59.47  ? 448  ARG A CZ  1 
ATOM   277 N  NH1 . ARG A 1 40  ? -15.626 22.363  -15.220 1.00 46.59  ? 448  ARG A NH1 1 
ATOM   278 N  NH2 . ARG A 1 40  ? -14.500 22.580  -13.234 1.00 48.23  ? 448  ARG A NH2 1 
ATOM   279 N  N   . CYS A 1 41  ? -15.643 17.771  -9.174  1.00 28.72  ? 449  CYS A N   1 
ATOM   280 C  CA  . CYS A 1 41  ? -14.805 16.557  -9.185  1.00 27.94  ? 449  CYS A CA  1 
ATOM   281 C  C   . CYS A 1 41  ? -13.418 16.771  -9.805  1.00 32.49  ? 449  CYS A C   1 
ATOM   282 O  O   . CYS A 1 41  ? -12.874 15.870  -10.449 1.00 32.12  ? 449  CYS A O   1 
ATOM   283 C  CB  . CYS A 1 41  ? -15.524 15.387  -9.877  1.00 28.12  ? 449  CYS A CB  1 
ATOM   284 S  SG  . CYS A 1 41  ? -17.228 15.097  -9.356  1.00 30.01  ? 449  CYS A SG  1 
ATOM   285 N  N   . GLU A 1 42  ? -12.850 17.957  -9.597  1.00 29.42  ? 450  GLU A N   1 
ATOM   286 C  CA  . GLU A 1 42  ? -11.587 18.334  -10.243 1.00 29.85  ? 450  GLU A CA  1 
ATOM   287 C  C   . GLU A 1 42  ? -10.323 17.968  -9.450  1.00 32.57  ? 450  GLU A C   1 
ATOM   288 O  O   . GLU A 1 42  ? -9.199  18.158  -9.944  1.00 32.88  ? 450  GLU A O   1 
ATOM   289 C  CB  . GLU A 1 42  ? -11.582 19.824  -10.635 1.00 29.95  ? 450  GLU A CB  1 
ATOM   290 C  CG  . GLU A 1 42  ? -11.722 20.817  -9.484  1.00 40.17  ? 450  GLU A CG  1 
ATOM   291 C  CD  . GLU A 1 42  ? -13.166 21.131  -9.143  1.00 53.74  ? 450  GLU A CD  1 
ATOM   292 O  OE1 . GLU A 1 42  ? -13.859 20.252  -8.587  1.00 36.61  ? 450  GLU A OE1 1 
ATOM   293 O  OE2 . GLU A 1 42  ? -13.605 22.268  -9.420  1.00 50.02  ? 450  GLU A OE2 1 
ATOM   294 N  N   . ILE A 1 43  ? -10.505 17.453  -8.235  1.00 28.49  ? 451  ILE A N   1 
ATOM   295 C  CA  . ILE A 1 43  ? -9.380  17.024  -7.404  1.00 28.29  ? 451  ILE A CA  1 
ATOM   296 C  C   . ILE A 1 43  ? -9.211  15.509  -7.436  1.00 31.02  ? 451  ILE A C   1 
ATOM   297 O  O   . ILE A 1 43  ? -10.117 14.765  -7.055  1.00 30.41  ? 451  ILE A O   1 
ATOM   298 C  CB  . ILE A 1 43  ? -9.529  17.479  -5.927  1.00 31.70  ? 451  ILE A CB  1 
ATOM   299 C  CG1 . ILE A 1 43  ? -9.602  19.006  -5.825  1.00 31.91  ? 451  ILE A CG1 1 
ATOM   300 C  CG2 . ILE A 1 43  ? -8.380  16.928  -5.068  1.00 32.27  ? 451  ILE A CG2 1 
ATOM   301 C  CD1 . ILE A 1 43  ? -9.815  19.515  -4.412  1.00 37.25  ? 451  ILE A CD1 1 
ATOM   302 N  N   . ASP A 1 44  ? -8.045  15.064  -7.896  1.00 27.08  ? 452  ASP A N   1 
ATOM   303 C  CA  . ASP A 1 44  ? -7.649  13.669  -7.770  1.00 25.51  ? 452  ASP A CA  1 
ATOM   304 C  C   . ASP A 1 44  ? -7.057  13.487  -6.388  1.00 29.51  ? 452  ASP A C   1 
ATOM   305 O  O   . ASP A 1 44  ? -5.907  13.866  -6.143  1.00 29.08  ? 452  ASP A O   1 
ATOM   306 C  CB  . ASP A 1 44  ? -6.650  13.287  -8.868  1.00 27.19  ? 452  ASP A CB  1 
ATOM   307 C  CG  . ASP A 1 44  ? -6.293  11.816  -8.856  1.00 35.72  ? 452  ASP A CG  1 
ATOM   308 O  OD1 . ASP A 1 44  ? -7.027  11.006  -8.252  1.00 37.49  ? 452  ASP A OD1 1 
ATOM   309 O  OD2 . ASP A 1 44  ? -5.258  11.462  -9.459  1.00 42.04  ? 452  ASP A OD2 1 
ATOM   310 N  N   . VAL A 1 45  ? -7.852  12.916  -5.484  1.00 24.96  ? 453  VAL A N   1 
ATOM   311 C  CA  . VAL A 1 45  ? -7.468  12.735  -4.081  1.00 25.78  ? 453  VAL A CA  1 
ATOM   312 C  C   . VAL A 1 45  ? -6.122  12.022  -3.967  1.00 31.04  ? 453  VAL A C   1 
ATOM   313 O  O   . VAL A 1 45  ? -5.934  10.944  -4.532  1.00 30.10  ? 453  VAL A O   1 
ATOM   314 C  CB  . VAL A 1 45  ? -8.544  11.944  -3.286  1.00 29.50  ? 453  VAL A CB  1 
ATOM   315 C  CG1 . VAL A 1 45  ? -8.180  11.863  -1.807  1.00 29.50  ? 453  VAL A CG1 1 
ATOM   316 C  CG2 . VAL A 1 45  ? -9.906  12.566  -3.448  1.00 29.63  ? 453  VAL A CG2 1 
ATOM   317 N  N   . ASN A 1 46  ? -5.186  12.644  -3.254  1.00 29.32  ? 454  ASN A N   1 
ATOM   318 C  CA  . ASN A 1 46  ? -3.883  12.041  -3.008  1.00 28.80  ? 454  ASN A CA  1 
ATOM   319 C  C   . ASN A 1 46  ? -3.948  11.138  -1.779  1.00 33.05  ? 454  ASN A C   1 
ATOM   320 O  O   . ASN A 1 46  ? -3.932  11.617  -0.643  1.00 32.80  ? 454  ASN A O   1 
ATOM   321 C  CB  . ASN A 1 46  ? -2.806  13.120  -2.838  1.00 30.16  ? 454  ASN A CB  1 
ATOM   322 C  CG  . ASN A 1 46  ? -1.389  12.571  -2.957  1.00 51.16  ? 454  ASN A CG  1 
ATOM   323 O  OD1 . ASN A 1 46  ? -1.164  11.361  -2.912  1.00 43.33  ? 454  ASN A OD1 1 
ATOM   324 N  ND2 . ASN A 1 46  ? -0.423  13.471  -3.110  1.00 43.18  ? 454  ASN A ND2 1 
ATOM   325 N  N   . GLU A 1 47  ? -4.033  9.832   -2.020  1.00 29.73  ? 455  GLU A N   1 
ATOM   326 C  CA  . GLU A 1 47  ? -4.096  8.845   -0.942  1.00 29.12  ? 455  GLU A CA  1 
ATOM   327 C  C   . GLU A 1 47  ? -2.723  8.597   -0.312  1.00 33.19  ? 455  GLU A C   1 
ATOM   328 O  O   . GLU A 1 47  ? -2.596  7.826   0.643   1.00 33.16  ? 455  GLU A O   1 
ATOM   329 C  CB  . GLU A 1 47  ? -4.711  7.531   -1.438  1.00 30.08  ? 455  GLU A CB  1 
ATOM   330 C  CG  . GLU A 1 47  ? -6.227  7.568   -1.637  1.00 37.11  ? 455  GLU A CG  1 
ATOM   331 C  CD  . GLU A 1 47  ? -6.647  8.100   -3.000  1.00 41.51  ? 455  GLU A CD  1 
ATOM   332 O  OE1 . GLU A 1 47  ? -5.782  8.237   -3.893  1.00 29.59  ? 455  GLU A OE1 1 
ATOM   333 O  OE2 . GLU A 1 47  ? -7.852  8.373   -3.184  1.00 28.20  ? 455  GLU A OE2 1 
ATOM   334 N  N   . CYS A 1 48  ? -1.705  9.266   -0.852  1.00 30.22  ? 456  CYS A N   1 
ATOM   335 C  CA  . CYS A 1 48  ? -0.334  9.166   -0.358  1.00 30.26  ? 456  CYS A CA  1 
ATOM   336 C  C   . CYS A 1 48  ? 0.114   10.425  0.388   1.00 34.44  ? 456  CYS A C   1 
ATOM   337 O  O   . CYS A 1 48  ? 1.256   10.517  0.828   1.00 34.08  ? 456  CYS A O   1 
ATOM   338 C  CB  . CYS A 1 48  ? 0.616   8.889   -1.523  1.00 29.99  ? 456  CYS A CB  1 
ATOM   339 S  SG  . CYS A 1 48  ? 0.388   7.277   -2.281  1.00 32.62  ? 456  CYS A SG  1 
ATOM   340 N  N   . VAL A 1 49  ? -0.799  11.385  0.532   1.00 31.33  ? 457  VAL A N   1 
ATOM   341 C  CA  . VAL A 1 49  ? -0.488  12.690  1.128   1.00 31.77  ? 457  VAL A CA  1 
ATOM   342 C  C   . VAL A 1 49  ? -0.107  12.602  2.614   1.00 35.33  ? 457  VAL A C   1 
ATOM   343 O  O   . VAL A 1 49  ? 0.667   13.424  3.110   1.00 35.29  ? 457  VAL A O   1 
ATOM   344 C  CB  . VAL A 1 49  ? -1.640  13.717  0.890   1.00 35.83  ? 457  VAL A CB  1 
ATOM   345 C  CG1 . VAL A 1 49  ? -2.818  13.475  1.836   1.00 35.62  ? 457  VAL A CG1 1 
ATOM   346 C  CG2 . VAL A 1 49  ? -1.128  15.149  1.008   1.00 35.20  ? 457  VAL A CG2 1 
ATOM   347 N  N   . SER A 1 50  ? -0.639  11.597  3.307   1.00 32.59  ? 458  SER A N   1 
ATOM   348 C  CA  . SER A 1 50  ? -0.369  11.393  4.725   1.00 31.63  ? 458  SER A CA  1 
ATOM   349 C  C   . SER A 1 50  ? 0.770   10.407  4.950   1.00 34.46  ? 458  SER A C   1 
ATOM   350 O  O   . SER A 1 50  ? 1.021   9.990   6.085   1.00 34.40  ? 458  SER A O   1 
ATOM   351 C  CB  . SER A 1 50  ? -1.633  10.915  5.445   1.00 35.48  ? 458  SER A CB  1 
ATOM   352 O  OG  . SER A 1 50  ? -2.079  9.676   4.918   1.00 47.43  ? 458  SER A OG  1 
ATOM   353 N  N   . ASN A 1 51  ? 1.461   10.050  3.867   1.00 29.61  ? 459  ASN A N   1 
ATOM   354 C  CA  . ASN A 1 51  ? 2.556   9.068   3.882   1.00 28.47  ? 459  ASN A CA  1 
ATOM   355 C  C   . ASN A 1 51  ? 2.188   7.758   4.591   1.00 30.26  ? 459  ASN A C   1 
ATOM   356 O  O   . ASN A 1 51  ? 2.700   7.475   5.678   1.00 30.64  ? 459  ASN A O   1 
ATOM   357 C  CB  . ASN A 1 51  ? 3.840   9.678   4.470   1.00 26.92  ? 459  ASN A CB  1 
ATOM   358 C  CG  . ASN A 1 51  ? 4.323   10.895  3.696   1.00 39.21  ? 459  ASN A CG  1 
ATOM   359 O  OD1 . ASN A 1 51  ? 4.607   11.957  4.278   1.00 35.01  ? 459  ASN A OD1 1 
ATOM   360 N  ND2 . ASN A 1 51  ? 4.438   10.770  2.375   1.00 25.02  ? 459  ASN A ND2 1 
ATOM   361 N  N   . PRO A 1 52  ? 1.296   6.955   3.977   1.00 27.13  ? 460  PRO A N   1 
ATOM   362 C  CA  . PRO A 1 52  ? 0.810   5.747   4.644   1.00 26.06  ? 460  PRO A CA  1 
ATOM   363 C  C   . PRO A 1 52  ? 1.791   4.575   4.577   1.00 28.75  ? 460  PRO A C   1 
ATOM   364 O  O   . PRO A 1 52  ? 1.715   3.664   5.405   1.00 28.33  ? 460  PRO A O   1 
ATOM   365 C  CB  . PRO A 1 52  ? -0.479  5.421   3.885   1.00 27.14  ? 460  PRO A CB  1 
ATOM   366 C  CG  . PRO A 1 52  ? -0.288  6.001   2.533   1.00 32.09  ? 460  PRO A CG  1 
ATOM   367 C  CD  . PRO A 1 52  ? 0.704   7.125   2.636   1.00 28.12  ? 460  PRO A CD  1 
ATOM   368 N  N   . CYS A 1 53  ? 2.699   4.609   3.604   1.00 24.30  ? 461  CYS A N   1 
ATOM   369 C  CA  . CYS A 1 53  ? 3.690   3.553   3.426   1.00 24.00  ? 461  CYS A CA  1 
ATOM   370 C  C   . CYS A 1 53  ? 4.894   3.781   4.334   1.00 28.59  ? 461  CYS A C   1 
ATOM   371 O  O   . CYS A 1 53  ? 5.516   4.846   4.309   1.00 27.99  ? 461  CYS A O   1 
ATOM   372 C  CB  . CYS A 1 53  ? 4.124   3.463   1.964   1.00 23.48  ? 461  CYS A CB  1 
ATOM   373 S  SG  . CYS A 1 53  ? 2.762   3.245   0.802   1.00 25.30  ? 461  CYS A SG  1 
ATOM   374 N  N   . GLN A 1 54  ? 5.210   2.766   5.131   1.00 24.83  ? 462  GLN A N   1 
ATOM   375 C  CA  . GLN A 1 54  ? 6.247   2.860   6.153   1.00 24.03  ? 462  GLN A CA  1 
ATOM   376 C  C   . GLN A 1 54  ? 7.548   2.208   5.712   1.00 30.01  ? 462  GLN A C   1 
ATOM   377 O  O   . GLN A 1 54  ? 7.563   1.398   4.783   1.00 29.67  ? 462  GLN A O   1 
ATOM   378 C  CB  . GLN A 1 54  ? 5.752   2.226   7.453   1.00 25.88  ? 462  GLN A CB  1 
ATOM   379 C  CG  . GLN A 1 54  ? 4.530   2.892   8.065   1.00 37.34  ? 462  GLN A CG  1 
ATOM   380 C  CD  . GLN A 1 54  ? 4.109   2.272   9.387   1.00 53.35  ? 462  GLN A CD  1 
ATOM   381 O  OE1 . GLN A 1 54  ? 4.697   1.304   9.849   1.00 45.70  ? 462  GLN A OE1 1 
ATOM   382 N  NE2 . GLN A 1 54  ? 3.074   2.839   9.999   1.00 49.14  ? 462  GLN A NE2 1 
ATOM   383 N  N   . ASN A 1 55  ? 8.628   2.577   6.390   1.00 27.86  ? 463  ASN A N   1 
ATOM   384 C  CA  . ASN A 1 55  ? 9.958   1.987   6.184   1.00 27.78  ? 463  ASN A CA  1 
ATOM   385 C  C   . ASN A 1 55  ? 10.508  2.165   4.768   1.00 32.06  ? 463  ASN A C   1 
ATOM   386 O  O   . ASN A 1 55  ? 10.841  1.189   4.089   1.00 31.91  ? 463  ASN A O   1 
ATOM   387 C  CB  . ASN A 1 55  ? 9.977   0.509   6.612   1.00 25.81  ? 463  ASN A CB  1 
ATOM   388 C  CG  . ASN A 1 55  ? 9.490   0.306   8.037   1.00 38.00  ? 463  ASN A CG  1 
ATOM   389 O  OD1 . ASN A 1 55  ? 9.990   0.931   8.971   1.00 30.53  ? 463  ASN A OD1 1 
ATOM   390 N  ND2 . ASN A 1 55  ? 8.512   -0.575  8.209   1.00 26.52  ? 463  ASN A ND2 1 
ATOM   391 N  N   . ASP A 1 56  ? 10.592  3.424   4.339   1.00 30.32  ? 464  ASP A N   1 
ATOM   392 C  CA  . ASP A 1 56  ? 11.120  3.810   3.020   1.00 30.40  ? 464  ASP A CA  1 
ATOM   393 C  C   . ASP A 1 56  ? 10.407  3.166   1.827   1.00 35.26  ? 464  ASP A C   1 
ATOM   394 O  O   . ASP A 1 56  ? 10.967  3.080   0.731   1.00 34.81  ? 464  ASP A O   1 
ATOM   395 C  CB  . ASP A 1 56  ? 12.639  3.572   2.940   1.00 32.20  ? 464  ASP A CB  1 
ATOM   396 C  CG  . ASP A 1 56  ? 13.432  4.521   3.825   1.00 42.35  ? 464  ASP A CG  1 
ATOM   397 O  OD1 . ASP A 1 56  ? 13.107  5.737   3.874   1.00 42.87  ? 464  ASP A OD1 1 
ATOM   398 O  OD2 . ASP A 1 56  ? 14.406  4.065   4.460   1.00 48.05  ? 464  ASP A OD2 1 
ATOM   399 N  N   . ALA A 1 57  ? 9.168   2.732   2.040   1.00 31.67  ? 465  ALA A N   1 
ATOM   400 C  CA  . ALA A 1 57  ? 8.359   2.157   0.974   1.00 30.75  ? 465  ALA A CA  1 
ATOM   401 C  C   . ALA A 1 57  ? 7.842   3.246   0.037   1.00 34.64  ? 465  ALA A C   1 
ATOM   402 O  O   . ALA A 1 57  ? 7.694   4.405   0.439   1.00 34.24  ? 465  ALA A O   1 
ATOM   403 C  CB  . ALA A 1 57  ? 7.205   1.362   1.554   1.00 31.69  ? 465  ALA A CB  1 
ATOM   404 N  N   . THR A 1 58  ? 7.573   2.867   -1.210  1.00 31.01  ? 466  THR A N   1 
ATOM   405 C  CA  . THR A 1 58  ? 7.072   3.798   -2.218  1.00 30.06  ? 466  THR A CA  1 
ATOM   406 C  C   . THR A 1 58  ? 5.545   3.760   -2.268  1.00 33.08  ? 466  THR A C   1 
ATOM   407 O  O   . THR A 1 58  ? 4.943   2.683   -2.294  1.00 32.36  ? 466  THR A O   1 
ATOM   408 C  CB  . THR A 1 58  ? 7.652   3.485   -3.617  1.00 35.87  ? 466  THR A CB  1 
ATOM   409 O  OG1 . THR A 1 58  ? 9.039   3.141   -3.499  1.00 34.41  ? 466  THR A OG1 1 
ATOM   410 C  CG2 . THR A 1 58  ? 7.510   4.688   -4.544  1.00 34.75  ? 466  THR A CG2 1 
ATOM   411 N  N   . CYS A 1 59  ? 4.930   4.940   -2.276  1.00 29.61  ? 467  CYS A N   1 
ATOM   412 C  CA  . CYS A 1 59  ? 3.476   5.056   -2.316  1.00 28.81  ? 467  CYS A CA  1 
ATOM   413 C  C   . CYS A 1 59  ? 2.979   5.389   -3.718  1.00 32.50  ? 467  CYS A C   1 
ATOM   414 O  O   . CYS A 1 59  ? 3.488   6.306   -4.369  1.00 31.42  ? 467  CYS A O   1 
ATOM   415 C  CB  . CYS A 1 59  ? 2.993   6.115   -1.321  1.00 29.81  ? 467  CYS A CB  1 
ATOM   416 S  SG  . CYS A 1 59  ? 1.228   6.020   -0.944  1.00 33.26  ? 467  CYS A SG  1 
ATOM   417 N  N   . LEU A 1 60  ? 1.979   4.639   -4.172  1.00 28.82  ? 468  LEU A N   1 
ATOM   418 C  CA  . LEU A 1 60  ? 1.395   4.836   -5.494  1.00 27.82  ? 468  LEU A CA  1 
ATOM   419 C  C   . LEU A 1 60  ? 0.051   5.534   -5.385  1.00 31.01  ? 468  LEU A C   1 
ATOM   420 O  O   . LEU A 1 60  ? -0.908  4.975   -4.851  1.00 31.47  ? 468  LEU A O   1 
ATOM   421 C  CB  . LEU A 1 60  ? 1.246   3.496   -6.228  1.00 28.23  ? 468  LEU A CB  1 
ATOM   422 C  CG  . LEU A 1 60  ? 2.500   2.657   -6.506  1.00 32.86  ? 468  LEU A CG  1 
ATOM   423 C  CD1 . LEU A 1 60  ? 2.113   1.232   -6.867  1.00 32.48  ? 468  LEU A CD1 1 
ATOM   424 C  CD2 . LEU A 1 60  ? 3.367   3.276   -7.601  1.00 35.14  ? 468  LEU A CD2 1 
ATOM   425 N  N   . ASP A 1 61  ? 0.002   6.762   -5.883  1.00 27.58  ? 469  ASP A N   1 
ATOM   426 C  CA  . ASP A 1 61  ? -1.223  7.556   -5.879  1.00 25.81  ? 469  ASP A CA  1 
ATOM   427 C  C   . ASP A 1 61  ? -2.152  7.076   -6.992  1.00 29.38  ? 469  ASP A C   1 
ATOM   428 O  O   . ASP A 1 61  ? -1.977  7.424   -8.163  1.00 29.70  ? 469  ASP A O   1 
ATOM   429 C  CB  . ASP A 1 61  ? -0.895  9.047   -6.034  1.00 28.10  ? 469  ASP A CB  1 
ATOM   430 C  CG  . ASP A 1 61  ? -2.087  9.951   -5.745  1.00 36.37  ? 469  ASP A CG  1 
ATOM   431 O  OD1 . ASP A 1 61  ? -3.105  9.473   -5.197  1.00 35.50  ? 469  ASP A OD1 1 
ATOM   432 O  OD2 . ASP A 1 61  ? -2.002  11.156  -6.065  1.00 40.49  ? 469  ASP A OD2 1 
ATOM   433 N  N   . GLN A 1 62  ? -3.137  6.267   -6.608  1.00 25.68  ? 470  GLN A N   1 
ATOM   434 C  CA  . GLN A 1 62  ? -4.058  5.639   -7.552  1.00 24.07  ? 470  GLN A CA  1 
ATOM   435 C  C   . GLN A 1 62  ? -5.470  6.212   -7.429  1.00 28.16  ? 470  GLN A C   1 
ATOM   436 O  O   . GLN A 1 62  ? -5.734  7.043   -6.558  1.00 26.85  ? 470  GLN A O   1 
ATOM   437 C  CB  . GLN A 1 62  ? -4.071  4.122   -7.338  1.00 24.81  ? 470  GLN A CB  1 
ATOM   438 C  CG  . GLN A 1 62  ? -2.731  3.449   -7.611  1.00 28.47  ? 470  GLN A CG  1 
ATOM   439 C  CD  . GLN A 1 62  ? -2.621  2.061   -7.007  1.00 36.78  ? 470  GLN A CD  1 
ATOM   440 O  OE1 . GLN A 1 62  ? -3.604  1.485   -6.543  1.00 30.73  ? 470  GLN A OE1 1 
ATOM   441 N  NE2 . GLN A 1 62  ? -1.420  1.519   -7.019  1.00 23.50  ? 470  GLN A NE2 1 
ATOM   442 N  N   . ILE A 1 63  ? -6.369  5.772   -8.309  1.00 23.72  ? 471  ILE A N   1 
ATOM   443 C  CA  . ILE A 1 63  ? -7.755  6.241   -8.309  1.00 23.30  ? 471  ILE A CA  1 
ATOM   444 C  C   . ILE A 1 63  ? -8.554  5.569   -7.190  1.00 26.51  ? 471  ILE A C   1 
ATOM   445 O  O   . ILE A 1 63  ? -8.934  4.400   -7.293  1.00 25.81  ? 471  ILE A O   1 
ATOM   446 C  CB  . ILE A 1 63  ? -8.443  6.020   -9.683  1.00 26.54  ? 471  ILE A CB  1 
ATOM   447 C  CG1 . ILE A 1 63  ? -7.614  6.650   -10.810 1.00 26.50  ? 471  ILE A CG1 1 
ATOM   448 C  CG2 . ILE A 1 63  ? -9.863  6.592   -9.674  1.00 26.02  ? 471  ILE A CG2 1 
ATOM   449 C  CD1 . ILE A 1 63  ? -7.867  6.050   -12.184 1.00 31.07  ? 471  ILE A CD1 1 
ATOM   450 N  N   . GLY A 1 64  ? -8.786  6.321   -6.116  1.00 23.50  ? 472  GLY A N   1 
ATOM   451 C  CA  . GLY A 1 64  ? -9.576  5.846   -4.981  1.00 23.86  ? 472  GLY A CA  1 
ATOM   452 C  C   . GLY A 1 64  ? -8.839  4.948   -4.006  1.00 26.94  ? 472  GLY A C   1 
ATOM   453 O  O   . GLY A 1 64  ? -9.450  4.398   -3.087  1.00 26.80  ? 472  GLY A O   1 
ATOM   454 N  N   . GLU A 1 65  ? -7.529  4.803   -4.202  1.00 23.98  ? 473  GLU A N   1 
ATOM   455 C  CA  . GLU A 1 65  ? -6.704  3.923   -3.370  1.00 24.04  ? 473  GLU A CA  1 
ATOM   456 C  C   . GLU A 1 65  ? -5.217  4.278   -3.401  1.00 25.90  ? 473  GLU A C   1 
ATOM   457 O  O   . GLU A 1 65  ? -4.778  5.098   -4.210  1.00 24.62  ? 473  GLU A O   1 
ATOM   458 C  CB  . GLU A 1 65  ? -6.896  2.453   -3.775  1.00 24.56  ? 473  GLU A CB  1 
ATOM   459 C  CG  . GLU A 1 65  ? -6.575  2.143   -5.235  1.00 37.42  ? 473  GLU A CG  1 
ATOM   460 C  CD  . GLU A 1 65  ? -6.595  0.656   -5.552  1.00 62.18  ? 473  GLU A CD  1 
ATOM   461 O  OE1 . GLU A 1 65  ? -6.625  -0.167  -4.611  1.00 52.31  ? 473  GLU A OE1 1 
ATOM   462 O  OE2 . GLU A 1 65  ? -6.573  0.311   -6.753  1.00 59.54  ? 473  GLU A OE2 1 
ATOM   463 N  N   . PHE A 1 66  ? -4.460  3.655   -2.502  1.00 21.97  ? 474  PHE A N   1 
ATOM   464 C  CA  . PHE A 1 66  ? -3.007  3.711   -2.524  1.00 21.04  ? 474  PHE A CA  1 
ATOM   465 C  C   . PHE A 1 66  ? -2.455  2.302   -2.435  1.00 24.64  ? 474  PHE A C   1 
ATOM   466 O  O   . PHE A 1 66  ? -3.115  1.400   -1.914  1.00 23.32  ? 474  PHE A O   1 
ATOM   467 C  CB  . PHE A 1 66  ? -2.467  4.587   -1.384  1.00 21.44  ? 474  PHE A CB  1 
ATOM   468 C  CG  . PHE A 1 66  ? -2.605  3.971   -0.019  1.00 23.34  ? 474  PHE A CG  1 
ATOM   469 C  CD1 . PHE A 1 66  ? -3.750  4.152   0.742   1.00 26.50  ? 474  PHE A CD1 1 
ATOM   470 C  CD2 . PHE A 1 66  ? -1.569  3.208   0.518   1.00 24.89  ? 474  PHE A CD2 1 
ATOM   471 C  CE1 . PHE A 1 66  ? -3.882  3.586   2.004   1.00 26.43  ? 474  PHE A CE1 1 
ATOM   472 C  CE2 . PHE A 1 66  ? -1.685  2.632   1.779   1.00 27.18  ? 474  PHE A CE2 1 
ATOM   473 C  CZ  . PHE A 1 66  ? -2.843  2.823   2.524   1.00 25.24  ? 474  PHE A CZ  1 
ATOM   474 N  N   . GLN A 1 67  ? -1.243  2.111   -2.946  1.00 21.52  ? 475  GLN A N   1 
ATOM   475 C  CA  . GLN A 1 67  ? -0.542  0.838   -2.809  1.00 20.69  ? 475  GLN A CA  1 
ATOM   476 C  C   . GLN A 1 67  ? 0.913   1.060   -2.429  1.00 25.30  ? 475  GLN A C   1 
ATOM   477 O  O   . GLN A 1 67  ? 1.574   1.957   -2.955  1.00 25.97  ? 475  GLN A O   1 
ATOM   478 C  CB  . GLN A 1 67  ? -0.647  0.004   -4.087  1.00 22.55  ? 475  GLN A CB  1 
ATOM   479 C  CG  . GLN A 1 67  ? -1.947  -0.784  -4.206  1.00 34.46  ? 475  GLN A CG  1 
ATOM   480 C  CD  . GLN A 1 67  ? -2.072  -1.542  -5.516  1.00 48.37  ? 475  GLN A CD  1 
ATOM   481 O  OE1 . GLN A 1 67  ? -1.534  -1.130  -6.543  1.00 41.02  ? 475  GLN A OE1 1 
ATOM   482 N  NE2 . GLN A 1 67  ? -2.795  -2.654  -5.484  1.00 42.59  ? 475  GLN A NE2 1 
ATOM   483 N  N   . CYS A 1 68  ? 1.399   0.236   -1.507  1.00 22.66  ? 476  CYS A N   1 
ATOM   484 C  CA  . CYS A 1 68  ? 2.768   0.340   -1.023  1.00 23.32  ? 476  CYS A CA  1 
ATOM   485 C  C   . CYS A 1 68  ? 3.660   -0.729  -1.648  1.00 27.28  ? 476  CYS A C   1 
ATOM   486 O  O   . CYS A 1 68  ? 3.338   -1.919  -1.615  1.00 26.11  ? 476  CYS A O   1 
ATOM   487 C  CB  . CYS A 1 68  ? 2.808   0.235   0.504   1.00 23.62  ? 476  CYS A CB  1 
ATOM   488 S  SG  . CYS A 1 68  ? 1.877   1.515   1.384   1.00 27.11  ? 476  CYS A SG  1 
ATOM   489 N  N   . ILE A 1 69  ? 4.771   -0.288  -2.232  1.00 23.37  ? 477  ILE A N   1 
ATOM   490 C  CA  . ILE A 1 69  ? 5.806   -1.195  -2.715  1.00 23.26  ? 477  ILE A CA  1 
ATOM   491 C  C   . ILE A 1 69  ? 6.879   -1.251  -1.634  1.00 26.93  ? 477  ILE A C   1 
ATOM   492 O  O   . ILE A 1 69  ? 7.618   -0.284  -1.425  1.00 27.27  ? 477  ILE A O   1 
ATOM   493 C  CB  . ILE A 1 69  ? 6.424   -0.736  -4.064  1.00 27.77  ? 477  ILE A CB  1 
ATOM   494 C  CG1 . ILE A 1 69  ? 5.341   -0.213  -5.017  1.00 28.08  ? 477  ILE A CG1 1 
ATOM   495 C  CG2 . ILE A 1 69  ? 7.212   -1.882  -4.706  1.00 25.77  ? 477  ILE A CG2 1 
ATOM   496 C  CD1 . ILE A 1 69  ? 5.858   0.736   -6.088  1.00 34.04  ? 477  ILE A CD1 1 
ATOM   497 N  N   . CYS A 1 70  ? 6.939   -2.381  -0.942  1.00 23.99  ? 478  CYS A N   1 
ATOM   498 C  CA  . CYS A 1 70  ? 7.801   -2.522  0.219   1.00 25.43  ? 478  CYS A CA  1 
ATOM   499 C  C   . CYS A 1 70  ? 9.278   -2.647  -0.139  1.00 31.96  ? 478  CYS A C   1 
ATOM   500 O  O   . CYS A 1 70  ? 9.637   -3.268  -1.142  1.00 32.67  ? 478  CYS A O   1 
ATOM   501 C  CB  . CYS A 1 70  ? 7.375   -3.723  1.068   1.00 24.62  ? 478  CYS A CB  1 
ATOM   502 S  SG  . CYS A 1 70  ? 5.691   -3.676  1.716   1.00 27.22  ? 478  CYS A SG  1 
ATOM   503 N  N   . MET A 1 71  ? 10.118  -2.042  0.695   1.00 29.92  ? 479  MET A N   1 
ATOM   504 C  CA  . MET A 1 71  ? 11.562  -2.215  0.624   1.00 31.05  ? 479  MET A CA  1 
ATOM   505 C  C   . MET A 1 71  ? 11.886  -3.603  1.182   1.00 35.50  ? 479  MET A C   1 
ATOM   506 O  O   . MET A 1 71  ? 11.319  -3.997  2.204   1.00 36.11  ? 479  MET A O   1 
ATOM   507 C  CB  . MET A 1 71  ? 12.256  -1.126  1.450   1.00 34.06  ? 479  MET A CB  1 
ATOM   508 C  CG  . MET A 1 71  ? 13.694  -0.834  1.044   1.00 38.92  ? 479  MET A CG  1 
ATOM   509 S  SD  . MET A 1 71  ? 13.834  -0.064  -0.584  1.00 43.01  ? 479  MET A SD  1 
ATOM   510 C  CE  . MET A 1 71  ? 13.680  1.667   -0.160  1.00 41.15  ? 479  MET A CE  1 
ATOM   511 N  N   . PRO A 1 72  ? 12.781  -4.356  0.504   1.00 32.03  ? 480  PRO A N   1 
ATOM   512 C  CA  . PRO A 1 72  ? 13.113  -5.737  0.880   1.00 31.02  ? 480  PRO A CA  1 
ATOM   513 C  C   . PRO A 1 72  ? 13.246  -5.955  2.389   1.00 33.31  ? 480  PRO A C   1 
ATOM   514 O  O   . PRO A 1 72  ? 13.939  -5.194  3.071   1.00 33.05  ? 480  PRO A O   1 
ATOM   515 C  CB  . PRO A 1 72  ? 14.455  -5.967  0.188   1.00 32.59  ? 480  PRO A CB  1 
ATOM   516 C  CG  . PRO A 1 72  ? 14.373  -5.139  -1.037  1.00 37.36  ? 480  PRO A CG  1 
ATOM   517 C  CD  . PRO A 1 72  ? 13.536  -3.930  -0.691  1.00 33.40  ? 480  PRO A CD  1 
ATOM   518 N  N   . GLY A 1 73  ? 12.570  -6.986  2.892   1.00 27.75  ? 481  GLY A N   1 
ATOM   519 C  CA  . GLY A 1 73  ? 12.578  -7.307  4.317   1.00 27.17  ? 481  GLY A CA  1 
ATOM   520 C  C   . GLY A 1 73  ? 11.325  -6.868  5.050   1.00 29.67  ? 481  GLY A C   1 
ATOM   521 O  O   . GLY A 1 73  ? 11.125  -7.221  6.216   1.00 28.79  ? 481  GLY A O   1 
ATOM   522 N  N   . TYR A 1 74  ? 10.483  -6.097  4.366   1.00 25.17  ? 482  TYR A N   1 
ATOM   523 C  CA  . TYR A 1 74  ? 9.246   -5.582  4.948   1.00 25.19  ? 482  TYR A CA  1 
ATOM   524 C  C   . TYR A 1 74  ? 8.013   -6.070  4.193   1.00 29.61  ? 482  TYR A C   1 
ATOM   525 O  O   . TYR A 1 74  ? 8.080   -6.347  2.993   1.00 28.97  ? 482  TYR A O   1 
ATOM   526 C  CB  . TYR A 1 74  ? 9.275   -4.051  5.007   1.00 25.75  ? 482  TYR A CB  1 
ATOM   527 C  CG  . TYR A 1 74  ? 10.341  -3.498  5.929   1.00 26.78  ? 482  TYR A CG  1 
ATOM   528 C  CD1 . TYR A 1 74  ? 11.579  -3.093  5.432   1.00 28.92  ? 482  TYR A CD1 1 
ATOM   529 C  CD2 . TYR A 1 74  ? 10.114  -3.388  7.301   1.00 27.47  ? 482  TYR A CD2 1 
ATOM   530 C  CE1 . TYR A 1 74  ? 12.563  -2.586  6.277   1.00 28.97  ? 482  TYR A CE1 1 
ATOM   531 C  CE2 . TYR A 1 74  ? 11.091  -2.883  8.153   1.00 27.54  ? 482  TYR A CE2 1 
ATOM   532 C  CZ  . TYR A 1 74  ? 12.312  -2.486  7.635   1.00 34.63  ? 482  TYR A CZ  1 
ATOM   533 O  OH  . TYR A 1 74  ? 13.280  -1.987  8.475   1.00 36.27  ? 482  TYR A OH  1 
ATOM   534 N  N   . GLU A 1 75  ? 6.895   -6.180  4.906   1.00 26.80  ? 483  GLU A N   1 
ATOM   535 C  CA  . GLU A 1 75  ? 5.641   -6.663  4.326   1.00 26.25  ? 483  GLU A CA  1 
ATOM   536 C  C   . GLU A 1 75  ? 4.415   -5.995  4.947   1.00 31.95  ? 483  GLU A C   1 
ATOM   537 O  O   . GLU A 1 75  ? 4.511   -5.345  5.989   1.00 32.01  ? 483  GLU A O   1 
ATOM   538 C  CB  . GLU A 1 75  ? 5.535   -8.189  4.450   1.00 27.73  ? 483  GLU A CB  1 
ATOM   539 C  CG  . GLU A 1 75  ? 5.502   -8.718  5.881   1.00 36.85  ? 483  GLU A CG  1 
ATOM   540 C  CD  . GLU A 1 75  ? 5.297   -10.219 5.952   1.00 47.55  ? 483  GLU A CD  1 
ATOM   541 O  OE1 . GLU A 1 75  ? 4.318   -10.722 5.362   1.00 37.69  ? 483  GLU A OE1 1 
ATOM   542 O  OE2 . GLU A 1 75  ? 6.113   -10.897 6.610   1.00 38.28  ? 483  GLU A OE2 1 
ATOM   543 N  N   . GLY A 1 76  ? 3.267   -6.170  4.298   1.00 29.00  ? 484  GLY A N   1 
ATOM   544 C  CA  . GLY A 1 76  ? 2.014   -5.614  4.777   1.00 27.20  ? 484  GLY A CA  1 
ATOM   545 C  C   . GLY A 1 76  ? 1.455   -4.582  3.829   1.00 32.28  ? 484  GLY A C   1 
ATOM   546 O  O   . GLY A 1 76  ? 2.102   -4.205  2.850   1.00 31.56  ? 484  GLY A O   1 
ATOM   547 N  N   . VAL A 1 77  ? 0.241   -4.125  4.126   1.00 28.03  ? 485  VAL A N   1 
ATOM   548 C  CA  . VAL A 1 77  ? -0.434  -3.104  3.325   1.00 27.97  ? 485  VAL A CA  1 
ATOM   549 C  C   . VAL A 1 77  ? 0.312   -1.769  3.408   1.00 29.28  ? 485  VAL A C   1 
ATOM   550 O  O   . VAL A 1 77  ? 0.387   -1.033  2.423   1.00 29.02  ? 485  VAL A O   1 
ATOM   551 C  CB  . VAL A 1 77  ? -1.920  -2.931  3.749   1.00 31.45  ? 485  VAL A CB  1 
ATOM   552 C  CG1 . VAL A 1 77  ? -2.628  -1.896  2.878   1.00 30.80  ? 485  VAL A CG1 1 
ATOM   553 C  CG2 . VAL A 1 77  ? -2.656  -4.264  3.676   1.00 31.07  ? 485  VAL A CG2 1 
ATOM   554 N  N   . HIS A 1 78  ? 0.872   -1.479  4.582   1.00 24.10  ? 486  HIS A N   1 
ATOM   555 C  CA  . HIS A 1 78  ? 1.638   -0.253  4.809   1.00 23.75  ? 486  HIS A CA  1 
ATOM   556 C  C   . HIS A 1 78  ? 3.136   -0.524  4.948   1.00 26.91  ? 486  HIS A C   1 
ATOM   557 O  O   . HIS A 1 78  ? 3.906   0.385   5.264   1.00 26.24  ? 486  HIS A O   1 
ATOM   558 C  CB  . HIS A 1 78  ? 1.131   0.470   6.060   1.00 24.12  ? 486  HIS A CB  1 
ATOM   559 C  CG  . HIS A 1 78  ? -0.326  0.800   6.018   1.00 27.54  ? 486  HIS A CG  1 
ATOM   560 N  ND1 . HIS A 1 78  ? -1.295  -0.059  6.491   1.00 29.43  ? 486  HIS A ND1 1 
ATOM   561 C  CD2 . HIS A 1 78  ? -0.983  1.891   5.559   1.00 28.70  ? 486  HIS A CD2 1 
ATOM   562 C  CE1 . HIS A 1 78  ? -2.484  0.490   6.325   1.00 28.33  ? 486  HIS A CE1 1 
ATOM   563 N  NE2 . HIS A 1 78  ? -2.323  1.673   5.761   1.00 28.57  ? 486  HIS A NE2 1 
ATOM   564 N  N   . CYS A 1 79  ? 3.536   -1.774  4.706   1.00 23.81  ? 487  CYS A N   1 
ATOM   565 C  CA  . CYS A 1 79  ? 4.914   -2.232  4.900   1.00 23.28  ? 487  CYS A CA  1 
ATOM   566 C  C   . CYS A 1 79  ? 5.374   -2.003  6.339   1.00 25.01  ? 487  CYS A C   1 
ATOM   567 O  O   . CYS A 1 79  ? 6.514   -1.602  6.586   1.00 23.49  ? 487  CYS A O   1 
ATOM   568 C  CB  . CYS A 1 79  ? 5.871   -1.577  3.893   1.00 23.41  ? 487  CYS A CB  1 
ATOM   569 S  SG  . CYS A 1 79  ? 5.375   -1.727  2.166   1.00 26.80  ? 487  CYS A SG  1 
ATOM   570 N  N   . GLU A 1 80  ? 4.475   -2.276  7.282   1.00 20.35  ? 488  GLU A N   1 
ATOM   571 C  CA  . GLU A 1 80  ? 4.714   -2.029  8.703   1.00 20.58  ? 488  GLU A CA  1 
ATOM   572 C  C   . GLU A 1 80  ? 5.377   -3.215  9.400   1.00 23.14  ? 488  GLU A C   1 
ATOM   573 O  O   . GLU A 1 80  ? 5.969   -3.064  10.471  1.00 22.31  ? 488  GLU A O   1 
ATOM   574 C  CB  . GLU A 1 80  ? 3.402   -1.650  9.412   1.00 19.61  ? 488  GLU A CB  1 
ATOM   575 C  CG  . GLU A 1 80  ? 2.410   -2.800  9.645   1.00 28.68  ? 488  GLU A CG  1 
ATOM   576 C  CD  . GLU A 1 80  ? 1.572   -3.152  8.428   1.00 39.37  ? 488  GLU A CD  1 
ATOM   577 O  OE1 . GLU A 1 80  ? 1.732   -2.509  7.373   1.00 16.90  ? 488  GLU A OE1 1 
ATOM   578 O  OE2 . GLU A 1 80  ? 0.741   -4.078  8.531   1.00 35.67  ? 488  GLU A OE2 1 
ATOM   579 N  N   . VAL A 1 81  ? 5.270   -4.389  8.783   1.00 19.81  ? 489  VAL A N   1 
ATOM   580 C  CA  . VAL A 1 81  ? 5.772   -5.625  9.373   1.00 20.55  ? 489  VAL A CA  1 
ATOM   581 C  C   . VAL A 1 81  ? 7.205   -5.902  8.924   1.00 25.88  ? 489  VAL A C   1 
ATOM   582 O  O   . VAL A 1 81  ? 7.489   -5.976  7.729   1.00 25.90  ? 489  VAL A O   1 
ATOM   583 C  CB  . VAL A 1 81  ? 4.866   -6.838  9.022   1.00 24.09  ? 489  VAL A CB  1 
ATOM   584 C  CG1 . VAL A 1 81  ? 5.326   -8.092  9.757   1.00 23.73  ? 489  VAL A CG1 1 
ATOM   585 C  CG2 . VAL A 1 81  ? 3.408   -6.538  9.347   1.00 23.89  ? 489  VAL A CG2 1 
ATOM   586 N  N   . ASN A 1 82  ? 8.101   -6.030  9.898   1.00 22.99  ? 490  ASN A N   1 
ATOM   587 C  CA  . ASN A 1 82  ? 9.450   -6.511  9.652   1.00 22.96  ? 490  ASN A CA  1 
ATOM   588 C  C   . ASN A 1 82  ? 9.401   -8.033  9.618   1.00 29.82  ? 490  ASN A C   1 
ATOM   589 O  O   . ASN A 1 82  ? 9.345   -8.688  10.664  1.00 29.59  ? 490  ASN A O   1 
ATOM   590 C  CB  . ASN A 1 82  ? 10.403  -6.016  10.747  1.00 24.51  ? 490  ASN A CB  1 
ATOM   591 C  CG  . ASN A 1 82  ? 11.872  -6.167  10.374  1.00 41.69  ? 490  ASN A CG  1 
ATOM   592 O  OD1 . ASN A 1 82  ? 12.270  -7.120  9.700   1.00 35.46  ? 490  ASN A OD1 1 
ATOM   593 N  ND2 . ASN A 1 82  ? 12.689  -5.225  10.827  1.00 32.03  ? 490  ASN A ND2 1 
ATOM   594 N  N   . THR A 1 83  ? 9.402   -8.581  8.402   1.00 26.80  ? 491  THR A N   1 
ATOM   595 C  CA  . THR A 1 83  ? 9.263   -10.019 8.165   1.00 26.85  ? 491  THR A CA  1 
ATOM   596 C  C   . THR A 1 83  ? 10.146  -10.844 9.097   1.00 32.63  ? 491  THR A C   1 
ATOM   597 O  O   . THR A 1 83  ? 11.354  -10.620 9.177   1.00 33.62  ? 491  THR A O   1 
ATOM   598 C  CB  . THR A 1 83  ? 9.583   -10.375 6.690   1.00 30.43  ? 491  THR A CB  1 
ATOM   599 O  OG1 . THR A 1 83  ? 8.750   -9.602  5.817   1.00 28.14  ? 491  THR A OG1 1 
ATOM   600 C  CG2 . THR A 1 83  ? 9.350   -11.856 6.419   1.00 25.48  ? 491  THR A CG2 1 
ATOM   601 N  N   . ASP A 1 84  ? 9.531   -11.779 9.814   1.00 30.24  ? 492  ASP A N   1 
ATOM   602 C  CA  . ASP A 1 84  ? 10.258  -12.674 10.681  1.00 30.34  ? 492  ASP A CA  1 
ATOM   603 C  C   . ASP A 1 84  ? 10.756  -13.871 9.874   1.00 33.97  ? 492  ASP A C   1 
ATOM   604 O  O   . ASP A 1 84  ? 9.995   -14.795 9.581   1.00 34.21  ? 492  ASP A O   1 
ATOM   605 C  CB  . ASP A 1 84  ? 9.384   -13.128 11.858  1.00 32.14  ? 492  ASP A CB  1 
ATOM   606 C  CG  . ASP A 1 84  ? 10.147  -13.973 12.870  1.00 40.60  ? 492  ASP A CG  1 
ATOM   607 O  OD1 . ASP A 1 84  ? 11.373  -13.780 13.028  1.00 41.46  ? 492  ASP A OD1 1 
ATOM   608 O  OD2 . ASP A 1 84  ? 9.511   -14.831 13.517  1.00 46.22  ? 492  ASP A OD2 1 
ATOM   609 N  N   . GLU A 1 85  ? 12.038  -13.836 9.515   1.00 30.32  ? 493  GLU A N   1 
ATOM   610 C  CA  . GLU A 1 85  ? 12.667  -14.903 8.734   1.00 29.92  ? 493  GLU A CA  1 
ATOM   611 C  C   . GLU A 1 85  ? 12.843  -16.196 9.532   1.00 34.68  ? 493  GLU A C   1 
ATOM   612 O  O   . GLU A 1 85  ? 13.143  -17.248 8.964   1.00 34.19  ? 493  GLU A O   1 
ATOM   613 C  CB  . GLU A 1 85  ? 14.016  -14.440 8.174   1.00 30.99  ? 493  GLU A CB  1 
ATOM   614 C  CG  . GLU A 1 85  ? 13.935  -13.698 6.842   1.00 36.26  ? 493  GLU A CG  1 
ATOM   615 C  CD  . GLU A 1 85  ? 13.471  -12.259 6.979   1.00 39.65  ? 493  GLU A CD  1 
ATOM   616 O  OE1 . GLU A 1 85  ? 13.825  -11.598 7.979   1.00 29.38  ? 493  GLU A OE1 1 
ATOM   617 O  OE2 . GLU A 1 85  ? 12.756  -11.781 6.072   1.00 30.40  ? 493  GLU A OE2 1 
ATOM   618 N  N   . CYS A 1 86  ? 12.648  -16.106 10.845  1.00 31.92  ? 494  CYS A N   1 
ATOM   619 C  CA  . CYS A 1 86  ? 12.778  -17.254 11.737  1.00 32.06  ? 494  CYS A CA  1 
ATOM   620 C  C   . CYS A 1 86  ? 11.469  -18.034 11.886  1.00 34.94  ? 494  CYS A C   1 
ATOM   621 O  O   . CYS A 1 86  ? 11.444  -19.097 12.513  1.00 35.26  ? 494  CYS A O   1 
ATOM   622 C  CB  . CYS A 1 86  ? 13.285  -16.800 13.108  1.00 32.96  ? 494  CYS A CB  1 
ATOM   623 S  SG  . CYS A 1 86  ? 14.878  -15.949 13.053  1.00 38.25  ? 494  CYS A SG  1 
ATOM   624 N  N   . ALA A 1 87  ? 10.393  -17.506 11.300  1.00 30.71  ? 495  ALA A N   1 
ATOM   625 C  CA  . ALA A 1 87  ? 9.061   -18.111 11.396  1.00 31.02  ? 495  ALA A CA  1 
ATOM   626 C  C   . ALA A 1 87  ? 8.972   -19.477 10.715  1.00 34.38  ? 495  ALA A C   1 
ATOM   627 O  O   . ALA A 1 87  ? 8.271   -20.370 11.194  1.00 33.63  ? 495  ALA A O   1 
ATOM   628 C  CB  . ALA A 1 87  ? 8.007   -17.165 10.834  1.00 31.10  ? 495  ALA A CB  1 
ATOM   629 N  N   . SER A 1 88  ? 9.687   -19.628 9.602   1.00 31.02  ? 496  SER A N   1 
ATOM   630 C  CA  . SER A 1 88  ? 9.717   -20.884 8.852   1.00 31.11  ? 496  SER A CA  1 
ATOM   631 C  C   . SER A 1 88  ? 10.724  -21.886 9.430   1.00 36.73  ? 496  SER A C   1 
ATOM   632 O  O   . SER A 1 88  ? 10.880  -22.990 8.902   1.00 35.20  ? 496  SER A O   1 
ATOM   633 C  CB  . SER A 1 88  ? 10.022  -20.615 7.376   1.00 33.57  ? 496  SER A CB  1 
ATOM   634 O  OG  . SER A 1 88  ? 11.269  -19.962 7.220   1.00 41.07  ? 496  SER A OG  1 
ATOM   635 N  N   . SER A 1 89  ? 11.388  -21.489 10.518  1.00 34.15  ? 497  SER A N   1 
ATOM   636 C  CA  . SER A 1 89  ? 12.412  -22.298 11.193  1.00 33.77  ? 497  SER A CA  1 
ATOM   637 C  C   . SER A 1 89  ? 13.526  -22.755 10.236  1.00 38.38  ? 497  SER A C   1 
ATOM   638 O  O   . SER A 1 89  ? 13.634  -23.946 9.927   1.00 37.66  ? 497  SER A O   1 
ATOM   639 C  CB  . SER A 1 89  ? 11.774  -23.488 11.926  1.00 37.69  ? 497  SER A CB  1 
ATOM   640 O  OG  . SER A 1 89  ? 12.738  -24.223 12.658  1.00 49.16  ? 497  SER A OG  1 
ATOM   641 N  N   . PRO A 1 90  ? 14.357  -21.801 9.764   1.00 35.23  ? 498  PRO A N   1 
ATOM   642 C  CA  . PRO A 1 90  ? 15.376  -22.117 8.760   1.00 33.96  ? 498  PRO A CA  1 
ATOM   643 C  C   . PRO A 1 90  ? 16.592  -22.857 9.312   1.00 37.63  ? 498  PRO A C   1 
ATOM   644 O  O   . PRO A 1 90  ? 17.252  -23.586 8.569   1.00 36.55  ? 498  PRO A O   1 
ATOM   645 C  CB  . PRO A 1 90  ? 15.781  -20.740 8.228   1.00 35.50  ? 498  PRO A CB  1 
ATOM   646 C  CG  . PRO A 1 90  ? 15.527  -19.810 9.352   1.00 40.09  ? 498  PRO A CG  1 
ATOM   647 C  CD  . PRO A 1 90  ? 14.385  -20.376 10.149  1.00 36.09  ? 498  PRO A CD  1 
ATOM   648 N  N   . CYS A 1 91  ? 16.881  -22.674 10.599  1.00 33.20  ? 499  CYS A N   1 
ATOM   649 C  CA  . CYS A 1 91  ? 18.027  -23.301 11.228  1.00 32.56  ? 499  CYS A CA  1 
ATOM   650 C  C   . CYS A 1 91  ? 17.747  -24.768 11.544  1.00 37.14  ? 499  CYS A C   1 
ATOM   651 O  O   . CYS A 1 91  ? 16.872  -25.084 12.357  1.00 36.02  ? 499  CYS A O   1 
ATOM   652 C  CB  . CYS A 1 91  ? 18.430  -22.558 12.507  1.00 32.77  ? 499  CYS A CB  1 
ATOM   653 S  SG  . CYS A 1 91  ? 18.523  -20.758 12.369  1.00 37.15  ? 499  CYS A SG  1 
ATOM   654 N  N   . LEU A 1 92  ? 18.491  -25.656 10.889  1.00 33.93  ? 500  LEU A N   1 
ATOM   655 C  CA  . LEU A 1 92  ? 18.366  -27.096 11.107  1.00 33.75  ? 500  LEU A CA  1 
ATOM   656 C  C   . LEU A 1 92  ? 18.999  -27.513 12.433  1.00 38.10  ? 500  LEU A C   1 
ATOM   657 O  O   . LEU A 1 92  ? 19.801  -26.771 13.008  1.00 37.45  ? 500  LEU A O   1 
ATOM   658 C  CB  . LEU A 1 92  ? 18.995  -27.878 9.946   1.00 33.30  ? 500  LEU A CB  1 
ATOM   659 C  CG  . LEU A 1 92  ? 18.202  -28.063 8.646   1.00 37.92  ? 500  LEU A CG  1 
ATOM   660 C  CD1 . LEU A 1 92  ? 18.203  -26.807 7.786   1.00 39.08  ? 500  LEU A CD1 1 
ATOM   661 C  CD2 . LEU A 1 92  ? 18.767  -29.233 7.857   1.00 40.64  ? 500  LEU A CD2 1 
ATOM   662 N  N   . HIS A 1 93  ? 18.620  -28.700 12.909  1.00 34.68  ? 501  HIS A N   1 
ATOM   663 C  CA  . HIS A 1 93  ? 19.135  -29.287 14.157  1.00 34.52  ? 501  HIS A CA  1 
ATOM   664 C  C   . HIS A 1 93  ? 18.902  -28.409 15.396  1.00 38.66  ? 501  HIS A C   1 
ATOM   665 O  O   . HIS A 1 93  ? 19.714  -28.402 16.323  1.00 38.39  ? 501  HIS A O   1 
ATOM   666 C  CB  . HIS A 1 93  ? 20.619  -29.668 14.020  1.00 35.07  ? 501  HIS A CB  1 
ATOM   667 C  CG  . HIS A 1 93  ? 20.910  -30.556 12.851  1.00 38.90  ? 501  HIS A CG  1 
ATOM   668 N  ND1 . HIS A 1 93  ? 21.483  -30.089 11.687  1.00 41.50  ? 501  HIS A ND1 1 
ATOM   669 C  CD2 . HIS A 1 93  ? 20.699  -31.880 12.661  1.00 40.31  ? 501  HIS A CD2 1 
ATOM   670 C  CE1 . HIS A 1 93  ? 21.616  -31.088 10.832  1.00 40.11  ? 501  HIS A CE1 1 
ATOM   671 N  NE2 . HIS A 1 93  ? 21.149  -32.186 11.399  1.00 40.11  ? 501  HIS A NE2 1 
ATOM   672 N  N   . ASN A 1 94  ? 17.781  -27.684 15.396  1.00 35.64  ? 502  ASN A N   1 
ATOM   673 C  CA  . ASN A 1 94  ? 17.384  -26.793 16.495  1.00 35.52  ? 502  ASN A CA  1 
ATOM   674 C  C   . ASN A 1 94  ? 18.407  -25.700 16.824  1.00 39.06  ? 502  ASN A C   1 
ATOM   675 O  O   . ASN A 1 94  ? 18.878  -25.591 17.960  1.00 39.42  ? 502  ASN A O   1 
ATOM   676 C  CB  . ASN A 1 94  ? 17.012  -27.594 17.755  1.00 33.77  ? 502  ASN A CB  1 
ATOM   677 C  CG  . ASN A 1 94  ? 15.847  -28.542 17.530  1.00 46.94  ? 502  ASN A CG  1 
ATOM   678 O  OD1 . ASN A 1 94  ? 15.903  -29.709 17.918  1.00 34.16  ? 502  ASN A OD1 1 
ATOM   679 N  ND2 . ASN A 1 94  ? 14.785  -28.046 16.903  1.00 39.17  ? 502  ASN A ND2 1 
ATOM   680 N  N   . GLY A 1 95  ? 18.743  -24.898 15.818  1.00 35.68  ? 503  GLY A N   1 
ATOM   681 C  CA  . GLY A 1 95  ? 19.653  -23.771 16.000  1.00 35.05  ? 503  GLY A CA  1 
ATOM   682 C  C   . GLY A 1 95  ? 18.903  -22.506 16.369  1.00 39.68  ? 503  GLY A C   1 
ATOM   683 O  O   . GLY A 1 95  ? 17.745  -22.330 15.982  1.00 39.53  ? 503  GLY A O   1 
ATOM   684 N  N   . ARG A 1 96  ? 19.563  -21.633 17.126  1.00 36.97  ? 504  ARG A N   1 
ATOM   685 C  CA  . ARG A 1 96  ? 18.991  -20.345 17.515  1.00 36.17  ? 504  ARG A CA  1 
ATOM   686 C  C   . ARG A 1 96  ? 18.946  -19.403 16.316  1.00 39.36  ? 504  ARG A C   1 
ATOM   687 O  O   . ARG A 1 96  ? 19.962  -19.175 15.658  1.00 38.00  ? 504  ARG A O   1 
ATOM   688 C  CB  . ARG A 1 96  ? 19.799  -19.714 18.654  1.00 36.25  ? 504  ARG A CB  1 
ATOM   689 C  CG  . ARG A 1 96  ? 19.205  -18.422 19.207  1.00 49.56  ? 504  ARG A CG  1 
ATOM   690 C  CD  . ARG A 1 96  ? 20.043  -17.861 20.347  1.00 65.23  ? 504  ARG A CD  1 
ATOM   691 N  NE  . ARG A 1 96  ? 19.463  -16.638 20.906  1.00 81.79  ? 504  ARG A NE  1 
ATOM   692 C  CZ  . ARG A 1 96  ? 18.577  -16.602 21.901  1.00 102.91 ? 504  ARG A CZ  1 
ATOM   693 N  NH1 . ARG A 1 96  ? 18.148  -17.723 22.470  1.00 90.43  ? 504  ARG A NH1 1 
ATOM   694 N  NH2 . ARG A 1 96  ? 18.115  -15.434 22.332  1.00 95.72  ? 504  ARG A NH2 1 
ATOM   695 N  N   . CYS A 1 97  ? 17.765  -18.861 16.039  1.00 35.32  ? 505  CYS A N   1 
ATOM   696 C  CA  . CYS A 1 97  ? 17.599  -17.957 14.922  1.00 34.61  ? 505  CYS A CA  1 
ATOM   697 C  C   . CYS A 1 97  ? 17.501  -16.505 15.384  1.00 39.90  ? 505  CYS A C   1 
ATOM   698 O  O   . CYS A 1 97  ? 16.781  -16.192 16.334  1.00 39.18  ? 505  CYS A O   1 
ATOM   699 C  CB  . CYS A 1 97  ? 16.368  -18.344 14.104  1.00 33.86  ? 505  CYS A CB  1 
ATOM   700 S  SG  . CYS A 1 97  ? 16.189  -17.421 12.566  1.00 37.17  ? 505  CYS A SG  1 
ATOM   701 N  N   . LEU A 1 98  ? 18.246  -15.636 14.708  1.00 36.82  ? 506  LEU A N   1 
ATOM   702 C  CA  . LEU A 1 98  ? 18.233  -14.208 14.996  1.00 36.96  ? 506  LEU A CA  1 
ATOM   703 C  C   . LEU A 1 98  ? 17.735  -13.452 13.766  1.00 39.28  ? 506  LEU A C   1 
ATOM   704 O  O   . LEU A 1 98  ? 18.313  -13.555 12.683  1.00 39.81  ? 506  LEU A O   1 
ATOM   705 C  CB  . LEU A 1 98  ? 19.628  -13.726 15.401  1.00 37.41  ? 506  LEU A CB  1 
ATOM   706 C  CG  . LEU A 1 98  ? 19.751  -12.612 16.447  1.00 43.53  ? 506  LEU A CG  1 
ATOM   707 C  CD1 . LEU A 1 98  ? 21.104  -12.666 17.123  1.00 43.70  ? 506  LEU A CD1 1 
ATOM   708 C  CD2 . LEU A 1 98  ? 19.510  -11.228 15.858  1.00 46.33  ? 506  LEU A CD2 1 
ATOM   709 N  N   . ASP A 1 99  ? 16.655  -12.698 13.948  1.00 34.25  ? 507  ASP A N   1 
ATOM   710 C  CA  . ASP A 1 99  ? 16.000  -11.984 12.857  1.00 32.84  ? 507  ASP A CA  1 
ATOM   711 C  C   . ASP A 1 99  ? 16.766  -10.728 12.438  1.00 34.91  ? 507  ASP A C   1 
ATOM   712 O  O   . ASP A 1 99  ? 17.218  -9.952  13.284  1.00 34.05  ? 507  ASP A O   1 
ATOM   713 C  CB  . ASP A 1 99  ? 14.564  -11.623 13.252  1.00 34.21  ? 507  ASP A CB  1 
ATOM   714 C  CG  . ASP A 1 99  ? 13.783  -10.989 12.117  1.00 43.69  ? 507  ASP A CG  1 
ATOM   715 O  OD1 . ASP A 1 99  ? 13.706  -11.591 11.024  1.00 42.99  ? 507  ASP A OD1 1 
ATOM   716 O  OD2 . ASP A 1 99  ? 13.240  -9.881  12.316  1.00 48.79  ? 507  ASP A OD2 1 
ATOM   717 N  N   . LYS A 1 100 ? 16.910  -10.550 11.126  1.00 29.20  ? 508  LYS A N   1 
ATOM   718 C  CA  . LYS A 1 100 ? 17.525  -9.355  10.544  1.00 28.56  ? 508  LYS A CA  1 
ATOM   719 C  C   . LYS A 1 100 ? 16.578  -8.762  9.496   1.00 30.91  ? 508  LYS A C   1 
ATOM   720 O  O   . LYS A 1 100 ? 15.372  -9.006  9.549   1.00 30.34  ? 508  LYS A O   1 
ATOM   721 C  CB  . LYS A 1 100 ? 18.893  -9.691  9.932   1.00 29.97  ? 508  LYS A CB  1 
ATOM   722 C  CG  . LYS A 1 100 ? 19.930  -10.239 10.914  1.00 40.56  ? 508  LYS A CG  1 
ATOM   723 C  CD  . LYS A 1 100 ? 20.404  -9.176  11.899  1.00 48.39  ? 508  LYS A CD  1 
ATOM   724 C  CE  . LYS A 1 100 ? 21.381  -9.753  12.910  1.00 57.34  ? 508  LYS A CE  1 
ATOM   725 N  NZ  . LYS A 1 100 ? 21.783  -8.745  13.932  1.00 63.50  ? 508  LYS A NZ  1 
ATOM   726 N  N   . ILE A 1 101 ? 17.107  -7.983  8.554   1.00 26.89  ? 509  ILE A N   1 
ATOM   727 C  CA  . ILE A 1 101 ? 16.290  -7.437  7.465   1.00 26.84  ? 509  ILE A CA  1 
ATOM   728 C  C   . ILE A 1 101 ? 16.511  -8.232  6.180   1.00 29.39  ? 509  ILE A C   1 
ATOM   729 O  O   . ILE A 1 101 ? 17.621  -8.263  5.642   1.00 28.88  ? 509  ILE A O   1 
ATOM   730 C  CB  . ILE A 1 101 ? 16.539  -5.920  7.242   1.00 30.50  ? 509  ILE A CB  1 
ATOM   731 C  CG1 . ILE A 1 101 ? 16.120  -5.130  8.489   1.00 30.35  ? 509  ILE A CG1 1 
ATOM   732 C  CG2 . ILE A 1 101 ? 15.802  -5.428  6.006   1.00 29.92  ? 509  ILE A CG2 1 
ATOM   733 C  CD1 . ILE A 1 101 ? 16.300  -3.636  8.380   1.00 39.62  ? 509  ILE A CD1 1 
ATOM   734 N  N   . ASN A 1 102 ? 15.440  -8.874  5.706   1.00 26.26  ? 510  ASN A N   1 
ATOM   735 C  CA  . ASN A 1 102 ? 15.481  -9.808  4.571   1.00 25.14  ? 510  ASN A CA  1 
ATOM   736 C  C   . ASN A 1 102 ? 16.580  -10.862 4.747   1.00 30.38  ? 510  ASN A C   1 
ATOM   737 O  O   . ASN A 1 102 ? 17.187  -11.329 3.778   1.00 30.81  ? 510  ASN A O   1 
ATOM   738 C  CB  . ASN A 1 102 ? 15.644  -9.063  3.247   1.00 24.80  ? 510  ASN A CB  1 
ATOM   739 C  CG  . ASN A 1 102 ? 15.128  -9.857  2.058   1.00 39.32  ? 510  ASN A CG  1 
ATOM   740 O  OD1 . ASN A 1 102 ? 14.329  -10.782 2.204   1.00 28.58  ? 510  ASN A OD1 1 
ATOM   741 N  ND2 . ASN A 1 102 ? 15.583  -9.491  0.865   1.00 29.74  ? 510  ASN A ND2 1 
ATOM   742 N  N   . GLU A 1 103 ? 16.812  -11.232 6.005   1.00 26.32  ? 511  GLU A N   1 
ATOM   743 C  CA  . GLU A 1 103 ? 17.947  -12.057 6.396   1.00 26.16  ? 511  GLU A CA  1 
ATOM   744 C  C   . GLU A 1 103 ? 17.707  -12.691 7.762   1.00 30.52  ? 511  GLU A C   1 
ATOM   745 O  O   . GLU A 1 103 ? 17.007  -12.127 8.605   1.00 30.61  ? 511  GLU A O   1 
ATOM   746 C  CB  . GLU A 1 103 ? 19.219  -11.199 6.444   1.00 27.56  ? 511  GLU A CB  1 
ATOM   747 C  CG  . GLU A 1 103 ? 20.520  -11.981 6.534   1.00 37.22  ? 511  GLU A CG  1 
ATOM   748 C  CD  . GLU A 1 103 ? 20.787  -12.808 5.294   1.00 47.14  ? 511  GLU A CD  1 
ATOM   749 O  OE1 . GLU A 1 103 ? 21.062  -12.222 4.226   1.00 54.30  ? 511  GLU A OE1 1 
ATOM   750 O  OE2 . GLU A 1 103 ? 20.723  -14.053 5.386   1.00 22.82  ? 511  GLU A OE2 1 
ATOM   751 N  N   . PHE A 1 104 ? 18.291  -13.868 7.966   1.00 27.08  ? 512  PHE A N   1 
ATOM   752 C  CA  . PHE A 1 104 ? 18.281  -14.532 9.267   1.00 27.03  ? 512  PHE A CA  1 
ATOM   753 C  C   . PHE A 1 104 ? 19.697  -14.923 9.683   1.00 31.06  ? 512  PHE A C   1 
ATOM   754 O  O   . PHE A 1 104 ? 20.583  -15.079 8.838   1.00 30.71  ? 512  PHE A O   1 
ATOM   755 C  CB  . PHE A 1 104 ? 17.359  -15.760 9.254   1.00 28.87  ? 512  PHE A CB  1 
ATOM   756 C  CG  . PHE A 1 104 ? 17.752  -16.813 8.255   1.00 30.07  ? 512  PHE A CG  1 
ATOM   757 C  CD1 . PHE A 1 104 ? 18.617  -17.844 8.612   1.00 32.25  ? 512  PHE A CD1 1 
ATOM   758 C  CD2 . PHE A 1 104 ? 17.247  -16.783 6.958   1.00 31.88  ? 512  PHE A CD2 1 
ATOM   759 C  CE1 . PHE A 1 104 ? 18.981  -18.820 7.695   1.00 33.57  ? 512  PHE A CE1 1 
ATOM   760 C  CE2 . PHE A 1 104 ? 17.606  -17.757 6.035   1.00 34.54  ? 512  PHE A CE2 1 
ATOM   761 C  CZ  . PHE A 1 104 ? 18.474  -18.777 6.404   1.00 32.51  ? 512  PHE A CZ  1 
ATOM   762 N  N   . GLN A 1 105 ? 19.899  -15.080 10.987  1.00 28.67  ? 513  GLN A N   1 
ATOM   763 C  CA  . GLN A 1 105 ? 21.194  -15.450 11.528  1.00 29.31  ? 513  GLN A CA  1 
ATOM   764 C  C   . GLN A 1 105 ? 21.049  -16.686 12.402  1.00 34.45  ? 513  GLN A C   1 
ATOM   765 O  O   . GLN A 1 105 ? 20.455  -16.631 13.481  1.00 33.69  ? 513  GLN A O   1 
ATOM   766 C  CB  . GLN A 1 105 ? 21.792  -14.279 12.314  1.00 30.04  ? 513  GLN A CB  1 
ATOM   767 C  CG  . GLN A 1 105 ? 23.232  -14.467 12.739  1.00 44.49  ? 513  GLN A CG  1 
ATOM   768 C  CD  . GLN A 1 105 ? 23.839  -13.212 13.342  1.00 65.83  ? 513  GLN A CD  1 
ATOM   769 O  OE1 . GLN A 1 105 ? 24.238  -13.199 14.507  1.00 63.64  ? 513  GLN A OE1 1 
ATOM   770 N  NE2 . GLN A 1 105 ? 23.907  -12.144 12.549  1.00 57.81  ? 513  GLN A NE2 1 
ATOM   771 N  N   . CYS A 1 106 ? 21.592  -17.802 11.924  1.00 31.02  ? 514  CYS A N   1 
ATOM   772 C  CA  . CYS A 1 106 ? 21.536  -19.062 12.660  1.00 31.48  ? 514  CYS A CA  1 
ATOM   773 C  C   . CYS A 1 106 ? 22.738  -19.232 13.583  1.00 36.30  ? 514  CYS A C   1 
ATOM   774 O  O   . CYS A 1 106 ? 23.887  -19.219 13.134  1.00 36.99  ? 514  CYS A O   1 
ATOM   775 C  CB  . CYS A 1 106 ? 21.434  -20.255 11.707  1.00 31.82  ? 514  CYS A CB  1 
ATOM   776 S  SG  . CYS A 1 106 ? 19.845  -20.432 10.866  1.00 37.05  ? 514  CYS A SG  1 
ATOM   777 N  N   . GLU A 1 107 ? 22.454  -19.378 14.873  1.00 32.73  ? 515  GLU A N   1 
ATOM   778 C  CA  . GLU A 1 107 ? 23.465  -19.705 15.868  1.00 32.33  ? 515  GLU A CA  1 
ATOM   779 C  C   . GLU A 1 107 ? 23.393  -21.208 16.124  1.00 36.31  ? 515  GLU A C   1 
ATOM   780 O  O   . GLU A 1 107 ? 22.553  -21.686 16.892  1.00 35.83  ? 515  GLU A O   1 
ATOM   781 C  CB  . GLU A 1 107 ? 23.229  -18.902 17.152  1.00 34.45  ? 515  GLU A CB  1 
ATOM   782 C  CG  . GLU A 1 107 ? 24.338  -19.012 18.190  1.00 49.07  ? 515  GLU A CG  1 
ATOM   783 C  CD  . GLU A 1 107 ? 24.140  -18.063 19.359  1.00 76.76  ? 515  GLU A CD  1 
ATOM   784 O  OE1 . GLU A 1 107 ? 24.262  -16.834 19.161  1.00 66.80  ? 515  GLU A OE1 1 
ATOM   785 O  OE2 . GLU A 1 107 ? 23.870  -18.547 20.480  1.00 75.07  ? 515  GLU A OE2 1 
ATOM   786 N  N   . CYS A 1 108 ? 24.278  -21.943 15.455  1.00 32.84  ? 516  CYS A N   1 
ATOM   787 C  CA  . CYS A 1 108 ? 24.225  -23.404 15.406  1.00 32.75  ? 516  CYS A CA  1 
ATOM   788 C  C   . CYS A 1 108 ? 24.636  -24.085 16.714  1.00 36.38  ? 516  CYS A C   1 
ATOM   789 O  O   . CYS A 1 108 ? 25.489  -23.570 17.441  1.00 35.60  ? 516  CYS A O   1 
ATOM   790 C  CB  . CYS A 1 108 ? 25.090  -23.924 14.252  1.00 31.78  ? 516  CYS A CB  1 
ATOM   791 S  SG  . CYS A 1 108 ? 24.605  -23.331 12.616  1.00 34.67  ? 516  CYS A SG  1 
ATOM   792 N  N   . PRO A 1 109 ? 24.024  -25.248 17.015  1.00 33.37  ? 517  PRO A N   1 
ATOM   793 C  CA  . PRO A 1 109 ? 24.396  -26.028 18.185  1.00 34.20  ? 517  PRO A CA  1 
ATOM   794 C  C   . PRO A 1 109 ? 25.678  -26.817 17.959  1.00 38.53  ? 517  PRO A C   1 
ATOM   795 O  O   . PRO A 1 109 ? 26.235  -26.802 16.860  1.00 38.86  ? 517  PRO A O   1 
ATOM   796 C  CB  . PRO A 1 109 ? 23.212  -26.981 18.356  1.00 35.44  ? 517  PRO A CB  1 
ATOM   797 C  CG  . PRO A 1 109 ? 22.719  -27.192 16.980  1.00 39.69  ? 517  PRO A CG  1 
ATOM   798 C  CD  . PRO A 1 109 ? 22.923  -25.885 16.266  1.00 35.63  ? 517  PRO A CD  1 
ATOM   799 N  N   . THR A 1 110 ? 26.138  -27.502 19.003  1.00 34.75  ? 518  THR A N   1 
ATOM   800 C  CA  . THR A 1 110 ? 27.331  -28.338 18.926  1.00 35.24  ? 518  THR A CA  1 
ATOM   801 C  C   . THR A 1 110 ? 26.958  -29.735 18.415  1.00 41.20  ? 518  THR A C   1 
ATOM   802 O  O   . THR A 1 110 ? 26.096  -30.399 18.994  1.00 41.62  ? 518  THR A O   1 
ATOM   803 C  CB  . THR A 1 110 ? 28.021  -28.458 20.306  1.00 41.58  ? 518  THR A CB  1 
ATOM   804 O  OG1 . THR A 1 110 ? 27.981  -27.193 20.981  1.00 39.40  ? 518  THR A OG1 1 
ATOM   805 C  CG2 . THR A 1 110 ? 29.471  -28.908 20.160  1.00 39.56  ? 518  THR A CG2 1 
ATOM   806 N  N   . GLY A 1 111 ? 27.584  -30.180 17.325  1.00 37.14  ? 519  GLY A N   1 
ATOM   807 C  CA  . GLY A 1 111 ? 28.558  -29.391 16.574  1.00 36.44  ? 519  GLY A CA  1 
ATOM   808 C  C   . GLY A 1 111 ? 28.137  -29.241 15.126  1.00 40.96  ? 519  GLY A C   1 
ATOM   809 O  O   . GLY A 1 111 ? 28.378  -30.126 14.301  1.00 40.20  ? 519  GLY A O   1 
ATOM   810 N  N   . PHE A 1 112 ? 27.501  -28.112 14.823  1.00 36.87  ? 520  PHE A N   1 
ATOM   811 C  CA  . PHE A 1 112 ? 26.984  -27.838 13.487  1.00 34.80  ? 520  PHE A CA  1 
ATOM   812 C  C   . PHE A 1 112 ? 27.411  -26.462 12.998  1.00 39.47  ? 520  PHE A C   1 
ATOM   813 O  O   . PHE A 1 112 ? 27.840  -25.615 13.788  1.00 38.96  ? 520  PHE A O   1 
ATOM   814 C  CB  . PHE A 1 112 ? 25.464  -27.986 13.467  1.00 36.75  ? 520  PHE A CB  1 
ATOM   815 C  CG  . PHE A 1 112 ? 24.979  -29.383 13.743  1.00 38.08  ? 520  PHE A CG  1 
ATOM   816 C  CD1 . PHE A 1 112 ? 24.648  -29.773 15.035  1.00 40.27  ? 520  PHE A CD1 1 
ATOM   817 C  CD2 . PHE A 1 112 ? 24.850  -30.307 12.711  1.00 39.96  ? 520  PHE A CD2 1 
ATOM   818 C  CE1 . PHE A 1 112 ? 24.202  -31.066 15.296  1.00 41.09  ? 520  PHE A CE1 1 
ATOM   819 C  CE2 . PHE A 1 112 ? 24.396  -31.597 12.958  1.00 41.62  ? 520  PHE A CE2 1 
ATOM   820 C  CZ  . PHE A 1 112 ? 24.077  -31.980 14.255  1.00 39.47  ? 520  PHE A CZ  1 
ATOM   821 N  N   . THR A 1 113 ? 27.292  -26.256 11.689  1.00 36.81  ? 521  THR A N   1 
ATOM   822 C  CA  . THR A 1 113 ? 27.695  -25.018 11.025  1.00 35.53  ? 521  THR A CA  1 
ATOM   823 C  C   . THR A 1 113 ? 27.026  -24.974 9.638   1.00 40.64  ? 521  THR A C   1 
ATOM   824 O  O   . THR A 1 113 ? 26.731  -26.024 9.074   1.00 41.59  ? 521  THR A O   1 
ATOM   825 C  CB  . THR A 1 113 ? 29.247  -24.889 10.936  1.00 39.86  ? 521  THR A CB  1 
ATOM   826 O  OG1 . THR A 1 113 ? 29.628  -23.608 10.435  1.00 39.43  ? 521  THR A OG1 1 
ATOM   827 C  CG2 . THR A 1 113 ? 29.857  -25.981 10.065  1.00 38.46  ? 521  THR A CG2 1 
ATOM   828 N  N   . GLY A 1 114 ? 26.735  -23.788 9.100   1.00 36.63  ? 522  GLY A N   1 
ATOM   829 C  CA  . GLY A 1 114 ? 26.935  -22.507 9.769   1.00 36.98  ? 522  GLY A CA  1 
ATOM   830 C  C   . GLY A 1 114 ? 25.778  -21.549 9.571   1.00 39.89  ? 522  GLY A C   1 
ATOM   831 O  O   . GLY A 1 114 ? 25.360  -20.874 10.515  1.00 39.95  ? 522  GLY A O   1 
ATOM   832 N  N   . HIS A 1 115 ? 25.262  -21.482 8.344   1.00 34.63  ? 523  HIS A N   1 
ATOM   833 C  CA  . HIS A 1 115 ? 24.164  -20.569 8.034   1.00 34.59  ? 523  HIS A CA  1 
ATOM   834 C  C   . HIS A 1 115 ? 22.786  -21.215 8.138   1.00 36.90  ? 523  HIS A C   1 
ATOM   835 O  O   . HIS A 1 115 ? 21.810  -20.546 8.477   1.00 36.69  ? 523  HIS A O   1 
ATOM   836 C  CB  . HIS A 1 115 ? 24.338  -19.918 6.660   1.00 35.01  ? 523  HIS A CB  1 
ATOM   837 C  CG  . HIS A 1 115 ? 23.326  -18.851 6.381   1.00 38.75  ? 523  HIS A CG  1 
ATOM   838 N  ND1 . HIS A 1 115 ? 23.170  -17.751 7.197   1.00 40.73  ? 523  HIS A ND1 1 
ATOM   839 C  CD2 . HIS A 1 115 ? 22.415  -18.733 5.403   1.00 39.72  ? 523  HIS A CD2 1 
ATOM   840 C  CE1 . HIS A 1 115 ? 22.209  -16.996 6.729   1.00 39.75  ? 523  HIS A CE1 1 
ATOM   841 N  NE2 . HIS A 1 115 ? 21.733  -17.564 5.637   1.00 39.77  ? 523  HIS A NE2 1 
ATOM   842 N  N   . LEU A 1 116 ? 22.710  -22.504 7.828   1.00 32.80  ? 524  LEU A N   1 
ATOM   843 C  CA  . LEU A 1 116 ? 21.474  -23.263 7.982   1.00 32.07  ? 524  LEU A CA  1 
ATOM   844 C  C   . LEU A 1 116 ? 21.672  -24.405 8.976   1.00 34.99  ? 524  LEU A C   1 
ATOM   845 O  O   . LEU A 1 116 ? 20.735  -25.145 9.280   1.00 34.79  ? 524  LEU A O   1 
ATOM   846 C  CB  . LEU A 1 116 ? 20.989  -23.791 6.627   1.00 32.65  ? 524  LEU A CB  1 
ATOM   847 C  CG  . LEU A 1 116 ? 20.464  -22.770 5.610   1.00 36.46  ? 524  LEU A CG  1 
ATOM   848 C  CD1 . LEU A 1 116 ? 20.666  -23.275 4.192   1.00 36.84  ? 524  LEU A CD1 1 
ATOM   849 C  CD2 . LEU A 1 116 ? 19.008  -22.440 5.857   1.00 38.95  ? 524  LEU A CD2 1 
ATOM   850 N  N   . CYS A 1 117 ? 22.902  -24.520 9.484   1.00 30.79  ? 525  CYS A N   1 
ATOM   851 C  CA  . CYS A 1 117 ? 23.309  -25.567 10.432  1.00 30.49  ? 525  CYS A CA  1 
ATOM   852 C  C   . CYS A 1 117 ? 23.127  -26.976 9.859   1.00 34.56  ? 525  CYS A C   1 
ATOM   853 O  O   . CYS A 1 117 ? 22.743  -27.905 10.573  1.00 33.72  ? 525  CYS A O   1 
ATOM   854 C  CB  . CYS A 1 117 ? 22.576  -25.419 11.775  1.00 31.68  ? 525  CYS A CB  1 
ATOM   855 S  SG  . CYS A 1 117 ? 22.623  -23.762 12.499  1.00 34.26  ? 525  CYS A SG  1 
ATOM   856 N  N   . GLN A 1 118 ? 23.414  -27.122 8.567   1.00 30.52  ? 526  GLN A N   1 
ATOM   857 C  CA  . GLN A 1 118 ? 23.227  -28.392 7.868   1.00 30.05  ? 526  GLN A CA  1 
ATOM   858 C  C   . GLN A 1 118 ? 24.486  -29.259 7.865   1.00 35.65  ? 526  GLN A C   1 
ATOM   859 O  O   . GLN A 1 118 ? 24.401  -30.481 7.719   1.00 35.10  ? 526  GLN A O   1 
ATOM   860 C  CB  . GLN A 1 118 ? 22.719  -28.160 6.440   1.00 31.58  ? 526  GLN A CB  1 
ATOM   861 C  CG  . GLN A 1 118 ? 23.686  -27.430 5.518   1.00 39.60  ? 526  GLN A CG  1 
ATOM   862 C  CD  . GLN A 1 118 ? 23.109  -27.209 4.137   1.00 55.87  ? 526  GLN A CD  1 
ATOM   863 O  OE1 . GLN A 1 118 ? 22.301  -26.306 3.924   1.00 52.13  ? 526  GLN A OE1 1 
ATOM   864 N  NE2 . GLN A 1 118 ? 23.524  -28.037 3.185   1.00 45.55  ? 526  GLN A NE2 1 
ATOM   865 N  N   . VAL A 1 119 ? 25.645  -28.623 8.029   1.00 34.24  ? 527  VAL A N   1 
ATOM   866 C  CA  . VAL A 1 119 ? 26.921  -29.326 8.034   1.00 34.28  ? 527  VAL A CA  1 
ATOM   867 C  C   . VAL A 1 119 ? 27.123  -30.044 9.361   1.00 40.49  ? 527  VAL A C   1 
ATOM   868 O  O   . VAL A 1 119 ? 27.201  -29.413 10.417  1.00 39.84  ? 527  VAL A O   1 
ATOM   869 C  CB  . VAL A 1 119 ? 28.118  -28.379 7.738   1.00 37.72  ? 527  VAL A CB  1 
ATOM   870 C  CG1 . VAL A 1 119 ? 29.438  -29.121 7.833   1.00 37.30  ? 527  VAL A CG1 1 
ATOM   871 C  CG2 . VAL A 1 119 ? 27.978  -27.737 6.372   1.00 37.18  ? 527  VAL A CG2 1 
ATOM   872 N  N   . ASP A 1 120 ? 27.190  -31.369 9.288   1.00 38.90  ? 528  ASP A N   1 
ATOM   873 C  CA  . ASP A 1 120 ? 27.470  -32.198 10.453  1.00 39.39  ? 528  ASP A CA  1 
ATOM   874 C  C   . ASP A 1 120 ? 28.975  -32.420 10.568  1.00 45.44  ? 528  ASP A C   1 
ATOM   875 O  O   . ASP A 1 120 ? 29.600  -33.007 9.680   1.00 45.66  ? 528  ASP A O   1 
ATOM   876 C  CB  . ASP A 1 120 ? 26.725  -33.536 10.354  1.00 41.23  ? 528  ASP A CB  1 
ATOM   877 C  CG  . ASP A 1 120 ? 26.803  -34.356 11.637  1.00 50.68  ? 528  ASP A CG  1 
ATOM   878 O  OD1 . ASP A 1 120 ? 27.099  -33.790 12.713  1.00 51.34  ? 528  ASP A OD1 1 
ATOM   879 O  OD2 . ASP A 1 120 ? 26.559  -35.579 11.568  1.00 56.16  ? 528  ASP A OD2 1 
ATOM   880 N  N   . LEU A 1 121 ? 29.548  -31.937 11.667  1.00 43.97  ? 529  LEU A N   1 
ATOM   881 C  CA  . LEU A 1 121 ? 30.984  -32.047 11.916  1.00 44.70  ? 529  LEU A CA  1 
ATOM   882 C  C   . LEU A 1 121 ? 31.353  -33.389 12.557  1.00 50.45  ? 529  LEU A C   1 
ATOM   883 O  O   . LEU A 1 121 ? 32.536  -33.705 12.708  1.00 49.66  ? 529  LEU A O   1 
ATOM   884 C  CB  . LEU A 1 121 ? 31.466  -30.878 12.785  1.00 44.62  ? 529  LEU A CB  1 
ATOM   885 C  CG  . LEU A 1 121 ? 31.348  -29.463 12.204  1.00 49.49  ? 529  LEU A CG  1 
ATOM   886 C  CD1 . LEU A 1 121 ? 31.311  -28.423 13.313  1.00 49.39  ? 529  LEU A CD1 1 
ATOM   887 C  CD2 . LEU A 1 121 ? 32.470  -29.159 11.218  1.00 51.86  ? 529  LEU A CD2 1 
ATOM   888 N  N   . HIS A 1 122 ? 30.327  -34.163 12.920  1.00 50.08  ? 530  HIS A N   1 
ATOM   889 C  CA  . HIS A 1 122 ? 30.462  -35.484 13.557  1.00 55.70  ? 530  HIS A CA  1 
ATOM   890 C  C   . HIS A 1 122 ? 31.104  -35.421 14.949  1.00 71.08  ? 530  HIS A C   1 
ATOM   891 O  O   . HIS A 1 122 ? 32.311  -35.213 15.089  1.00 73.42  ? 530  HIS A O   1 
ATOM   892 C  CB  . HIS A 1 122 ? 31.191  -36.487 12.648  1.00 56.73  ? 530  HIS A CB  1 
ATOM   893 C  CG  . HIS A 1 122 ? 30.580  -36.626 11.287  1.00 60.67  ? 530  HIS A CG  1 
ATOM   894 N  ND1 . HIS A 1 122 ? 31.209  -36.188 10.141  1.00 62.60  ? 530  HIS A ND1 1 
ATOM   895 C  CD2 . HIS A 1 122 ? 29.397  -37.149 10.890  1.00 62.50  ? 530  HIS A CD2 1 
ATOM   896 C  CE1 . HIS A 1 122 ? 30.440  -36.438 9.096   1.00 61.87  ? 530  HIS A CE1 1 
ATOM   897 N  NE2 . HIS A 1 122 ? 29.334  -37.020 9.523   1.00 62.40  ? 530  HIS A NE2 1 
HETATM 898 CA CA  . CA  B 2 .   ? -5.564  9.415   -6.247  1.00 31.87  ? 1531 CA  A CA  1 
HETATM 899 CA CA  . CA  C 2 .   ? -29.786 24.318  -12.699 1.00 37.48  ? 1532 CA  A CA  1 
HETATM 900 CA CA  . CA  D 2 .   ? 13.249  -9.444  9.300   1.00 29.72  ? 1533 CA  A CA  1 
HETATM 901 CA CA  . CA  E 2 .   ? 20.831  -15.902 3.953   0.50 12.04  ? 1534 CA  A CA  1 
HETATM 902 NA NA  . NA  F 3 .   ? 23.918  -24.894 6.138   1.00 44.43  ? 1535 NA  A NA  1 
HETATM 903 NA NA  . NA  G 3 .   ? 2.731   -12.819 4.411   1.00 32.20  ? 1536 NA  A NA  1 
HETATM 904 CL CL  . CL  H 4 .   ? 26.317  -23.718 5.250   1.00 65.07  ? 1537 CL  A CL  1 
HETATM 905 CL CL  . CL  I 4 .   ? -0.380  -1.439  -0.202  1.00 54.63  ? 1538 CL  A CL  1 
HETATM 906 O  O   . HOH J 5 .   ? -7.121  9.458   1.532   1.00 26.80  ? 2001 HOH A O   1 
HETATM 907 O  O   . HOH J 5 .   ? -29.776 26.845  -12.841 1.00 60.05  ? 2002 HOH A O   1 
HETATM 908 O  O   . HOH J 5 .   ? -30.204 16.585  -16.533 1.00 40.22  ? 2003 HOH A O   1 
HETATM 909 O  O   . HOH J 5 .   ? -22.958 16.098  -22.978 1.00 19.24  ? 2004 HOH A O   1 
HETATM 910 O  O   . HOH J 5 .   ? -21.197 22.586  -7.983  1.00 17.36  ? 2005 HOH A O   1 
HETATM 911 O  O   . HOH J 5 .   ? -26.606 8.111   -8.570  1.00 36.86  ? 2006 HOH A O   1 
HETATM 912 O  O   . HOH J 5 .   ? -7.967  9.371   -6.265  1.00 40.08  ? 2007 HOH A O   1 
HETATM 913 O  O   . HOH J 5 .   ? -13.813 9.816   -2.733  1.00 31.41  ? 2008 HOH A O   1 
HETATM 914 O  O   . HOH J 5 .   ? -4.836  9.068   -8.535  1.00 33.45  ? 2009 HOH A O   1 
HETATM 915 O  O   . HOH J 5 .   ? -5.530  11.487  1.997   1.00 23.68  ? 2010 HOH A O   1 
HETATM 916 O  O   . HOH J 5 .   ? 3.812   7.034   1.809   1.00 45.81  ? 2011 HOH A O   1 
HETATM 917 O  O   . HOH J 5 .   ? 9.249   -0.848  3.106   1.00 34.07  ? 2012 HOH A O   1 
HETATM 918 O  O   . HOH J 5 .   ? -3.149  12.992  -6.812  1.00 193.58 ? 2013 HOH A O   1 
HETATM 919 O  O   . HOH J 5 .   ? 1.977   -3.518  0.009   1.00 18.19  ? 2014 HOH A O   1 
HETATM 920 O  O   . HOH J 5 .   ? 12.555  -8.566  7.055   1.00 56.58  ? 2015 HOH A O   1 
HETATM 921 O  O   . HOH J 5 .   ? -0.921  -5.688  6.460   1.00 25.82  ? 2016 HOH A O   1 
HETATM 922 O  O   . HOH J 5 .   ? -0.994  -2.409  7.261   1.00 32.83  ? 2017 HOH A O   1 
HETATM 923 O  O   . HOH J 5 .   ? 15.676  -19.705 18.559  1.00 33.04  ? 2018 HOH A O   1 
HETATM 924 O  O   . HOH J 5 .   ? 15.669  -6.957  12.737  1.00 32.80  ? 2019 HOH A O   1 
HETATM 925 O  O   . HOH J 5 .   ? 17.770  -6.995  1.360   1.00 28.62  ? 2020 HOH A O   1 
HETATM 926 O  O   . HOH J 5 .   ? 23.490  -17.797 10.266  1.00 46.03  ? 2021 HOH A O   1 
HETATM 927 O  O   . HOH J 5 .   ? 25.514  -16.800 13.376  1.00 28.80  ? 2022 HOH A O   1 
HETATM 928 O  O   . HOH J 5 .   ? 26.642  -21.240 14.683  1.00 34.75  ? 2023 HOH A O   1 
# 
